data_3VB9
#
_entry.id   3VB9
#
_cell.length_a   63.267
_cell.length_b   106.929
_cell.length_c   157.178
_cell.angle_alpha   90.00
_cell.angle_beta   94.80
_cell.angle_gamma   90.00
#
_symmetry.space_group_name_H-M   'P 1 21 1'
#
loop_
_entity.id
_entity.type
_entity.pdbx_description
1 polymer 'Uncharacterized protein VPA0735'
2 non-polymer 'MAGNESIUM ION'
3 water water
#
_entity_poly.entity_id   1
_entity_poly.type   'polypeptide(L)'
_entity_poly.pdbx_seq_one_letter_code
;(MSE)KKRILAVAVTS(MSE)LLSASVFAQETVVPSRVGDLKFESDFPTQET(MSE)KN(MSE)LNE(MSE)DFQRATQA
YLWGIPASSI(MSE)EWLNVSRNDFKFEEGQ(MSE)GFFNTLKQKQGIITANFTTPYVIGTWNLEKTGPLIINLPEAK
(MSE)AG(MSE)(MSE)LDVHQRVLSDLSLLGPDKGKGGKYLIVPPGEKYKDLNPKGYYVIRPKTNVVYGGIRILEPDVD
RVVKQVVPNITTQPYADGKLGRKIPVAQVPEIDWTHIPKDGLEYWKTIHQIIQENPVEERDRFV(MSE)AQLKFLGIEKG
KPFNPTEEQKKILLEASKVGRA(MSE)AQSNDYTKRFTQPYWKGTNWKDAISVSLDQRSENYDELDERAAWFYEAITVSR
G(MSE)KSTIPGFGQRYLVTYQDSDGNWLSGEHTYKLHVPANVPASNFWSTTVYDENNRL(MSE)IINDAGSPDISSRKN
LKVNSDGSIDVYYGPKPVKGYENNWVQTNPGEGWFTYFRFYGPTEK(MSE)FDKSWT(MSE)GDIELVK
;
_entity_poly.pdbx_strand_id   A,B,C,D
#
# COMPACT_ATOMS: atom_id res chain seq x y z
N GLU A 23 45.39 -36.05 0.71
CA GLU A 23 44.72 -35.47 1.91
C GLU A 23 45.18 -34.04 2.21
N THR A 24 44.21 -33.17 2.51
CA THR A 24 44.49 -31.77 2.82
C THR A 24 44.05 -31.52 4.24
N VAL A 25 44.72 -30.58 4.92
CA VAL A 25 44.40 -30.27 6.31
C VAL A 25 44.31 -28.77 6.55
N VAL A 26 43.18 -28.35 7.11
CA VAL A 26 42.94 -26.94 7.42
C VAL A 26 42.73 -26.77 8.92
N PRO A 27 43.62 -26.01 9.57
CA PRO A 27 43.46 -25.80 11.02
C PRO A 27 42.30 -24.87 11.32
N SER A 28 41.68 -25.06 12.49
CA SER A 28 40.55 -24.22 12.85
C SER A 28 40.42 -24.07 14.36
N ARG A 29 39.51 -23.20 14.76
CA ARG A 29 39.23 -22.90 16.16
C ARG A 29 38.66 -24.09 16.90
N VAL A 30 38.24 -25.11 16.17
CA VAL A 30 37.65 -26.29 16.79
C VAL A 30 38.48 -27.53 16.50
N GLY A 31 39.61 -27.33 15.83
CA GLY A 31 40.48 -28.45 15.49
C GLY A 31 40.86 -28.44 14.02
N ASP A 32 41.82 -29.29 13.65
CA ASP A 32 42.24 -29.36 12.26
C ASP A 32 41.19 -30.08 11.44
N LEU A 33 40.85 -29.53 10.28
CA LEU A 33 39.87 -30.14 9.40
C LEU A 33 40.64 -30.93 8.33
N LYS A 34 40.28 -32.19 8.13
CA LYS A 34 40.96 -33.01 7.13
C LYS A 34 40.04 -33.34 5.94
N PHE A 35 40.64 -33.41 4.76
CA PHE A 35 39.89 -33.69 3.53
C PHE A 35 40.59 -34.69 2.61
N GLU A 36 39.80 -35.52 1.95
CA GLU A 36 40.31 -36.52 1.01
C GLU A 36 39.68 -36.22 -0.34
N SER A 37 40.47 -35.70 -1.28
CA SER A 37 39.98 -35.35 -2.60
C SER A 37 38.83 -34.33 -2.50
N ASP A 38 39.01 -33.35 -1.62
CA ASP A 38 38.03 -32.28 -1.39
C ASP A 38 36.96 -32.70 -0.38
N PHE A 39 36.63 -33.99 -0.38
CA PHE A 39 35.64 -34.52 0.55
C PHE A 39 36.18 -34.52 1.97
N PRO A 40 35.35 -34.17 2.97
CA PRO A 40 35.88 -34.18 4.32
C PRO A 40 36.14 -35.64 4.69
N THR A 41 37.21 -35.90 5.44
CA THR A 41 37.53 -37.28 5.82
C THR A 41 36.42 -37.80 6.74
N GLN A 42 36.39 -39.12 6.97
CA GLN A 42 35.38 -39.71 7.83
C GLN A 42 35.48 -39.13 9.23
N GLU A 43 36.71 -39.06 9.72
CA GLU A 43 36.98 -38.53 11.06
C GLU A 43 36.49 -37.09 11.21
N THR A 44 36.82 -36.26 10.22
CA THR A 44 36.41 -34.85 10.22
C THR A 44 34.88 -34.73 10.28
N LYS A 46 32.72 -36.83 11.49
CA LYS A 46 32.24 -37.20 12.81
C LYS A 46 32.51 -36.05 13.78
N ASN A 47 33.73 -35.51 13.73
CA ASN A 47 34.09 -34.41 14.61
C ASN A 47 33.21 -33.20 14.37
N LEU A 49 30.01 -33.21 13.20
CA LEU A 49 28.67 -33.48 13.71
C LEU A 49 28.68 -33.37 15.23
N ASN A 50 29.78 -33.82 15.84
CA ASN A 50 29.91 -33.76 17.29
C ASN A 50 29.99 -32.31 17.78
N GLU A 51 30.81 -31.51 17.11
CA GLU A 51 30.97 -30.10 17.47
C GLU A 51 29.66 -29.39 17.18
N ASP A 53 26.59 -30.66 17.40
CA ASP A 53 25.63 -30.99 18.46
C ASP A 53 26.01 -30.26 19.74
N PHE A 54 27.32 -30.13 19.97
CA PHE A 54 27.81 -29.44 21.16
C PHE A 54 27.45 -27.96 21.11
N GLN A 55 27.70 -27.32 19.98
CA GLN A 55 27.40 -25.91 19.81
C GLN A 55 25.90 -25.68 19.96
N ARG A 56 25.11 -26.56 19.37
CA ARG A 56 23.66 -26.46 19.46
C ARG A 56 23.14 -26.60 20.88
N ALA A 57 23.61 -27.62 21.61
CA ALA A 57 23.18 -27.85 22.98
C ALA A 57 23.65 -26.70 23.89
N THR A 58 24.83 -26.18 23.59
CA THR A 58 25.37 -25.07 24.37
C THR A 58 24.47 -23.84 24.16
N GLN A 59 24.07 -23.59 22.92
CA GLN A 59 23.21 -22.43 22.66
C GLN A 59 21.78 -22.63 23.17
N ALA A 60 21.33 -23.89 23.21
CA ALA A 60 19.99 -24.21 23.71
C ALA A 60 19.94 -23.97 25.22
N TYR A 61 21.06 -24.24 25.88
CA TYR A 61 21.15 -24.03 27.31
C TYR A 61 20.73 -22.58 27.65
N LEU A 62 21.33 -21.63 26.95
CA LEU A 62 21.03 -20.22 27.15
C LEU A 62 19.57 -19.93 26.80
N TRP A 63 19.10 -20.59 25.77
CA TRP A 63 17.73 -20.43 25.30
C TRP A 63 16.73 -20.85 26.36
N GLY A 64 17.07 -21.92 27.07
CA GLY A 64 16.18 -22.46 28.09
C GLY A 64 16.27 -21.91 29.50
N ILE A 65 17.11 -20.91 29.73
CA ILE A 65 17.25 -20.36 31.07
C ILE A 65 15.92 -19.99 31.74
N PRO A 66 15.12 -19.13 31.11
CA PRO A 66 13.82 -18.72 31.67
C PRO A 66 12.89 -19.86 32.01
N ALA A 67 12.59 -20.70 31.04
CA ALA A 67 11.68 -21.83 31.23
C ALA A 67 12.16 -22.81 32.29
N SER A 68 13.47 -22.96 32.43
CA SER A 68 14.02 -23.85 33.45
C SER A 68 13.66 -23.35 34.84
N SER A 69 13.86 -22.06 35.09
CA SER A 69 13.54 -21.52 36.41
C SER A 69 12.10 -21.78 36.82
N ILE A 70 11.17 -21.67 35.88
CA ILE A 70 9.75 -21.91 36.19
C ILE A 70 9.39 -23.40 36.30
N GLU A 72 11.34 -25.83 37.11
CA GLU A 72 11.94 -26.33 38.34
C GLU A 72 11.08 -25.91 39.55
N TRP A 73 10.49 -24.72 39.48
CA TRP A 73 9.65 -24.26 40.59
C TRP A 73 8.39 -25.12 40.65
N LEU A 74 7.84 -25.44 39.47
CA LEU A 74 6.64 -26.26 39.40
C LEU A 74 6.95 -27.70 39.86
N ASN A 75 8.19 -28.17 39.66
CA ASN A 75 8.55 -29.51 40.11
C ASN A 75 8.64 -29.54 41.64
N VAL A 76 9.08 -28.43 42.22
CA VAL A 76 9.18 -28.31 43.67
C VAL A 76 7.77 -28.20 44.25
N SER A 77 6.92 -27.40 43.62
CA SER A 77 5.54 -27.24 44.09
C SER A 77 4.82 -28.59 44.10
N ARG A 78 4.99 -29.35 43.03
CA ARG A 78 4.36 -30.67 42.88
C ARG A 78 4.91 -31.80 43.75
N ASN A 79 6.23 -31.99 43.71
CA ASN A 79 6.89 -33.08 44.43
C ASN A 79 7.44 -32.79 45.82
N ASP A 80 7.92 -31.59 46.07
CA ASP A 80 8.46 -31.28 47.39
C ASP A 80 7.39 -30.67 48.30
N PHE A 81 6.76 -29.58 47.89
CA PHE A 81 5.72 -28.98 48.72
C PHE A 81 4.49 -29.87 48.60
N LYS A 82 4.34 -30.47 47.42
CA LYS A 82 3.20 -31.35 47.12
C LYS A 82 1.85 -30.64 47.16
N PHE A 83 1.81 -29.39 46.73
CA PHE A 83 0.56 -28.65 46.67
C PHE A 83 -0.21 -29.16 45.46
N GLU A 84 -1.51 -28.89 45.40
CA GLU A 84 -2.32 -29.31 44.27
C GLU A 84 -1.87 -28.63 42.99
N GLU A 85 -2.11 -29.27 41.85
CA GLU A 85 -1.75 -28.68 40.58
C GLU A 85 -2.72 -27.52 40.38
N GLY A 86 -2.21 -26.30 40.56
CA GLY A 86 -3.05 -25.12 40.41
C GLY A 86 -3.20 -24.35 41.71
N GLN A 87 -2.53 -24.83 42.76
CA GLN A 87 -2.59 -24.17 44.07
C GLN A 87 -1.47 -23.14 44.27
N GLY A 89 1.01 -20.60 46.68
CA GLY A 89 1.78 -20.79 47.89
C GLY A 89 2.12 -19.48 48.57
N PHE A 90 2.21 -19.49 49.89
CA PHE A 90 2.53 -18.28 50.67
C PHE A 90 3.98 -18.37 51.12
N PHE A 91 4.81 -17.44 50.65
CA PHE A 91 6.23 -17.42 51.00
C PHE A 91 6.53 -16.14 51.78
N ASN A 92 6.96 -16.27 53.04
CA ASN A 92 7.24 -15.08 53.85
C ASN A 92 8.46 -15.18 54.78
N THR A 93 8.64 -16.32 55.44
CA THR A 93 9.80 -16.47 56.33
C THR A 93 11.07 -16.61 55.50
N LEU A 94 12.21 -16.28 56.10
CA LEU A 94 13.49 -16.39 55.39
C LEU A 94 13.66 -17.79 54.80
N LYS A 95 13.22 -18.80 55.54
CA LYS A 95 13.32 -20.19 55.08
C LYS A 95 12.41 -20.44 53.89
N GLN A 96 11.25 -19.79 53.88
CA GLN A 96 10.31 -19.97 52.76
C GLN A 96 10.83 -19.34 51.48
N LYS A 97 11.41 -18.16 51.61
CA LYS A 97 11.95 -17.41 50.47
C LYS A 97 13.39 -17.75 50.08
N GLN A 98 14.13 -18.34 51.01
CA GLN A 98 15.53 -18.69 50.76
C GLN A 98 15.74 -19.34 49.39
N GLY A 99 14.83 -20.22 48.99
CA GLY A 99 14.96 -20.88 47.71
C GLY A 99 14.57 -20.08 46.48
N ILE A 100 14.12 -18.84 46.68
CA ILE A 100 13.71 -18.01 45.55
C ILE A 100 14.87 -17.14 45.03
N ILE A 101 15.16 -17.30 43.75
CA ILE A 101 16.23 -16.56 43.07
C ILE A 101 15.99 -15.05 43.26
N THR A 102 17.05 -14.32 43.67
CA THR A 102 17.01 -12.88 43.97
C THR A 102 15.69 -12.33 44.52
N ALA A 103 15.22 -12.96 45.60
CA ALA A 103 13.98 -12.55 46.26
C ALA A 103 14.27 -11.43 47.26
N ASN A 104 13.21 -10.78 47.75
CA ASN A 104 13.39 -9.73 48.75
C ASN A 104 12.94 -10.32 50.08
N PHE A 105 13.32 -9.69 51.19
CA PHE A 105 12.96 -10.17 52.52
C PHE A 105 12.09 -9.09 53.16
N THR A 106 11.26 -8.46 52.33
CA THR A 106 10.39 -7.38 52.78
C THR A 106 8.91 -7.65 52.54
N THR A 107 8.53 -7.91 51.30
CA THR A 107 7.13 -8.14 50.99
C THR A 107 6.69 -9.60 50.92
N PRO A 108 5.65 -9.98 51.69
CA PRO A 108 5.15 -11.35 51.69
C PRO A 108 4.78 -11.74 50.25
N TYR A 109 5.03 -12.99 49.89
CA TYR A 109 4.75 -13.49 48.54
C TYR A 109 3.59 -14.47 48.47
N VAL A 110 2.89 -14.47 47.35
CA VAL A 110 1.82 -15.41 47.07
C VAL A 110 2.08 -15.81 45.62
N ILE A 111 2.70 -16.98 45.45
CA ILE A 111 3.07 -17.47 44.11
C ILE A 111 2.67 -18.91 43.86
N GLY A 112 2.36 -19.20 42.60
CA GLY A 112 1.99 -20.54 42.22
C GLY A 112 2.23 -20.78 40.75
N THR A 113 2.51 -22.04 40.39
CA THR A 113 2.74 -22.41 39.00
C THR A 113 2.02 -23.71 38.73
N TRP A 114 1.46 -23.84 37.53
CA TRP A 114 0.74 -25.04 37.15
C TRP A 114 0.74 -25.24 35.65
N ASN A 115 0.25 -26.40 35.22
CA ASN A 115 0.16 -26.76 33.82
C ASN A 115 -1.33 -26.75 33.44
N LEU A 116 -1.72 -25.76 32.63
CA LEU A 116 -3.11 -25.59 32.19
C LEU A 116 -3.74 -26.82 31.56
N GLU A 117 -2.93 -27.58 30.84
CA GLU A 117 -3.44 -28.78 30.21
C GLU A 117 -3.92 -29.74 31.29
N LYS A 118 -3.25 -29.74 32.44
CA LYS A 118 -3.63 -30.63 33.53
C LYS A 118 -4.76 -30.10 34.39
N THR A 119 -4.78 -28.79 34.64
CA THR A 119 -5.83 -28.20 35.45
C THR A 119 -7.05 -27.80 34.62
N GLY A 120 -6.84 -27.55 33.34
CA GLY A 120 -7.93 -27.11 32.50
C GLY A 120 -8.09 -25.63 32.83
N PRO A 121 -9.11 -24.94 32.30
CA PRO A 121 -9.25 -23.52 32.66
C PRO A 121 -9.15 -23.32 34.17
N LEU A 122 -8.37 -22.33 34.59
CA LEU A 122 -8.19 -22.05 36.01
C LEU A 122 -8.40 -20.59 36.32
N ILE A 123 -9.28 -20.32 37.28
CA ILE A 123 -9.59 -18.96 37.67
C ILE A 123 -8.74 -18.52 38.85
N ILE A 124 -8.38 -17.24 38.84
CA ILE A 124 -7.61 -16.62 39.90
C ILE A 124 -8.59 -15.65 40.56
N ASN A 125 -9.00 -15.97 41.79
CA ASN A 125 -9.93 -15.13 42.55
C ASN A 125 -9.11 -14.12 43.36
N LEU A 126 -8.98 -12.91 42.81
CA LEU A 126 -8.21 -11.84 43.42
C LEU A 126 -9.09 -10.84 44.18
N PRO A 127 -8.80 -10.64 45.47
CA PRO A 127 -9.58 -9.69 46.28
C PRO A 127 -9.05 -8.28 46.06
N GLU A 128 -9.71 -7.32 46.68
CA GLU A 128 -9.31 -5.93 46.56
C GLU A 128 -8.14 -5.73 47.52
N ALA A 129 -7.03 -5.21 46.99
CA ALA A 129 -5.84 -5.00 47.82
C ALA A 129 -4.73 -4.28 47.06
N LYS A 130 -3.77 -3.72 47.80
CA LYS A 130 -2.66 -3.03 47.20
C LYS A 130 -1.55 -4.04 46.97
N ALA A 132 1.18 -6.06 43.87
CA ALA A 132 1.92 -5.96 42.62
C ALA A 132 2.18 -7.39 42.18
N GLY A 133 1.70 -7.76 41.01
CA GLY A 133 1.91 -9.12 40.55
C GLY A 133 1.77 -9.26 39.05
N LEU A 136 2.61 -14.97 34.02
CA LEU A 136 3.68 -15.29 33.09
C LEU A 136 3.49 -16.65 32.42
N ASP A 137 4.02 -16.80 31.20
CA ASP A 137 3.93 -18.10 30.54
C ASP A 137 5.26 -18.80 30.88
N VAL A 138 5.46 -20.02 30.40
CA VAL A 138 6.66 -20.76 30.78
C VAL A 138 7.99 -20.07 30.49
N HIS A 139 8.06 -19.32 29.40
CA HIS A 139 9.30 -18.63 29.04
C HIS A 139 9.38 -17.27 29.71
N GLN A 140 8.46 -17.04 30.65
CA GLN A 140 8.38 -15.80 31.42
C GLN A 140 8.02 -14.53 30.64
N ARG A 141 7.15 -14.68 29.64
CA ARG A 141 6.66 -13.53 28.91
C ARG A 141 5.48 -13.07 29.74
N VAL A 142 5.22 -11.77 29.78
CA VAL A 142 4.12 -11.24 30.57
C VAL A 142 2.78 -11.37 29.86
N LEU A 143 1.83 -12.02 30.51
CA LEU A 143 0.49 -12.21 29.94
C LEU A 143 -0.41 -11.09 30.46
N SER A 144 -0.09 -10.60 31.66
CA SER A 144 -0.86 -9.53 32.28
C SER A 144 -0.31 -9.21 33.65
N ASP A 145 -0.47 -7.97 34.06
CA ASP A 145 -0.06 -7.54 35.39
C ASP A 145 -1.26 -7.81 36.28
N LEU A 146 -1.05 -7.90 37.60
CA LEU A 146 -2.15 -8.17 38.52
C LEU A 146 -2.28 -7.11 39.62
N SER A 147 -3.52 -6.90 40.06
CA SER A 147 -3.82 -5.94 41.12
C SER A 147 -3.67 -4.50 40.65
N LEU A 148 -3.03 -3.67 41.47
CA LEU A 148 -2.85 -2.24 41.18
C LEU A 148 -2.58 -1.87 39.72
N LEU A 149 -1.46 -2.32 39.18
CA LEU A 149 -1.12 -2.00 37.79
C LEU A 149 -1.75 -2.98 36.81
N GLY A 150 -2.57 -3.87 37.32
CA GLY A 150 -3.24 -4.83 36.48
C GLY A 150 -4.63 -4.35 36.11
N PRO A 151 -5.40 -5.13 35.35
CA PRO A 151 -6.77 -4.80 34.91
C PRO A 151 -7.73 -4.49 36.07
N ASP A 152 -7.59 -5.18 37.20
CA ASP A 152 -8.47 -4.94 38.33
C ASP A 152 -8.10 -3.67 39.07
N LYS A 153 -6.91 -3.16 38.79
CA LYS A 153 -6.42 -1.93 39.41
C LYS A 153 -6.43 -1.94 40.93
N GLY A 154 -6.24 -3.12 41.52
CA GLY A 154 -6.22 -3.22 42.97
C GLY A 154 -7.62 -3.35 43.56
N LYS A 155 -8.62 -3.21 42.71
CA LYS A 155 -10.01 -3.30 43.14
C LYS A 155 -10.45 -4.75 43.29
N GLY A 156 -9.63 -5.67 42.79
CA GLY A 156 -9.97 -7.08 42.89
C GLY A 156 -10.69 -7.54 41.63
N GLY A 157 -10.76 -8.86 41.44
CA GLY A 157 -11.42 -9.38 40.26
C GLY A 157 -11.15 -10.86 40.04
N LYS A 158 -11.57 -11.36 38.89
CA LYS A 158 -11.38 -12.77 38.57
C LYS A 158 -10.73 -12.95 37.20
N TYR A 159 -9.57 -13.59 37.19
CA TYR A 159 -8.85 -13.85 35.96
C TYR A 159 -9.01 -15.32 35.58
N LEU A 160 -9.40 -15.54 34.33
CA LEU A 160 -9.60 -16.89 33.81
C LEU A 160 -8.46 -17.23 32.83
N ILE A 161 -7.52 -18.06 33.27
CA ILE A 161 -6.40 -18.47 32.43
C ILE A 161 -6.83 -19.68 31.61
N VAL A 162 -6.92 -19.49 30.30
CA VAL A 162 -7.35 -20.51 29.35
C VAL A 162 -6.20 -21.25 28.66
N PRO A 163 -6.33 -22.60 28.58
CA PRO A 163 -5.30 -23.42 27.92
C PRO A 163 -5.23 -23.10 26.43
N PRO A 164 -4.03 -23.22 25.82
CA PRO A 164 -3.79 -22.94 24.40
C PRO A 164 -4.49 -23.91 23.45
N GLY A 165 -4.91 -25.06 23.97
CA GLY A 165 -5.57 -26.04 23.14
C GLY A 165 -6.65 -25.40 22.28
N GLU A 166 -6.88 -25.95 21.09
CA GLU A 166 -7.90 -25.41 20.20
C GLU A 166 -9.29 -25.67 20.74
N LYS A 167 -9.40 -26.57 21.71
CA LYS A 167 -10.68 -26.92 22.31
C LYS A 167 -11.34 -25.72 22.97
N TYR A 168 -10.56 -24.96 23.73
CA TYR A 168 -11.09 -23.79 24.43
C TYR A 168 -10.81 -22.51 23.66
N LYS A 169 -10.50 -22.63 22.37
CA LYS A 169 -10.18 -21.46 21.55
C LYS A 169 -11.29 -20.41 21.50
N ASP A 170 -12.51 -20.80 21.86
CA ASP A 170 -13.64 -19.87 21.85
C ASP A 170 -14.14 -19.50 23.25
N LEU A 171 -13.57 -20.12 24.28
CA LEU A 171 -13.97 -19.84 25.65
C LEU A 171 -13.74 -18.37 25.96
N ASN A 172 -14.82 -17.64 26.23
CA ASN A 172 -14.73 -16.22 26.52
C ASN A 172 -15.92 -15.78 27.38
N PRO A 173 -16.08 -16.40 28.55
CA PRO A 173 -17.18 -16.07 29.46
C PRO A 173 -17.10 -14.64 29.95
N LYS A 174 -18.26 -14.01 30.12
CA LYS A 174 -18.33 -12.63 30.59
C LYS A 174 -18.06 -12.57 32.09
N GLY A 175 -17.54 -11.44 32.55
CA GLY A 175 -17.28 -11.29 33.97
C GLY A 175 -15.86 -11.61 34.42
N TYR A 176 -15.08 -12.22 33.55
CA TYR A 176 -13.70 -12.55 33.91
C TYR A 176 -12.71 -11.80 33.03
N TYR A 177 -11.46 -11.77 33.45
CA TYR A 177 -10.40 -11.17 32.67
C TYR A 177 -9.82 -12.41 31.99
N VAL A 178 -10.16 -12.62 30.72
CA VAL A 178 -9.69 -13.81 30.01
C VAL A 178 -8.26 -13.70 29.49
N ILE A 179 -7.37 -14.50 30.07
CA ILE A 179 -5.96 -14.52 29.69
C ILE A 179 -5.68 -15.71 28.76
N ARG A 180 -5.04 -15.44 27.63
CA ARG A 180 -4.74 -16.47 26.63
C ARG A 180 -3.26 -16.81 26.47
N PRO A 181 -2.70 -17.63 27.37
CA PRO A 181 -1.28 -17.97 27.21
C PRO A 181 -1.05 -18.77 25.94
N LYS A 182 0.19 -18.78 25.46
CA LYS A 182 0.56 -19.51 24.26
C LYS A 182 1.16 -20.88 24.62
N THR A 183 1.50 -21.05 25.90
CA THR A 183 2.09 -22.29 26.40
C THR A 183 1.17 -22.85 27.49
N ASN A 184 1.53 -24.01 28.05
CA ASN A 184 0.73 -24.64 29.10
C ASN A 184 1.17 -24.30 30.52
N VAL A 185 2.48 -24.32 30.77
CA VAL A 185 3.00 -24.02 32.09
C VAL A 185 3.05 -22.52 32.32
N VAL A 186 2.19 -22.04 33.22
CA VAL A 186 2.13 -20.62 33.53
C VAL A 186 2.51 -20.33 34.98
N TYR A 187 2.74 -19.05 35.26
CA TYR A 187 3.15 -18.64 36.60
C TYR A 187 2.32 -17.46 37.10
N GLY A 188 2.05 -17.46 38.40
CA GLY A 188 1.27 -16.40 39.01
C GLY A 188 1.96 -15.90 40.26
N GLY A 189 2.25 -14.61 40.32
CA GLY A 189 2.93 -14.06 41.48
C GLY A 189 2.28 -12.78 41.98
N ILE A 190 2.32 -12.60 43.29
CA ILE A 190 1.75 -11.42 43.94
C ILE A 190 2.58 -11.05 45.16
N ARG A 191 2.60 -9.75 45.48
CA ARG A 191 3.34 -9.27 46.65
C ARG A 191 2.45 -8.31 47.44
N ILE A 192 2.47 -8.45 48.77
CA ILE A 192 1.71 -7.58 49.66
C ILE A 192 2.60 -6.34 49.83
N LEU A 193 2.11 -5.18 49.43
CA LEU A 193 2.88 -3.94 49.52
C LEU A 193 2.73 -3.14 50.82
N GLU A 194 1.61 -3.32 51.52
CA GLU A 194 1.35 -2.60 52.76
C GLU A 194 2.40 -2.85 53.85
N PRO A 195 2.74 -1.80 54.62
CA PRO A 195 3.72 -1.86 55.71
C PRO A 195 3.23 -2.69 56.89
N ASP A 196 1.91 -2.79 57.03
CA ASP A 196 1.29 -3.56 58.12
C ASP A 196 1.14 -5.02 57.66
N VAL A 197 2.27 -5.67 57.41
CA VAL A 197 2.27 -7.05 56.94
C VAL A 197 1.45 -8.03 57.77
N ASP A 198 1.66 -8.03 59.08
CA ASP A 198 0.94 -8.93 59.98
C ASP A 198 -0.58 -8.79 59.83
N ARG A 199 -1.04 -7.55 59.70
CA ARG A 199 -2.47 -7.28 59.57
C ARG A 199 -3.03 -7.57 58.19
N VAL A 200 -2.43 -6.99 57.16
CA VAL A 200 -2.89 -7.18 55.79
C VAL A 200 -2.85 -8.65 55.34
N VAL A 201 -1.82 -9.37 55.77
CA VAL A 201 -1.70 -10.79 55.41
C VAL A 201 -2.98 -11.50 55.85
N LYS A 202 -3.31 -11.38 57.14
CA LYS A 202 -4.50 -12.01 57.70
C LYS A 202 -5.78 -11.65 56.94
N GLN A 203 -5.82 -10.46 56.36
CA GLN A 203 -6.99 -10.01 55.62
C GLN A 203 -7.02 -10.47 54.17
N VAL A 204 -5.91 -10.29 53.47
CA VAL A 204 -5.83 -10.62 52.04
C VAL A 204 -5.64 -12.07 51.60
N VAL A 205 -4.55 -12.70 52.03
CA VAL A 205 -4.27 -14.08 51.61
C VAL A 205 -5.44 -15.06 51.78
N PRO A 206 -6.24 -14.91 52.86
CA PRO A 206 -7.36 -15.86 53.01
C PRO A 206 -8.39 -15.67 51.90
N ASN A 207 -8.40 -14.49 51.27
CA ASN A 207 -9.35 -14.21 50.21
C ASN A 207 -8.76 -14.40 48.81
N ILE A 208 -7.62 -15.09 48.74
CA ILE A 208 -6.97 -15.38 47.46
C ILE A 208 -7.11 -16.88 47.21
N THR A 209 -7.68 -17.23 46.06
CA THR A 209 -7.85 -18.62 45.70
C THR A 209 -7.79 -18.81 44.18
N THR A 210 -7.58 -20.06 43.78
CA THR A 210 -7.58 -20.41 42.36
C THR A 210 -8.76 -21.37 42.28
N GLN A 211 -9.40 -21.45 41.12
CA GLN A 211 -10.56 -22.30 41.02
C GLN A 211 -10.81 -22.81 39.61
N PRO A 212 -10.98 -24.13 39.45
CA PRO A 212 -11.21 -24.74 38.14
C PRO A 212 -12.53 -24.29 37.52
N TYR A 213 -12.54 -24.15 36.20
CA TYR A 213 -13.73 -23.77 35.45
C TYR A 213 -13.84 -24.74 34.27
N ALA A 214 -14.87 -25.60 34.31
CA ALA A 214 -15.09 -26.58 33.25
C ALA A 214 -16.45 -26.42 32.60
N ASP A 215 -16.47 -25.83 31.42
CA ASP A 215 -17.70 -25.59 30.67
C ASP A 215 -18.80 -25.02 31.56
N GLY A 216 -18.62 -23.78 32.00
CA GLY A 216 -19.61 -23.12 32.82
C GLY A 216 -19.57 -23.38 34.31
N LYS A 217 -19.46 -24.64 34.73
CA LYS A 217 -19.44 -24.97 36.14
C LYS A 217 -18.10 -24.71 36.82
N LEU A 218 -18.16 -24.38 38.11
CA LEU A 218 -16.97 -24.08 38.88
C LEU A 218 -16.60 -25.23 39.79
N GLY A 219 -15.30 -25.47 39.93
CA GLY A 219 -14.84 -26.52 40.82
C GLY A 219 -14.75 -25.93 42.21
N ARG A 220 -14.17 -26.68 43.13
CA ARG A 220 -14.02 -26.20 44.51
C ARG A 220 -12.89 -25.16 44.51
N LYS A 221 -12.98 -24.16 45.38
CA LYS A 221 -11.92 -23.16 45.45
C LYS A 221 -10.68 -23.77 46.10
N ILE A 222 -9.51 -23.41 45.61
CA ILE A 222 -8.25 -23.91 46.14
C ILE A 222 -7.61 -22.79 46.94
N PRO A 223 -7.49 -22.95 48.27
CA PRO A 223 -6.87 -21.92 49.11
C PRO A 223 -5.35 -21.85 48.95
N VAL A 224 -4.76 -20.72 49.37
CA VAL A 224 -3.33 -20.57 49.28
C VAL A 224 -2.72 -21.40 50.42
N ALA A 225 -1.70 -22.20 50.10
CA ALA A 225 -1.07 -23.04 51.12
C ALA A 225 0.26 -22.46 51.58
N GLN A 226 0.53 -22.56 52.87
CA GLN A 226 1.78 -22.07 53.43
C GLN A 226 2.93 -22.98 52.99
N VAL A 227 4.05 -22.36 52.64
CA VAL A 227 5.21 -23.11 52.21
C VAL A 227 5.82 -23.90 53.37
N PRO A 228 5.94 -25.23 53.22
CA PRO A 228 6.50 -26.14 54.21
C PRO A 228 7.91 -25.72 54.64
N GLU A 229 8.26 -26.00 55.88
CA GLU A 229 9.58 -25.65 56.37
C GLU A 229 10.57 -26.70 55.89
N ILE A 230 11.19 -26.43 54.74
CA ILE A 230 12.17 -27.35 54.17
C ILE A 230 13.08 -26.68 53.14
N ASP A 231 14.25 -27.28 52.91
CA ASP A 231 15.23 -26.78 51.96
C ASP A 231 14.75 -27.04 50.54
N TRP A 232 14.79 -26.00 49.70
CA TRP A 232 14.37 -26.13 48.31
C TRP A 232 14.94 -24.97 47.51
N THR A 233 14.76 -25.00 46.20
CA THR A 233 15.21 -23.94 45.29
C THR A 233 14.73 -24.29 43.88
N HIS A 234 14.34 -23.28 43.11
CA HIS A 234 13.84 -23.52 41.76
C HIS A 234 14.87 -23.15 40.67
N ILE A 235 16.01 -22.66 41.11
CA ILE A 235 17.08 -22.28 40.20
C ILE A 235 17.37 -23.45 39.24
N PRO A 236 17.84 -23.15 38.02
CA PRO A 236 18.16 -24.20 37.04
C PRO A 236 19.21 -25.16 37.57
N LYS A 237 19.11 -26.42 37.18
CA LYS A 237 20.04 -27.45 37.62
C LYS A 237 21.28 -27.49 36.72
N ASP A 238 22.20 -28.39 37.02
CA ASP A 238 23.42 -28.53 36.24
C ASP A 238 23.51 -29.87 35.53
N GLY A 239 24.62 -30.10 34.83
CA GLY A 239 24.83 -31.34 34.11
C GLY A 239 23.63 -31.84 33.33
N LEU A 240 23.30 -33.13 33.50
CA LEU A 240 22.15 -33.72 32.81
C LEU A 240 20.80 -33.39 33.44
N GLU A 241 20.81 -32.94 34.69
CA GLU A 241 19.58 -32.57 35.39
C GLU A 241 18.92 -31.40 34.66
N TYR A 242 19.73 -30.51 34.12
CA TYR A 242 19.21 -29.36 33.40
C TYR A 242 18.54 -29.83 32.10
N TRP A 243 19.18 -30.77 31.42
CA TRP A 243 18.64 -31.31 30.17
C TRP A 243 17.38 -32.13 30.35
N LYS A 244 17.27 -32.82 31.48
CA LYS A 244 16.08 -33.60 31.76
C LYS A 244 14.90 -32.65 31.92
N THR A 245 15.17 -31.49 32.52
CA THR A 245 14.12 -30.49 32.74
C THR A 245 13.77 -29.80 31.43
N ILE A 246 14.77 -29.54 30.60
CA ILE A 246 14.49 -28.91 29.31
C ILE A 246 13.58 -29.85 28.54
N HIS A 247 13.89 -31.13 28.60
CA HIS A 247 13.07 -32.14 27.92
C HIS A 247 11.64 -32.08 28.47
N GLN A 248 11.52 -31.97 29.79
CA GLN A 248 10.19 -31.90 30.44
C GLN A 248 9.38 -30.70 29.96
N ILE A 249 10.03 -29.55 29.83
CA ILE A 249 9.38 -28.33 29.36
C ILE A 249 8.81 -28.60 27.96
N ILE A 250 9.58 -29.31 27.14
CA ILE A 250 9.16 -29.65 25.78
C ILE A 250 7.90 -30.50 25.81
N GLN A 251 7.91 -31.54 26.64
CA GLN A 251 6.77 -32.45 26.74
C GLN A 251 5.51 -31.76 27.27
N GLU A 252 5.68 -30.93 28.29
CA GLU A 252 4.53 -30.27 28.91
C GLU A 252 3.92 -29.07 28.18
N ASN A 253 4.59 -28.61 27.12
CA ASN A 253 4.09 -27.47 26.35
C ASN A 253 4.06 -27.76 24.87
N PRO A 254 3.19 -27.05 24.13
CA PRO A 254 3.13 -27.29 22.68
C PRO A 254 4.38 -26.61 22.10
N VAL A 255 4.64 -26.84 20.82
CA VAL A 255 5.80 -26.26 20.15
C VAL A 255 5.43 -24.92 19.51
N GLU A 256 6.15 -23.85 19.85
CA GLU A 256 5.85 -22.55 19.26
C GLU A 256 6.78 -22.24 18.09
N GLU A 257 6.23 -21.54 17.09
CA GLU A 257 6.96 -21.15 15.88
C GLU A 257 8.38 -20.64 16.12
N ARG A 258 8.54 -19.67 17.02
CA ARG A 258 9.85 -19.11 17.30
C ARG A 258 10.88 -20.12 17.81
N ASP A 259 10.42 -21.26 18.31
CA ASP A 259 11.32 -22.28 18.86
C ASP A 259 11.52 -23.51 17.96
N ARG A 260 10.95 -23.49 16.77
CA ARG A 260 11.02 -24.62 15.84
C ARG A 260 12.42 -25.06 15.44
N PHE A 261 13.37 -24.13 15.34
CA PHE A 261 14.74 -24.49 14.99
C PHE A 261 15.52 -25.01 16.20
N VAL A 262 15.17 -24.53 17.39
CA VAL A 262 15.83 -25.01 18.60
C VAL A 262 15.50 -26.48 18.74
N ALA A 264 14.74 -28.50 16.28
CA ALA A 264 15.46 -29.21 15.24
C ALA A 264 16.89 -29.49 15.71
N GLN A 265 17.51 -28.51 16.37
CA GLN A 265 18.88 -28.64 16.87
C GLN A 265 19.05 -29.58 18.05
N LEU A 266 17.98 -29.81 18.80
CA LEU A 266 18.01 -30.68 19.98
C LEU A 266 17.72 -32.14 19.62
N LYS A 267 17.05 -32.35 18.50
CA LYS A 267 16.68 -33.68 18.04
C LYS A 267 17.78 -34.73 18.21
N PHE A 268 18.89 -34.55 17.49
CA PHE A 268 19.98 -35.52 17.57
C PHE A 268 20.76 -35.59 18.88
N LEU A 269 20.30 -34.86 19.89
CA LEU A 269 20.94 -34.88 21.19
C LEU A 269 20.10 -35.75 22.11
N GLY A 270 19.02 -36.30 21.54
CA GLY A 270 18.12 -37.17 22.29
C GLY A 270 16.93 -36.49 22.92
N ILE A 271 16.61 -35.29 22.44
CA ILE A 271 15.51 -34.52 22.99
C ILE A 271 14.49 -34.22 21.93
N GLU A 272 13.34 -34.87 22.04
CA GLU A 272 12.24 -34.67 21.11
C GLU A 272 10.93 -34.72 21.86
N LYS A 273 9.93 -34.00 21.37
CA LYS A 273 8.64 -33.99 22.01
C LYS A 273 7.95 -35.30 21.65
N GLY A 274 7.26 -35.90 22.62
CA GLY A 274 6.57 -37.14 22.38
C GLY A 274 7.44 -38.38 22.57
N LYS A 275 8.72 -38.18 22.87
CA LYS A 275 9.63 -39.31 23.07
C LYS A 275 10.33 -39.19 24.43
N PRO A 276 10.66 -40.32 25.05
CA PRO A 276 11.32 -40.21 26.36
C PRO A 276 12.76 -39.71 26.23
N PHE A 277 13.34 -39.32 27.36
CA PHE A 277 14.70 -38.81 27.41
C PHE A 277 15.62 -39.92 27.92
N ASN A 278 16.29 -40.60 26.99
CA ASN A 278 17.19 -41.69 27.34
C ASN A 278 18.45 -41.55 26.50
N PRO A 279 19.28 -40.54 26.83
CA PRO A 279 20.55 -40.22 26.15
C PRO A 279 21.56 -41.33 26.02
N THR A 280 22.26 -41.36 24.89
CA THR A 280 23.29 -42.35 24.68
C THR A 280 24.56 -41.86 25.38
N GLU A 281 25.49 -42.76 25.61
CA GLU A 281 26.73 -42.39 26.27
C GLU A 281 27.32 -41.17 25.57
N GLU A 282 27.28 -41.18 24.24
CA GLU A 282 27.84 -40.08 23.48
C GLU A 282 27.06 -38.79 23.66
N GLN A 283 25.74 -38.87 23.64
CA GLN A 283 24.93 -37.68 23.81
C GLN A 283 25.16 -37.03 25.17
N LYS A 284 25.24 -37.87 26.22
CA LYS A 284 25.46 -37.34 27.56
C LYS A 284 26.75 -36.56 27.69
N LYS A 285 27.80 -37.03 27.02
CA LYS A 285 29.10 -36.36 27.06
C LYS A 285 29.01 -34.95 26.48
N ILE A 286 28.19 -34.82 25.45
CA ILE A 286 28.02 -33.54 24.81
C ILE A 286 27.19 -32.65 25.72
N LEU A 287 26.08 -33.18 26.23
CA LEU A 287 25.20 -32.41 27.10
C LEU A 287 25.90 -31.90 28.37
N LEU A 288 26.75 -32.72 28.97
CA LEU A 288 27.48 -32.31 30.18
C LEU A 288 28.37 -31.10 29.89
N GLU A 289 29.12 -31.17 28.79
CA GLU A 289 29.98 -30.07 28.40
C GLU A 289 29.15 -28.84 28.06
N ALA A 290 28.03 -29.04 27.37
CA ALA A 290 27.15 -27.92 27.00
C ALA A 290 26.63 -27.20 28.24
N SER A 291 26.32 -27.98 29.27
CA SER A 291 25.81 -27.42 30.52
C SER A 291 26.90 -26.60 31.20
N LYS A 292 28.14 -27.08 31.13
CA LYS A 292 29.30 -26.42 31.74
C LYS A 292 29.67 -25.14 30.99
N VAL A 293 29.77 -25.24 29.67
CA VAL A 293 30.13 -24.08 28.88
C VAL A 293 28.92 -23.13 28.80
N GLY A 294 27.72 -23.69 28.74
CA GLY A 294 26.52 -22.87 28.70
C GLY A 294 26.38 -22.00 29.94
N ARG A 295 26.67 -22.56 31.11
CA ARG A 295 26.55 -21.79 32.34
C ARG A 295 27.56 -20.64 32.38
N ALA A 296 28.81 -20.91 32.03
CA ALA A 296 29.84 -19.88 32.02
C ALA A 296 29.46 -18.76 31.06
N ALA A 298 26.38 -18.02 30.39
CA ALA A 298 25.24 -17.40 31.05
C ALA A 298 25.78 -16.32 31.99
N GLN A 299 26.77 -16.68 32.79
CA GLN A 299 27.37 -15.73 33.71
C GLN A 299 27.93 -14.53 32.98
N SER A 300 28.71 -14.82 31.93
CA SER A 300 29.35 -13.77 31.13
C SER A 300 28.36 -12.80 30.48
N ASN A 301 27.33 -13.36 29.87
CA ASN A 301 26.30 -12.57 29.21
C ASN A 301 25.62 -11.66 30.22
N ASP A 302 25.29 -12.24 31.37
CA ASP A 302 24.62 -11.52 32.45
C ASP A 302 25.45 -10.39 33.07
N TYR A 303 26.64 -10.73 33.58
CA TYR A 303 27.50 -9.76 34.25
C TYR A 303 28.12 -8.71 33.33
N THR A 304 28.26 -9.04 32.05
CA THR A 304 28.83 -8.08 31.09
C THR A 304 27.72 -7.14 30.62
N LYS A 305 26.54 -7.70 30.34
CA LYS A 305 25.38 -6.92 29.88
C LYS A 305 25.73 -5.97 28.74
N ARG A 306 26.43 -6.48 27.73
CA ARG A 306 26.83 -5.67 26.60
C ARG A 306 25.65 -5.05 25.84
N PHE A 307 24.44 -5.48 26.13
CA PHE A 307 23.26 -4.94 25.46
C PHE A 307 22.70 -3.68 26.14
N THR A 308 23.23 -3.34 27.31
CA THR A 308 22.80 -2.14 28.01
C THR A 308 24.01 -1.34 28.44
N GLN A 309 23.80 -0.39 29.34
CA GLN A 309 24.88 0.44 29.83
C GLN A 309 24.58 0.88 31.25
N PRO A 310 25.57 1.51 31.92
CA PRO A 310 25.37 1.96 33.29
C PRO A 310 24.14 2.86 33.41
N TYR A 311 23.41 2.72 34.52
CA TYR A 311 22.23 3.54 34.75
C TYR A 311 22.68 4.94 35.11
N TRP A 312 23.74 5.02 35.92
CA TRP A 312 24.31 6.29 36.32
C TRP A 312 25.73 6.32 35.79
N LYS A 313 26.03 7.31 34.96
CA LYS A 313 27.37 7.44 34.37
C LYS A 313 28.46 7.34 35.45
N GLY A 314 29.57 6.70 35.11
CA GLY A 314 30.65 6.58 36.06
C GLY A 314 30.38 5.65 37.23
N THR A 315 29.47 4.70 37.06
CA THR A 315 29.16 3.73 38.12
C THR A 315 28.90 2.39 37.47
N ASN A 316 28.95 1.32 38.25
CA ASN A 316 28.69 -0.02 37.75
C ASN A 316 27.21 -0.38 37.85
N TRP A 317 26.42 0.49 38.45
CA TRP A 317 24.98 0.23 38.59
C TRP A 317 24.29 0.21 37.23
N LYS A 318 23.42 -0.78 37.02
CA LYS A 318 22.66 -0.89 35.77
C LYS A 318 21.25 -1.34 36.08
N ASP A 319 20.28 -0.91 35.29
CA ASP A 319 18.90 -1.35 35.49
C ASP A 319 18.96 -2.84 35.13
N ALA A 320 18.64 -3.70 36.10
CA ALA A 320 18.69 -5.14 35.87
C ALA A 320 17.76 -5.71 34.82
N ILE A 321 16.71 -4.99 34.47
CA ILE A 321 15.76 -5.51 33.49
C ILE A 321 15.85 -4.82 32.13
N SER A 322 16.25 -5.59 31.12
CA SER A 322 16.34 -5.06 29.75
C SER A 322 15.35 -5.75 28.85
N VAL A 323 14.95 -6.96 29.23
CA VAL A 323 14.01 -7.71 28.42
C VAL A 323 12.64 -7.01 28.34
N SER A 324 11.97 -7.21 27.20
CA SER A 324 10.64 -6.66 26.97
C SER A 324 9.62 -7.64 27.53
N LEU A 325 8.44 -7.13 27.88
CA LEU A 325 7.40 -7.96 28.45
C LEU A 325 7.09 -9.20 27.58
N ASP A 326 7.09 -9.02 26.27
CA ASP A 326 6.81 -10.13 25.35
C ASP A 326 8.08 -10.62 24.65
N GLN A 327 9.23 -10.20 25.14
CA GLN A 327 10.53 -10.60 24.58
C GLN A 327 10.73 -10.23 23.11
N ARG A 328 9.87 -9.36 22.59
CA ARG A 328 9.99 -8.96 21.20
C ARG A 328 10.63 -7.59 21.00
N SER A 329 11.75 -7.58 20.30
CA SER A 329 12.41 -6.34 19.97
C SER A 329 11.96 -6.11 18.54
N GLU A 330 12.40 -5.02 17.93
CA GLU A 330 12.03 -4.70 16.56
C GLU A 330 12.21 -5.87 15.57
N ASN A 331 13.44 -6.32 15.39
CA ASN A 331 13.73 -7.39 14.42
C ASN A 331 14.23 -8.71 14.97
N TYR A 332 14.07 -8.95 16.27
CA TYR A 332 14.50 -10.21 16.88
C TYR A 332 13.84 -10.38 18.24
N ASP A 333 13.88 -11.60 18.76
CA ASP A 333 13.32 -11.89 20.08
C ASP A 333 14.52 -11.87 21.03
N GLU A 334 14.33 -11.21 22.17
CA GLU A 334 15.37 -11.02 23.18
C GLU A 334 16.01 -12.24 23.85
N LEU A 335 16.68 -13.06 23.07
CA LEU A 335 17.34 -14.25 23.58
C LEU A 335 18.38 -13.91 24.67
N ASP A 336 19.20 -12.88 24.44
CA ASP A 336 20.24 -12.49 25.38
C ASP A 336 19.77 -11.72 26.59
N GLU A 337 18.80 -10.82 26.39
CA GLU A 337 18.27 -10.00 27.48
C GLU A 337 17.48 -10.89 28.43
N ARG A 338 16.91 -11.93 27.85
CA ARG A 338 16.10 -12.93 28.54
C ARG A 338 17.03 -13.77 29.43
N ALA A 339 18.04 -14.36 28.81
CA ALA A 339 19.00 -15.20 29.51
C ALA A 339 19.78 -14.47 30.60
N ALA A 340 20.02 -13.19 30.40
CA ALA A 340 20.75 -12.40 31.39
C ALA A 340 19.93 -12.19 32.64
N TRP A 341 18.79 -11.53 32.51
CA TRP A 341 18.00 -11.30 33.70
C TRP A 341 17.37 -12.52 34.35
N PHE A 342 16.97 -13.52 33.57
CA PHE A 342 16.35 -14.70 34.16
C PHE A 342 17.36 -15.72 34.69
N TYR A 343 18.64 -15.45 34.45
CA TYR A 343 19.68 -16.33 34.98
C TYR A 343 19.86 -15.91 36.43
N GLU A 344 19.59 -14.65 36.70
CA GLU A 344 19.73 -14.12 38.05
C GLU A 344 18.43 -13.64 38.69
N ALA A 345 17.31 -13.80 37.99
CA ALA A 345 16.04 -13.36 38.57
C ALA A 345 14.85 -14.10 37.98
N ILE A 346 13.69 -13.90 38.59
CA ILE A 346 12.47 -14.54 38.12
C ILE A 346 11.32 -13.52 38.05
N THR A 347 10.48 -13.69 37.02
CA THR A 347 9.29 -12.85 36.75
C THR A 347 9.57 -11.49 36.12
N VAL A 348 8.59 -10.96 35.37
CA VAL A 348 8.67 -9.64 34.76
C VAL A 348 7.25 -9.11 34.69
N SER A 349 7.11 -7.80 34.51
CA SER A 349 5.79 -7.18 34.42
C SER A 349 5.96 -5.71 34.04
N ARG A 350 4.86 -5.07 33.67
CA ARG A 350 4.90 -3.65 33.32
C ARG A 350 5.50 -2.96 34.55
N GLY A 351 5.07 -3.40 35.72
CA GLY A 351 5.62 -2.85 36.95
C GLY A 351 6.99 -2.95 37.62
N LYS A 353 9.29 -2.39 35.72
CA LYS A 353 9.90 -1.56 34.69
C LYS A 353 9.11 -0.25 34.65
N SER A 354 8.40 0.01 35.74
CA SER A 354 7.56 1.19 35.88
C SER A 354 8.21 2.55 35.67
N THR A 355 7.45 3.43 35.01
CA THR A 355 7.89 4.80 34.76
C THR A 355 6.82 5.67 35.41
N ILE A 356 5.85 5.01 36.04
CA ILE A 356 4.75 5.68 36.72
C ILE A 356 5.18 6.02 38.14
N PRO A 357 5.28 7.32 38.46
CA PRO A 357 5.69 7.76 39.80
C PRO A 357 4.84 7.22 40.93
N GLY A 358 5.51 6.70 41.96
CA GLY A 358 4.82 6.16 43.11
C GLY A 358 4.26 4.76 42.90
N PHE A 359 4.36 4.24 41.69
CA PHE A 359 3.84 2.91 41.36
C PHE A 359 4.92 1.96 40.83
N GLY A 360 4.65 0.66 40.93
CA GLY A 360 5.59 -0.33 40.44
C GLY A 360 6.90 -0.37 41.23
N GLN A 361 7.92 -0.92 40.60
CA GLN A 361 9.24 -1.04 41.23
C GLN A 361 10.32 -0.91 40.17
N ARG A 362 11.55 -0.68 40.63
CA ARG A 362 12.69 -0.58 39.72
C ARG A 362 13.88 -1.25 40.40
N TYR A 363 14.68 -1.96 39.63
CA TYR A 363 15.81 -2.70 40.20
C TYR A 363 17.16 -2.37 39.58
N LEU A 364 18.12 -2.01 40.43
CA LEU A 364 19.47 -1.68 39.97
C LEU A 364 20.46 -2.72 40.51
N VAL A 365 21.39 -3.16 39.68
CA VAL A 365 22.34 -4.17 40.14
C VAL A 365 23.81 -3.81 39.94
N THR A 366 24.64 -4.37 40.80
CA THR A 366 26.08 -4.15 40.71
C THR A 366 26.76 -5.40 41.23
N TYR A 367 27.86 -5.78 40.58
CA TYR A 367 28.61 -6.97 40.94
C TYR A 367 30.05 -6.56 41.26
N GLN A 368 30.36 -5.29 41.05
CA GLN A 368 31.73 -4.81 41.26
C GLN A 368 31.83 -3.56 42.12
N ASP A 369 33.00 -3.34 42.72
CA ASP A 369 33.22 -2.16 43.54
C ASP A 369 33.61 -1.01 42.62
N SER A 370 33.91 0.14 43.19
CA SER A 370 34.29 1.31 42.39
C SER A 370 35.59 1.07 41.63
N ASP A 371 36.38 0.08 42.06
CA ASP A 371 37.63 -0.23 41.38
C ASP A 371 37.41 -1.19 40.23
N GLY A 372 36.18 -1.65 40.07
CA GLY A 372 35.87 -2.57 39.00
C GLY A 372 36.06 -4.02 39.39
N ASN A 373 36.55 -4.25 40.59
CA ASN A 373 36.77 -5.62 41.05
C ASN A 373 35.50 -6.28 41.59
N TRP A 374 35.39 -7.58 41.32
CA TRP A 374 34.25 -8.39 41.75
C TRP A 374 34.05 -8.25 43.25
N LEU A 375 32.80 -8.09 43.67
CA LEU A 375 32.50 -7.99 45.09
C LEU A 375 32.75 -9.36 45.71
N SER A 376 33.64 -9.42 46.68
CA SER A 376 33.96 -10.69 47.33
C SER A 376 33.77 -10.59 48.83
N GLY A 377 33.15 -11.62 49.41
CA GLY A 377 32.85 -11.65 50.83
C GLY A 377 33.94 -11.49 51.88
N GLU A 378 35.20 -11.71 51.51
CA GLU A 378 36.27 -11.58 52.50
C GLU A 378 36.59 -10.13 52.84
N HIS A 379 36.22 -9.21 51.96
CA HIS A 379 36.49 -7.79 52.20
C HIS A 379 35.29 -7.04 52.79
N THR A 380 35.54 -5.80 53.19
CA THR A 380 34.50 -4.95 53.77
C THR A 380 34.22 -3.80 52.80
N TYR A 381 32.95 -3.53 52.54
CA TYR A 381 32.57 -2.48 51.61
C TYR A 381 31.55 -1.53 52.21
N LYS A 382 31.34 -0.40 51.53
CA LYS A 382 30.37 0.58 52.00
C LYS A 382 29.63 1.27 50.87
N LEU A 383 28.30 1.34 51.01
CA LEU A 383 27.47 2.00 50.03
C LEU A 383 26.82 3.21 50.67
N HIS A 384 27.08 4.39 50.12
CA HIS A 384 26.51 5.62 50.65
C HIS A 384 25.19 5.96 49.96
N VAL A 385 24.08 5.68 50.64
CA VAL A 385 22.77 5.98 50.06
C VAL A 385 22.39 7.41 50.41
N PRO A 386 22.30 8.29 49.40
CA PRO A 386 21.94 9.69 49.61
C PRO A 386 20.60 9.88 50.30
N ALA A 387 20.38 11.08 50.83
CA ALA A 387 19.13 11.39 51.50
C ALA A 387 18.02 11.47 50.44
N ASN A 388 16.78 11.37 50.87
CA ASN A 388 15.63 11.44 49.96
C ASN A 388 15.62 10.38 48.85
N VAL A 389 15.69 9.10 49.22
CA VAL A 389 15.66 8.03 48.23
C VAL A 389 14.33 8.10 47.47
N PRO A 390 14.39 8.19 46.13
CA PRO A 390 13.22 8.28 45.24
C PRO A 390 12.26 7.09 45.27
N ALA A 391 11.66 6.80 46.42
CA ALA A 391 10.72 5.70 46.54
C ALA A 391 9.62 6.06 47.54
N SER A 392 8.37 5.96 47.10
CA SER A 392 7.24 6.29 47.97
C SER A 392 6.88 5.20 48.97
N ASN A 393 7.30 3.97 48.73
CA ASN A 393 7.00 2.87 49.65
C ASN A 393 8.24 2.55 50.48
N PHE A 394 9.28 2.05 49.82
CA PHE A 394 10.52 1.73 50.52
C PHE A 394 11.66 1.40 49.56
N TRP A 395 12.87 1.29 50.10
CA TRP A 395 14.04 0.94 49.31
C TRP A 395 14.80 -0.11 50.12
N SER A 396 15.71 -0.82 49.46
CA SER A 396 16.50 -1.83 50.14
C SER A 396 17.71 -2.25 49.34
N THR A 397 18.65 -2.87 50.04
CA THR A 397 19.85 -3.40 49.41
C THR A 397 19.90 -4.84 49.89
N THR A 398 19.81 -5.77 48.95
CA THR A 398 19.82 -7.18 49.29
C THR A 398 21.07 -7.85 48.72
N VAL A 399 21.74 -8.66 49.53
CA VAL A 399 22.95 -9.36 49.11
C VAL A 399 22.68 -10.79 48.67
N TYR A 400 23.09 -11.11 47.45
CA TYR A 400 22.88 -12.45 46.90
C TYR A 400 24.23 -13.09 46.60
N ASP A 401 24.33 -14.41 46.72
CA ASP A 401 25.58 -15.08 46.42
C ASP A 401 25.66 -15.31 44.91
N GLU A 402 26.86 -15.14 44.34
CA GLU A 402 27.04 -15.31 42.91
C GLU A 402 26.74 -16.70 42.38
N ASN A 403 27.08 -17.74 43.13
CA ASN A 403 26.85 -19.10 42.64
C ASN A 403 25.38 -19.47 42.41
N ASN A 404 24.56 -19.41 43.47
CA ASN A 404 23.15 -19.76 43.33
C ASN A 404 22.23 -18.56 43.13
N ARG A 405 22.77 -17.36 43.30
CA ARG A 405 22.01 -16.11 43.16
C ARG A 405 20.78 -16.12 44.06
N LEU A 406 20.98 -16.58 45.29
CA LEU A 406 19.94 -16.63 46.30
C LEU A 406 20.37 -15.68 47.41
N ILE A 408 21.96 -14.15 50.39
CA ILE A 408 23.19 -14.56 51.07
C ILE A 408 22.86 -15.24 52.40
N ILE A 409 23.50 -16.38 52.64
CA ILE A 409 23.27 -17.11 53.89
C ILE A 409 24.40 -16.77 54.86
N ASN A 410 24.08 -16.01 55.90
CA ASN A 410 25.08 -15.62 56.90
C ASN A 410 24.66 -16.09 58.30
N ASP A 411 25.58 -15.99 59.26
CA ASP A 411 25.28 -16.41 60.62
C ASP A 411 24.23 -15.51 61.25
N ALA A 412 24.19 -14.26 60.79
CA ALA A 412 23.24 -13.27 61.30
C ALA A 412 21.81 -13.50 60.82
N GLY A 413 21.65 -14.30 59.77
CA GLY A 413 20.32 -14.56 59.26
C GLY A 413 19.67 -13.29 58.71
N SER A 414 20.50 -12.38 58.24
CA SER A 414 20.03 -11.12 57.68
C SER A 414 20.76 -10.85 56.37
N PRO A 415 20.08 -11.07 55.23
CA PRO A 415 20.72 -10.83 53.94
C PRO A 415 20.57 -9.43 53.38
N ASP A 416 19.95 -8.52 54.13
CA ASP A 416 19.76 -7.17 53.58
C ASP A 416 19.66 -6.02 54.57
N ILE A 417 19.34 -4.86 54.02
CA ILE A 417 19.13 -3.63 54.76
C ILE A 417 18.07 -2.85 53.99
N SER A 418 16.93 -2.61 54.64
CA SER A 418 15.83 -1.90 54.02
C SER A 418 15.50 -0.69 54.89
N SER A 419 14.78 0.26 54.31
CA SER A 419 14.37 1.47 55.02
C SER A 419 13.24 1.18 56.00
N ARG A 420 12.68 -0.02 55.89
CA ARG A 420 11.61 -0.44 56.78
C ARG A 420 12.24 -0.81 58.12
N LYS A 421 13.51 -1.20 58.08
CA LYS A 421 14.22 -1.60 59.28
C LYS A 421 14.68 -0.41 60.13
N ASN A 422 15.39 -0.74 61.21
CA ASN A 422 15.91 0.26 62.13
C ASN A 422 17.35 0.61 61.76
N LEU A 423 17.50 1.63 60.93
CA LEU A 423 18.82 2.05 60.47
C LEU A 423 19.37 3.24 61.23
N LYS A 424 20.69 3.42 61.13
CA LYS A 424 21.36 4.54 61.78
C LYS A 424 21.46 5.65 60.75
N VAL A 425 20.39 6.41 60.59
CA VAL A 425 20.38 7.50 59.63
C VAL A 425 21.48 8.50 59.94
N ASN A 426 21.90 9.25 58.93
CA ASN A 426 22.94 10.26 59.07
C ASN A 426 22.28 11.60 59.37
N SER A 427 23.08 12.57 59.81
CA SER A 427 22.58 13.91 60.13
C SER A 427 21.87 14.51 58.93
N ASP A 428 22.49 14.42 57.75
CA ASP A 428 21.92 14.95 56.53
C ASP A 428 20.80 14.04 56.00
N GLY A 429 20.57 12.93 56.69
CA GLY A 429 19.52 12.01 56.28
C GLY A 429 19.98 10.83 55.45
N SER A 430 21.22 10.88 54.96
CA SER A 430 21.77 9.79 54.16
C SER A 430 21.97 8.55 55.03
N ILE A 431 22.23 7.42 54.39
CA ILE A 431 22.43 6.16 55.11
C ILE A 431 23.65 5.39 54.61
N ASP A 432 24.52 4.98 55.54
CA ASP A 432 25.72 4.24 55.19
C ASP A 432 25.59 2.74 55.41
N VAL A 433 25.58 1.98 54.33
CA VAL A 433 25.46 0.53 54.41
C VAL A 433 26.83 -0.11 54.35
N TYR A 434 27.04 -1.13 55.17
CA TYR A 434 28.32 -1.83 55.20
C TYR A 434 28.18 -3.31 54.90
N TYR A 435 29.14 -3.84 54.14
CA TYR A 435 29.14 -5.26 53.80
C TYR A 435 30.48 -5.82 54.25
N GLY A 436 30.45 -6.89 55.05
CA GLY A 436 31.69 -7.45 55.52
C GLY A 436 31.51 -8.70 56.33
N PRO A 437 32.58 -9.52 56.49
CA PRO A 437 32.52 -10.76 57.27
C PRO A 437 32.44 -10.47 58.77
N LYS A 438 32.73 -9.23 59.15
CA LYS A 438 32.66 -8.78 60.53
C LYS A 438 31.95 -7.42 60.56
N PRO A 439 31.11 -7.20 61.58
CA PRO A 439 30.37 -5.93 61.71
C PRO A 439 31.28 -4.73 61.93
N VAL A 440 30.83 -3.56 61.45
CA VAL A 440 31.59 -2.33 61.60
C VAL A 440 31.19 -1.59 62.86
N LYS A 441 32.19 -1.00 63.53
CA LYS A 441 32.02 -0.25 64.77
C LYS A 441 30.77 0.64 64.79
N GLY A 442 29.78 0.25 65.58
CA GLY A 442 28.55 1.01 65.68
C GLY A 442 27.78 1.20 64.39
N TYR A 443 27.60 0.11 63.65
CA TYR A 443 26.86 0.15 62.40
C TYR A 443 26.17 -1.17 62.13
N GLU A 444 26.10 -2.02 63.14
CA GLU A 444 25.47 -3.34 63.01
C GLU A 444 24.11 -3.22 62.33
N ASN A 445 23.35 -2.18 62.69
CA ASN A 445 22.02 -1.96 62.13
C ASN A 445 22.05 -1.63 60.63
N ASN A 446 23.22 -1.20 60.14
CA ASN A 446 23.38 -0.86 58.73
C ASN A 446 24.41 -1.80 58.14
N TRP A 447 24.42 -3.05 58.59
CA TRP A 447 25.39 -4.02 58.13
C TRP A 447 24.79 -5.32 57.62
N VAL A 448 25.43 -5.88 56.60
CA VAL A 448 25.03 -7.14 56.00
C VAL A 448 26.27 -8.02 55.96
N GLN A 449 26.24 -9.11 56.71
CA GLN A 449 27.38 -10.02 56.79
C GLN A 449 27.62 -10.85 55.53
N THR A 450 28.90 -10.97 55.15
CA THR A 450 29.26 -11.74 53.96
C THR A 450 30.21 -12.88 54.30
N ASN A 451 30.34 -13.82 53.37
CA ASN A 451 31.20 -14.98 53.56
C ASN A 451 32.54 -14.86 52.81
N PRO A 452 33.65 -15.01 53.53
CA PRO A 452 34.97 -14.91 52.89
C PRO A 452 35.15 -15.85 51.70
N GLY A 453 35.85 -15.37 50.68
CA GLY A 453 36.09 -16.17 49.50
C GLY A 453 34.88 -16.42 48.61
N GLU A 454 33.70 -16.03 49.08
CA GLU A 454 32.48 -16.20 48.30
C GLU A 454 32.03 -14.89 47.66
N GLY A 455 31.94 -14.88 46.34
CA GLY A 455 31.53 -13.68 45.64
C GLY A 455 30.07 -13.40 45.86
N TRP A 456 29.69 -12.12 45.83
CA TRP A 456 28.31 -11.70 46.02
C TRP A 456 28.00 -10.49 45.16
N PHE A 457 26.70 -10.19 45.01
CA PHE A 457 26.28 -9.03 44.25
C PHE A 457 25.01 -8.53 44.93
N THR A 458 24.50 -7.37 44.50
CA THR A 458 23.33 -6.83 45.17
C THR A 458 22.36 -6.09 44.25
N TYR A 459 21.09 -6.12 44.65
CA TYR A 459 20.02 -5.42 43.95
C TYR A 459 19.61 -4.30 44.88
N PHE A 460 19.38 -3.12 44.33
CA PHE A 460 18.92 -1.98 45.10
C PHE A 460 17.51 -1.72 44.58
N ARG A 461 16.52 -2.08 45.40
CA ARG A 461 15.10 -1.94 45.05
C ARG A 461 14.47 -0.59 45.33
N PHE A 462 13.64 -0.14 44.40
CA PHE A 462 12.92 1.13 44.49
C PHE A 462 11.43 0.85 44.42
N TYR A 463 10.82 0.51 45.55
CA TYR A 463 9.38 0.26 45.56
C TYR A 463 8.63 1.58 45.65
N GLY A 464 7.92 1.91 44.58
CA GLY A 464 7.19 3.16 44.49
C GLY A 464 8.19 4.21 44.04
N PRO A 465 8.86 4.02 42.89
CA PRO A 465 9.83 5.00 42.41
C PRO A 465 9.25 6.37 42.06
N THR A 466 9.96 7.42 42.44
CA THR A 466 9.51 8.78 42.17
C THR A 466 10.14 9.35 40.90
N GLU A 467 9.65 10.49 40.46
CA GLU A 467 10.15 11.14 39.25
C GLU A 467 11.64 11.44 39.30
N LYS A 468 12.20 11.54 40.51
CA LYS A 468 13.62 11.82 40.68
C LYS A 468 14.47 10.63 40.29
N PHE A 470 13.47 8.40 37.68
CA PHE A 470 13.34 8.30 36.23
C PHE A 470 14.17 9.34 35.49
N ASP A 471 14.18 10.56 36.00
CA ASP A 471 14.91 11.65 35.37
C ASP A 471 16.40 11.68 35.70
N LYS A 472 16.84 10.76 36.54
CA LYS A 472 18.25 10.68 36.92
C LYS A 472 18.70 11.85 37.80
N SER A 473 17.75 12.66 38.29
CA SER A 473 18.08 13.80 39.15
C SER A 473 18.75 13.33 40.44
N TRP A 474 18.30 12.18 40.93
CA TRP A 474 18.85 11.60 42.15
C TRP A 474 19.82 10.49 41.70
N THR A 475 21.03 10.48 42.26
CA THR A 475 22.05 9.49 41.87
C THR A 475 22.80 8.94 43.08
N GLY A 477 26.59 6.69 44.18
CA GLY A 477 27.89 6.20 43.72
C GLY A 477 28.02 4.70 43.85
N ASP A 478 29.17 4.17 43.45
CA ASP A 478 29.42 2.73 43.53
C ASP A 478 29.74 2.27 44.95
N ILE A 479 29.86 0.95 45.12
CA ILE A 479 30.21 0.38 46.42
C ILE A 479 31.72 0.53 46.58
N GLU A 480 32.14 1.20 47.66
CA GLU A 480 33.57 1.42 47.93
C GLU A 480 34.16 0.26 48.73
N LEU A 481 35.45 -0.01 48.50
CA LEU A 481 36.13 -1.10 49.22
C LEU A 481 36.64 -0.57 50.56
N VAL A 482 36.76 -1.46 51.54
CA VAL A 482 37.22 -1.12 52.88
C VAL A 482 36.25 -0.15 53.52
N GLN B 22 38.40 -16.72 46.51
CA GLN B 22 39.25 -17.87 46.09
C GLN B 22 39.13 -18.12 44.59
N GLU B 23 40.18 -18.67 44.00
CA GLU B 23 40.19 -18.98 42.57
C GLU B 23 39.77 -20.43 42.35
N THR B 24 39.33 -20.72 41.14
CA THR B 24 38.90 -22.06 40.75
C THR B 24 38.99 -22.19 39.25
N VAL B 25 39.38 -23.38 38.79
CA VAL B 25 39.51 -23.64 37.38
C VAL B 25 38.62 -24.83 37.03
N VAL B 26 37.98 -24.76 35.87
CA VAL B 26 37.10 -25.83 35.40
C VAL B 26 37.48 -26.11 33.96
N PRO B 27 38.02 -27.30 33.70
CA PRO B 27 38.40 -27.66 32.32
C PRO B 27 37.15 -27.93 31.49
N SER B 28 37.24 -27.74 30.18
CA SER B 28 36.12 -27.97 29.28
C SER B 28 36.57 -28.12 27.83
N ARG B 29 35.63 -28.52 26.98
CA ARG B 29 35.88 -28.70 25.54
C ARG B 29 36.46 -27.46 24.88
N VAL B 30 36.17 -26.29 25.43
CA VAL B 30 36.66 -25.05 24.84
C VAL B 30 37.81 -24.43 25.59
N GLY B 31 38.35 -25.15 26.57
CA GLY B 31 39.46 -24.63 27.33
C GLY B 31 39.16 -24.43 28.81
N ASP B 32 40.19 -24.08 29.57
CA ASP B 32 40.02 -23.87 31.00
C ASP B 32 39.17 -22.65 31.30
N LEU B 33 38.20 -22.83 32.20
CA LEU B 33 37.32 -21.77 32.61
C LEU B 33 37.82 -21.31 33.98
N LYS B 34 38.25 -20.05 34.07
CA LYS B 34 38.79 -19.52 35.32
C LYS B 34 37.83 -18.57 36.03
N PHE B 35 37.69 -18.78 37.33
CA PHE B 35 36.79 -17.98 38.13
C PHE B 35 37.52 -17.41 39.35
N GLU B 36 37.13 -16.20 39.74
CA GLU B 36 37.68 -15.51 40.90
C GLU B 36 36.50 -15.18 41.81
N SER B 37 36.46 -15.81 42.98
CA SER B 37 35.39 -15.60 43.93
C SER B 37 34.06 -16.01 43.28
N ASP B 38 34.10 -17.13 42.56
CA ASP B 38 32.93 -17.68 41.87
C ASP B 38 32.62 -16.99 40.54
N PHE B 39 32.81 -15.68 40.50
CA PHE B 39 32.57 -14.92 39.27
C PHE B 39 33.57 -15.35 38.21
N PRO B 40 33.18 -15.28 36.92
CA PRO B 40 34.16 -15.68 35.92
C PRO B 40 35.16 -14.53 35.88
N THR B 41 36.42 -14.81 35.56
CA THR B 41 37.39 -13.73 35.49
C THR B 41 37.05 -12.91 34.27
N GLN B 42 37.60 -11.71 34.18
CA GLN B 42 37.36 -10.83 33.04
C GLN B 42 37.74 -11.49 31.71
N GLU B 43 38.88 -12.17 31.71
CA GLU B 43 39.37 -12.84 30.51
C GLU B 43 38.46 -14.00 30.13
N THR B 44 37.96 -14.73 31.13
CA THR B 44 37.07 -15.83 30.86
C THR B 44 35.74 -15.35 30.26
N LYS B 46 35.41 -12.59 28.40
CA LYS B 46 35.72 -12.18 27.05
C LYS B 46 35.76 -13.44 26.18
N ASN B 47 36.45 -14.47 26.67
CA ASN B 47 36.54 -15.71 25.93
C ASN B 47 35.18 -16.33 25.65
N LEU B 49 32.19 -14.95 25.65
CA LEU B 49 31.37 -14.14 24.75
C LEU B 49 31.87 -14.32 23.32
N ASN B 50 33.17 -14.62 23.18
CA ASN B 50 33.76 -14.85 21.85
C ASN B 50 33.35 -16.23 21.36
N GLU B 51 33.30 -17.19 22.28
CA GLU B 51 32.89 -18.56 21.96
C GLU B 51 31.41 -18.58 21.60
N ASP B 53 29.48 -16.04 20.42
CA ASP B 53 29.30 -15.41 19.13
C ASP B 53 29.79 -16.34 18.03
N PHE B 54 30.87 -17.06 18.30
CA PHE B 54 31.43 -18.00 17.31
C PHE B 54 30.44 -19.11 16.99
N GLN B 55 30.02 -19.82 18.03
CA GLN B 55 29.06 -20.91 17.88
C GLN B 55 27.80 -20.39 17.20
N ARG B 56 27.32 -19.23 17.62
CA ARG B 56 26.12 -18.68 17.01
C ARG B 56 26.30 -18.45 15.52
N ALA B 57 27.41 -17.80 15.14
CA ALA B 57 27.67 -17.54 13.72
C ALA B 57 27.80 -18.85 12.93
N THR B 58 28.45 -19.84 13.53
CA THR B 58 28.65 -21.13 12.87
C THR B 58 27.33 -21.85 12.60
N GLN B 59 26.40 -21.77 13.53
CA GLN B 59 25.13 -22.43 13.35
C GLN B 59 24.26 -21.62 12.40
N ALA B 60 24.45 -20.30 12.40
CA ALA B 60 23.72 -19.42 11.50
C ALA B 60 24.14 -19.72 10.07
N TYR B 61 25.38 -20.17 9.92
CA TYR B 61 25.90 -20.48 8.61
C TYR B 61 25.03 -21.55 7.98
N LEU B 62 24.75 -22.60 8.74
CA LEU B 62 23.91 -23.71 8.29
C LEU B 62 22.49 -23.22 8.03
N TRP B 63 21.99 -22.38 8.93
CA TRP B 63 20.66 -21.82 8.79
C TRP B 63 20.52 -21.05 7.48
N GLY B 64 21.61 -20.42 7.04
CA GLY B 64 21.56 -19.62 5.83
C GLY B 64 21.81 -20.26 4.47
N ILE B 65 22.16 -21.55 4.45
CA ILE B 65 22.44 -22.23 3.19
C ILE B 65 21.39 -22.00 2.08
N PRO B 66 20.13 -22.36 2.31
CA PRO B 66 19.11 -22.16 1.28
C PRO B 66 19.00 -20.74 0.70
N ALA B 67 18.85 -19.75 1.57
CA ALA B 67 18.71 -18.35 1.12
C ALA B 67 19.93 -17.80 0.41
N SER B 68 21.12 -18.26 0.82
CA SER B 68 22.35 -17.80 0.21
C SER B 68 22.30 -18.10 -1.29
N SER B 69 21.87 -19.31 -1.61
CA SER B 69 21.78 -19.75 -3.00
C SER B 69 20.86 -18.86 -3.82
N ILE B 70 19.65 -18.64 -3.33
CA ILE B 70 18.71 -17.79 -4.06
C ILE B 70 19.18 -16.33 -4.15
N GLU B 72 22.26 -15.09 -4.06
CA GLU B 72 23.39 -14.98 -4.94
C GLU B 72 22.95 -15.11 -6.40
N TRP B 73 21.82 -15.77 -6.64
CA TRP B 73 21.35 -15.93 -8.00
C TRP B 73 20.72 -14.61 -8.40
N LEU B 74 20.01 -13.98 -7.46
CA LEU B 74 19.39 -12.71 -7.77
C LEU B 74 20.48 -11.66 -8.03
N ASN B 75 21.61 -11.74 -7.32
CA ASN B 75 22.69 -10.78 -7.52
C ASN B 75 23.26 -10.91 -8.92
N VAL B 76 23.42 -12.15 -9.37
CA VAL B 76 23.94 -12.41 -10.71
C VAL B 76 22.97 -11.90 -11.77
N SER B 77 21.68 -12.13 -11.55
CA SER B 77 20.65 -11.69 -12.48
C SER B 77 20.61 -10.17 -12.63
N ARG B 78 20.65 -9.45 -11.51
CA ARG B 78 20.61 -8.00 -11.58
C ARG B 78 21.94 -7.35 -11.94
N ASN B 79 23.05 -7.93 -11.48
CA ASN B 79 24.35 -7.33 -11.75
C ASN B 79 25.21 -7.89 -12.87
N ASP B 80 25.19 -9.21 -13.05
CA ASP B 80 25.99 -9.79 -14.12
C ASP B 80 25.20 -9.96 -15.42
N PHE B 81 24.07 -10.65 -15.35
CA PHE B 81 23.26 -10.81 -16.55
C PHE B 81 22.59 -9.47 -16.83
N LYS B 82 22.29 -8.75 -15.76
CA LYS B 82 21.64 -7.44 -15.81
C LYS B 82 20.20 -7.49 -16.34
N PHE B 83 19.48 -8.57 -16.01
CA PHE B 83 18.09 -8.71 -16.43
C PHE B 83 17.24 -7.73 -15.65
N GLU B 84 16.09 -7.38 -16.22
CA GLU B 84 15.17 -6.45 -15.57
C GLU B 84 14.64 -7.10 -14.29
N GLU B 85 14.48 -6.31 -13.23
CA GLU B 85 13.95 -6.87 -11.98
C GLU B 85 12.59 -7.50 -12.26
N GLY B 86 12.53 -8.82 -12.15
CA GLY B 86 11.28 -9.52 -12.38
C GLY B 86 11.27 -10.21 -13.73
N GLN B 87 12.40 -10.15 -14.42
CA GLN B 87 12.53 -10.77 -15.73
C GLN B 87 13.10 -12.18 -15.61
N GLY B 89 14.86 -15.80 -17.23
CA GLY B 89 16.01 -16.10 -18.07
C GLY B 89 15.91 -17.49 -18.68
N PHE B 90 16.50 -17.65 -19.86
CA PHE B 90 16.53 -18.94 -20.56
C PHE B 90 17.91 -19.57 -20.38
N PHE B 91 17.96 -20.74 -19.77
CA PHE B 91 19.21 -21.46 -19.54
C PHE B 91 19.09 -22.78 -20.31
N ASN B 92 20.02 -23.05 -21.22
CA ASN B 92 19.97 -24.27 -22.02
C ASN B 92 21.34 -24.84 -22.39
N THR B 93 22.19 -23.99 -22.96
CA THR B 93 23.53 -24.43 -23.36
C THR B 93 24.34 -24.79 -22.12
N LEU B 94 25.45 -25.49 -22.34
CA LEU B 94 26.30 -25.88 -21.23
C LEU B 94 26.88 -24.63 -20.54
N LYS B 95 27.29 -23.65 -21.33
CA LYS B 95 27.86 -22.43 -20.80
C LYS B 95 26.82 -21.63 -20.00
N GLN B 96 25.55 -21.79 -20.35
CA GLN B 96 24.49 -21.07 -19.64
C GLN B 96 24.15 -21.76 -18.33
N LYS B 97 24.07 -23.09 -18.38
CA LYS B 97 23.73 -23.88 -17.21
C LYS B 97 24.87 -24.14 -16.23
N GLN B 98 26.11 -23.94 -16.69
CA GLN B 98 27.29 -24.22 -15.87
C GLN B 98 27.29 -23.60 -14.47
N GLY B 99 26.65 -22.44 -14.32
CA GLY B 99 26.61 -21.78 -13.03
C GLY B 99 25.52 -22.28 -12.09
N ILE B 100 24.67 -23.17 -12.57
CA ILE B 100 23.58 -23.70 -11.75
C ILE B 100 24.03 -24.92 -10.94
N ILE B 101 23.87 -24.83 -9.63
CA ILE B 101 24.28 -25.92 -8.74
C ILE B 101 23.51 -27.19 -9.15
N THR B 102 24.23 -28.31 -9.23
CA THR B 102 23.71 -29.61 -9.67
C THR B 102 22.57 -29.57 -10.67
N ALA B 103 22.75 -28.85 -11.77
CA ALA B 103 21.71 -28.77 -12.79
C ALA B 103 21.85 -29.98 -13.71
N ASN B 104 20.86 -30.18 -14.58
CA ASN B 104 20.96 -31.28 -15.52
C ASN B 104 21.30 -30.64 -16.87
N PHE B 105 21.78 -31.44 -17.81
CA PHE B 105 22.15 -30.93 -19.13
C PHE B 105 21.23 -31.59 -20.14
N THR B 106 19.95 -31.70 -19.76
CA THR B 106 18.94 -32.32 -20.59
C THR B 106 17.72 -31.44 -20.90
N THR B 107 17.09 -30.89 -19.87
CA THR B 107 15.90 -30.06 -20.08
C THR B 107 16.10 -28.55 -20.05
N PRO B 108 15.66 -27.86 -21.12
CA PRO B 108 15.80 -26.40 -21.17
C PRO B 108 15.20 -25.78 -19.91
N TYR B 109 15.87 -24.78 -19.35
CA TYR B 109 15.38 -24.13 -18.15
C TYR B 109 14.86 -22.73 -18.44
N VAL B 110 13.90 -22.31 -17.63
CA VAL B 110 13.35 -20.97 -17.70
C VAL B 110 13.31 -20.63 -16.22
N ILE B 111 14.15 -19.68 -15.81
CA ILE B 111 14.29 -19.31 -14.41
C ILE B 111 14.37 -17.82 -14.13
N GLY B 112 13.81 -17.41 -13.00
CA GLY B 112 13.83 -16.01 -12.61
C GLY B 112 13.76 -15.83 -11.10
N THR B 113 14.38 -14.76 -10.63
CA THR B 113 14.41 -14.42 -9.21
C THR B 113 14.22 -12.91 -9.12
N TRP B 114 13.42 -12.47 -8.16
CA TRP B 114 13.21 -11.04 -8.01
C TRP B 114 12.73 -10.69 -6.61
N ASN B 115 12.78 -9.40 -6.28
CA ASN B 115 12.33 -8.93 -4.99
C ASN B 115 10.96 -8.29 -5.23
N LEU B 116 9.92 -8.89 -4.66
CA LEU B 116 8.56 -8.42 -4.80
C LEU B 116 8.35 -6.98 -4.33
N GLU B 117 9.20 -6.53 -3.42
CA GLU B 117 9.06 -5.17 -2.90
C GLU B 117 9.40 -4.14 -3.97
N LYS B 118 10.35 -4.49 -4.84
CA LYS B 118 10.76 -3.59 -5.92
C LYS B 118 9.86 -3.71 -7.14
N THR B 119 9.39 -4.93 -7.41
CA THR B 119 8.53 -5.21 -8.55
C THR B 119 7.06 -4.93 -8.27
N GLY B 120 6.64 -5.16 -7.03
CA GLY B 120 5.24 -4.99 -6.69
C GLY B 120 4.56 -6.25 -7.17
N PRO B 121 3.23 -6.37 -7.04
CA PRO B 121 2.58 -7.60 -7.51
C PRO B 121 3.04 -7.97 -8.91
N LEU B 122 3.50 -9.21 -9.09
CA LEU B 122 3.97 -9.67 -10.39
C LEU B 122 3.17 -10.88 -10.89
N ILE B 123 2.88 -10.88 -12.19
CA ILE B 123 2.16 -11.98 -12.81
C ILE B 123 3.13 -12.82 -13.61
N ILE B 124 2.87 -14.12 -13.67
CA ILE B 124 3.67 -15.06 -14.45
C ILE B 124 2.73 -15.71 -15.46
N ASN B 125 2.72 -15.17 -16.68
CA ASN B 125 1.87 -15.72 -17.73
C ASN B 125 2.53 -17.00 -18.24
N LEU B 126 1.91 -18.13 -17.91
CA LEU B 126 2.43 -19.44 -18.28
C LEU B 126 1.65 -20.07 -19.43
N PRO B 127 2.36 -20.45 -20.51
CA PRO B 127 1.75 -21.07 -21.69
C PRO B 127 1.32 -22.50 -21.44
N GLU B 128 0.49 -23.03 -22.33
CA GLU B 128 0.03 -24.40 -22.22
C GLU B 128 1.19 -25.24 -22.75
N ALA B 129 1.69 -26.17 -21.95
CA ALA B 129 2.80 -27.02 -22.36
C ALA B 129 3.08 -28.07 -21.28
N LYS B 130 3.97 -29.01 -21.58
CA LYS B 130 4.32 -30.07 -20.63
C LYS B 130 5.62 -29.71 -19.93
N ALA B 132 7.73 -28.77 -15.97
CA ALA B 132 7.79 -29.11 -14.55
C ALA B 132 8.45 -27.89 -13.90
N GLY B 133 7.81 -27.32 -12.90
CA GLY B 133 8.37 -26.16 -12.25
C GLY B 133 7.76 -25.83 -10.90
N LEU B 136 9.12 -20.47 -5.43
CA LEU B 136 9.79 -20.58 -4.13
C LEU B 136 10.01 -19.24 -3.44
N ASP B 137 10.12 -19.27 -2.11
CA ASP B 137 10.39 -18.05 -1.36
C ASP B 137 11.91 -18.05 -1.20
N VAL B 138 12.46 -17.02 -0.54
CA VAL B 138 13.90 -16.94 -0.43
C VAL B 138 14.56 -18.15 0.25
N HIS B 139 13.89 -18.76 1.22
CA HIS B 139 14.46 -19.93 1.89
C HIS B 139 14.14 -21.25 1.18
N GLN B 140 13.59 -21.12 -0.02
CA GLN B 140 13.25 -22.26 -0.88
C GLN B 140 12.12 -23.18 -0.44
N ARG B 141 11.09 -22.60 0.14
CA ARG B 141 9.91 -23.36 0.52
C ARG B 141 9.06 -23.26 -0.72
N VAL B 142 8.21 -24.24 -0.98
CA VAL B 142 7.38 -24.21 -2.17
C VAL B 142 6.10 -23.43 -1.97
N LEU B 143 5.88 -22.45 -2.85
CA LEU B 143 4.68 -21.63 -2.77
C LEU B 143 3.62 -22.29 -3.65
N SER B 144 4.07 -22.96 -4.69
CA SER B 144 3.21 -23.63 -5.63
C SER B 144 4.05 -24.32 -6.70
N ASP B 145 3.56 -25.44 -7.22
CA ASP B 145 4.23 -26.11 -8.32
C ASP B 145 3.66 -25.38 -9.54
N LEU B 146 4.26 -25.58 -10.70
CA LEU B 146 3.78 -24.93 -11.93
C LEU B 146 3.61 -25.97 -13.04
N SER B 147 2.74 -25.66 -14.00
CA SER B 147 2.48 -26.53 -15.14
C SER B 147 1.84 -27.88 -14.78
N LEU B 148 2.27 -28.96 -15.43
CA LEU B 148 1.73 -30.30 -15.20
C LEU B 148 1.24 -30.64 -13.78
N LEU B 149 2.15 -30.63 -12.80
CA LEU B 149 1.79 -30.95 -11.43
C LEU B 149 1.38 -29.72 -10.62
N GLY B 150 1.14 -28.62 -11.33
CA GLY B 150 0.73 -27.40 -10.66
C GLY B 150 -0.73 -27.08 -10.92
N PRO B 151 -1.27 -26.04 -10.26
CA PRO B 151 -2.67 -25.62 -10.41
C PRO B 151 -3.19 -25.58 -11.85
N ASP B 152 -2.35 -25.15 -12.78
CA ASP B 152 -2.76 -25.06 -14.18
C ASP B 152 -2.77 -26.40 -14.90
N LYS B 153 -2.16 -27.41 -14.27
CA LYS B 153 -2.12 -28.76 -14.83
C LYS B 153 -1.56 -28.88 -16.25
N GLY B 154 -0.79 -27.88 -16.68
CA GLY B 154 -0.21 -27.92 -18.01
C GLY B 154 -1.03 -27.21 -19.06
N LYS B 155 -2.17 -26.68 -18.65
CA LYS B 155 -3.06 -25.96 -19.56
C LYS B 155 -2.70 -24.47 -19.60
N GLY B 156 -1.85 -24.05 -18.67
CA GLY B 156 -1.45 -22.66 -18.64
C GLY B 156 -2.39 -21.87 -17.74
N GLY B 157 -2.02 -20.64 -17.46
CA GLY B 157 -2.85 -19.82 -16.60
C GLY B 157 -2.03 -18.64 -16.16
N LYS B 158 -2.61 -17.81 -15.30
CA LYS B 158 -1.94 -16.62 -14.82
C LYS B 158 -1.73 -16.69 -13.32
N TYR B 159 -0.47 -16.59 -12.91
CA TYR B 159 -0.12 -16.63 -11.50
C TYR B 159 0.29 -15.27 -10.98
N LEU B 160 -0.50 -14.72 -10.06
CA LEU B 160 -0.19 -13.42 -9.48
C LEU B 160 0.59 -13.65 -8.18
N ILE B 161 1.79 -13.10 -8.09
CA ILE B 161 2.59 -13.26 -6.88
C ILE B 161 2.45 -11.96 -6.09
N VAL B 162 1.92 -12.07 -4.88
CA VAL B 162 1.69 -10.91 -4.04
C VAL B 162 2.73 -10.70 -2.95
N PRO B 163 3.20 -9.45 -2.80
CA PRO B 163 4.21 -9.07 -1.80
C PRO B 163 3.63 -9.29 -0.41
N PRO B 164 4.45 -9.80 0.52
CA PRO B 164 4.00 -10.05 1.90
C PRO B 164 3.56 -8.80 2.65
N GLY B 165 3.76 -7.64 2.02
CA GLY B 165 3.39 -6.38 2.65
C GLY B 165 1.91 -6.34 3.00
N GLU B 166 1.59 -5.79 4.16
CA GLU B 166 0.21 -5.73 4.60
C GLU B 166 -0.63 -4.88 3.64
N LYS B 167 0.03 -4.06 2.83
CA LYS B 167 -0.62 -3.22 1.86
C LYS B 167 -1.45 -4.07 0.91
N TYR B 168 -0.83 -5.16 0.43
CA TYR B 168 -1.46 -6.07 -0.52
C TYR B 168 -2.26 -7.18 0.12
N LYS B 169 -2.51 -7.06 1.41
CA LYS B 169 -3.27 -8.05 2.17
C LYS B 169 -4.62 -8.37 1.53
N ASP B 170 -5.27 -7.34 1.01
CA ASP B 170 -6.60 -7.47 0.42
C ASP B 170 -6.57 -7.65 -1.10
N LEU B 171 -5.41 -8.05 -1.63
CA LEU B 171 -5.29 -8.24 -3.07
C LEU B 171 -5.62 -9.68 -3.48
N ASN B 172 -6.78 -9.86 -4.11
CA ASN B 172 -7.20 -11.18 -4.56
C ASN B 172 -7.99 -11.08 -5.87
N PRO B 173 -7.34 -10.53 -6.93
CA PRO B 173 -7.94 -10.35 -8.25
C PRO B 173 -8.51 -11.63 -8.83
N LYS B 174 -9.64 -11.52 -9.52
CA LYS B 174 -10.28 -12.68 -10.13
C LYS B 174 -9.57 -13.08 -11.42
N GLY B 175 -9.53 -14.38 -11.69
CA GLY B 175 -8.89 -14.85 -12.91
C GLY B 175 -7.42 -15.20 -12.81
N TYR B 176 -6.87 -15.13 -11.60
CA TYR B 176 -5.46 -15.46 -11.39
C TYR B 176 -5.26 -16.49 -10.28
N TYR B 177 -4.15 -17.22 -10.34
CA TYR B 177 -3.81 -18.17 -9.28
C TYR B 177 -3.00 -17.31 -8.32
N VAL B 178 -3.67 -16.72 -7.33
CA VAL B 178 -2.99 -15.85 -6.38
C VAL B 178 -2.03 -16.62 -5.47
N ILE B 179 -0.76 -16.24 -5.50
CA ILE B 179 0.26 -16.88 -4.69
C ILE B 179 0.82 -15.87 -3.70
N ARG B 180 0.87 -16.24 -2.43
CA ARG B 180 1.35 -15.33 -1.39
C ARG B 180 2.54 -15.81 -0.57
N PRO B 181 3.76 -15.48 -1.02
CA PRO B 181 4.98 -15.89 -0.30
C PRO B 181 5.11 -15.08 1.00
N LYS B 182 5.79 -15.63 1.99
CA LYS B 182 5.95 -14.94 3.26
C LYS B 182 7.21 -14.05 3.28
N THR B 183 7.89 -13.97 2.15
CA THR B 183 9.13 -13.19 2.05
C THR B 183 9.11 -12.32 0.77
N ASN B 184 10.15 -11.51 0.58
CA ASN B 184 10.23 -10.65 -0.60
C ASN B 184 10.94 -11.27 -1.80
N VAL B 185 12.07 -11.91 -1.55
CA VAL B 185 12.84 -12.52 -2.62
C VAL B 185 12.28 -13.87 -2.98
N VAL B 186 11.58 -13.92 -4.11
CA VAL B 186 10.97 -15.15 -4.59
C VAL B 186 11.70 -15.67 -5.80
N TYR B 187 11.36 -16.89 -6.20
CA TYR B 187 12.01 -17.53 -7.32
C TYR B 187 11.05 -18.42 -8.11
N GLY B 188 11.17 -18.37 -9.43
CA GLY B 188 10.34 -19.18 -10.29
C GLY B 188 11.21 -19.98 -11.25
N GLY B 189 10.91 -21.27 -11.38
CA GLY B 189 11.69 -22.11 -12.28
C GLY B 189 10.80 -23.02 -13.10
N ILE B 190 11.15 -23.24 -14.37
CA ILE B 190 10.38 -24.11 -15.25
C ILE B 190 11.29 -24.97 -16.11
N ARG B 191 10.81 -26.15 -16.49
CA ARG B 191 11.58 -27.04 -17.35
C ARG B 191 10.73 -27.57 -18.49
N ILE B 192 11.32 -27.59 -19.69
CA ILE B 192 10.64 -28.12 -20.86
C ILE B 192 10.93 -29.62 -20.85
N LEU B 193 9.88 -30.42 -20.75
CA LEU B 193 10.03 -31.87 -20.69
C LEU B 193 10.03 -32.60 -22.03
N GLU B 194 9.49 -31.97 -23.06
CA GLU B 194 9.43 -32.57 -24.40
C GLU B 194 10.83 -32.81 -24.98
N PRO B 195 11.04 -33.99 -25.60
CA PRO B 195 12.34 -34.32 -26.21
C PRO B 195 12.68 -33.47 -27.44
N ASP B 196 11.66 -32.88 -28.08
CA ASP B 196 11.92 -32.03 -29.25
C ASP B 196 12.29 -30.64 -28.75
N VAL B 197 13.41 -30.56 -28.04
CA VAL B 197 13.88 -29.31 -27.47
C VAL B 197 13.75 -28.08 -28.36
N ASP B 198 14.45 -28.08 -29.50
CA ASP B 198 14.43 -26.95 -30.42
C ASP B 198 13.01 -26.51 -30.79
N ARG B 199 12.17 -27.47 -31.15
CA ARG B 199 10.80 -27.20 -31.55
C ARG B 199 9.93 -26.59 -30.45
N VAL B 200 10.00 -27.17 -29.25
CA VAL B 200 9.19 -26.69 -28.14
C VAL B 200 9.61 -25.33 -27.59
N VAL B 201 10.91 -25.10 -27.48
CA VAL B 201 11.40 -23.83 -26.97
C VAL B 201 10.92 -22.67 -27.83
N LYS B 202 10.97 -22.86 -29.15
CA LYS B 202 10.55 -21.83 -30.08
C LYS B 202 9.04 -21.63 -30.05
N GLN B 203 8.33 -22.57 -29.43
CA GLN B 203 6.88 -22.47 -29.35
C GLN B 203 6.37 -22.03 -27.97
N VAL B 204 7.08 -22.41 -26.92
CA VAL B 204 6.66 -22.06 -25.57
C VAL B 204 7.30 -20.84 -24.93
N VAL B 205 8.64 -20.79 -24.95
CA VAL B 205 9.33 -19.67 -24.34
C VAL B 205 8.83 -18.31 -24.79
N PRO B 206 8.70 -18.08 -26.10
CA PRO B 206 8.21 -16.78 -26.54
C PRO B 206 6.91 -16.36 -25.84
N ASN B 207 6.14 -17.34 -25.38
CA ASN B 207 4.88 -17.05 -24.72
C ASN B 207 4.94 -16.97 -23.20
N ILE B 208 6.10 -17.27 -22.64
CA ILE B 208 6.28 -17.18 -21.19
C ILE B 208 6.67 -15.73 -20.88
N THR B 209 5.92 -15.08 -20.00
CA THR B 209 6.25 -13.70 -19.64
C THR B 209 5.87 -13.35 -18.21
N THR B 210 6.50 -12.31 -17.67
CA THR B 210 6.18 -11.83 -16.33
C THR B 210 5.54 -10.47 -16.56
N GLN B 211 4.75 -9.98 -15.62
CA GLN B 211 4.07 -8.70 -15.84
C GLN B 211 3.57 -7.99 -14.59
N PRO B 212 3.97 -6.73 -14.41
CA PRO B 212 3.54 -5.96 -13.24
C PRO B 212 2.02 -5.83 -13.17
N TYR B 213 1.51 -5.51 -11.99
CA TYR B 213 0.07 -5.34 -11.77
C TYR B 213 -0.06 -4.33 -10.64
N ALA B 214 -0.58 -3.14 -10.95
CA ALA B 214 -0.74 -2.09 -9.94
C ALA B 214 -2.16 -1.55 -9.82
N ASP B 215 -2.67 -1.50 -8.59
CA ASP B 215 -4.04 -1.06 -8.26
C ASP B 215 -5.02 -1.99 -8.96
N GLY B 216 -5.18 -1.82 -10.27
CA GLY B 216 -6.10 -2.67 -11.01
C GLY B 216 -5.81 -2.59 -12.51
N LYS B 217 -4.57 -2.20 -12.82
CA LYS B 217 -4.14 -2.06 -14.20
C LYS B 217 -2.88 -2.87 -14.47
N LEU B 218 -2.87 -3.57 -15.59
CA LEU B 218 -1.74 -4.39 -15.98
C LEU B 218 -0.65 -3.56 -16.63
N GLY B 219 0.60 -3.93 -16.37
CA GLY B 219 1.72 -3.20 -16.95
C GLY B 219 2.18 -3.90 -18.21
N ARG B 220 3.34 -3.50 -18.70
CA ARG B 220 3.91 -4.09 -19.91
C ARG B 220 4.45 -5.47 -19.59
N LYS B 221 4.22 -6.42 -20.48
CA LYS B 221 4.71 -7.78 -20.29
C LYS B 221 6.23 -7.79 -20.47
N ILE B 222 6.91 -8.58 -19.64
CA ILE B 222 8.37 -8.70 -19.69
C ILE B 222 8.74 -10.04 -20.30
N PRO B 223 9.40 -10.01 -21.47
CA PRO B 223 9.80 -11.26 -22.12
C PRO B 223 10.93 -12.00 -21.41
N VAL B 224 11.06 -13.28 -21.75
CA VAL B 224 12.08 -14.12 -21.18
C VAL B 224 13.38 -13.79 -21.89
N ALA B 225 14.35 -13.25 -21.16
CA ALA B 225 15.64 -12.91 -21.75
C ALA B 225 16.48 -14.19 -21.87
N GLN B 226 17.57 -14.13 -22.62
CA GLN B 226 18.43 -15.30 -22.77
C GLN B 226 19.68 -15.08 -21.95
N VAL B 227 20.10 -16.10 -21.23
CA VAL B 227 21.28 -15.97 -20.40
C VAL B 227 22.53 -15.77 -21.24
N PRO B 228 23.40 -14.83 -20.83
CA PRO B 228 24.65 -14.51 -21.52
C PRO B 228 25.67 -15.67 -21.38
N GLU B 229 26.73 -15.62 -22.18
CA GLU B 229 27.78 -16.64 -22.15
C GLU B 229 28.95 -16.09 -21.34
N ILE B 230 28.80 -16.05 -20.01
CA ILE B 230 29.88 -15.55 -19.17
C ILE B 230 30.09 -16.53 -18.03
N ASP B 231 31.20 -16.39 -17.31
CA ASP B 231 31.46 -17.26 -16.17
C ASP B 231 30.63 -16.74 -15.01
N TRP B 232 29.88 -17.62 -14.37
CA TRP B 232 29.05 -17.23 -13.24
C TRP B 232 28.59 -18.44 -12.45
N THR B 233 28.05 -18.19 -11.27
CA THR B 233 27.50 -19.21 -10.38
C THR B 233 26.73 -18.51 -9.25
N HIS B 234 25.71 -19.17 -8.72
CA HIS B 234 24.90 -18.61 -7.63
C HIS B 234 25.17 -19.35 -6.31
N ILE B 235 26.13 -20.27 -6.37
CA ILE B 235 26.55 -21.04 -5.21
C ILE B 235 26.87 -20.12 -4.03
N PRO B 236 26.59 -20.56 -2.79
CA PRO B 236 26.89 -19.72 -1.62
C PRO B 236 28.39 -19.40 -1.58
N LYS B 237 28.72 -18.14 -1.31
CA LYS B 237 30.12 -17.74 -1.27
C LYS B 237 30.79 -18.11 0.05
N ASP B 238 32.03 -17.70 0.23
CA ASP B 238 32.73 -18.05 1.45
C ASP B 238 33.37 -16.86 2.14
N GLY B 239 34.07 -17.14 3.25
CA GLY B 239 34.72 -16.07 3.99
C GLY B 239 33.71 -15.04 4.43
N LEU B 240 34.03 -13.76 4.24
CA LEU B 240 33.12 -12.69 4.63
C LEU B 240 32.07 -12.40 3.57
N GLU B 241 32.30 -12.86 2.34
CA GLU B 241 31.34 -12.64 1.26
C GLU B 241 30.03 -13.33 1.67
N TYR B 242 30.18 -14.46 2.34
CA TYR B 242 29.00 -15.20 2.79
C TYR B 242 28.18 -14.36 3.75
N TRP B 243 28.83 -13.72 4.70
CA TRP B 243 28.11 -12.92 5.67
C TRP B 243 27.48 -11.67 5.09
N LYS B 244 28.18 -11.08 4.12
CA LYS B 244 27.69 -9.88 3.46
C LYS B 244 26.36 -10.22 2.80
N THR B 245 26.27 -11.41 2.22
CA THR B 245 25.04 -11.83 1.56
C THR B 245 23.97 -12.23 2.57
N ILE B 246 24.39 -12.79 3.71
CA ILE B 246 23.44 -13.14 4.76
C ILE B 246 22.83 -11.79 5.19
N HIS B 247 23.72 -10.82 5.38
CA HIS B 247 23.30 -9.47 5.74
C HIS B 247 22.31 -8.96 4.70
N GLN B 248 22.59 -9.24 3.42
CA GLN B 248 21.71 -8.81 2.33
C GLN B 248 20.34 -9.51 2.40
N ILE B 249 20.36 -10.82 2.63
CA ILE B 249 19.12 -11.58 2.74
C ILE B 249 18.22 -10.86 3.75
N ILE B 250 18.79 -10.58 4.92
CA ILE B 250 18.07 -9.92 5.98
C ILE B 250 17.51 -8.54 5.60
N GLN B 251 18.28 -7.77 4.84
CA GLN B 251 17.85 -6.43 4.44
C GLN B 251 16.70 -6.42 3.45
N GLU B 252 16.72 -7.33 2.48
CA GLU B 252 15.68 -7.36 1.46
C GLU B 252 14.40 -8.11 1.84
N ASN B 253 14.40 -8.79 2.97
CA ASN B 253 13.21 -9.53 3.35
C ASN B 253 12.71 -9.14 4.72
N PRO B 254 11.42 -9.41 4.98
CA PRO B 254 10.85 -9.08 6.29
C PRO B 254 11.41 -10.12 7.27
N VAL B 255 11.30 -9.86 8.56
CA VAL B 255 11.78 -10.80 9.55
C VAL B 255 10.64 -11.71 9.94
N GLU B 256 10.84 -13.02 9.75
CA GLU B 256 9.81 -14.00 10.07
C GLU B 256 9.99 -14.60 11.46
N GLU B 257 8.87 -14.90 12.10
CA GLU B 257 8.85 -15.45 13.45
C GLU B 257 9.84 -16.60 13.74
N ARG B 258 9.94 -17.57 12.85
CA ARG B 258 10.83 -18.70 13.09
C ARG B 258 12.30 -18.32 13.06
N ASP B 259 12.60 -17.14 12.55
CA ASP B 259 13.98 -16.68 12.47
C ASP B 259 14.33 -15.59 13.49
N ARG B 260 13.41 -15.24 14.38
CA ARG B 260 13.64 -14.19 15.37
C ARG B 260 14.84 -14.42 16.30
N PHE B 261 15.10 -15.67 16.65
CA PHE B 261 16.22 -15.98 17.55
C PHE B 261 17.54 -15.98 16.80
N VAL B 262 17.51 -16.37 15.52
CA VAL B 262 18.73 -16.38 14.72
C VAL B 262 19.18 -14.93 14.59
N ALA B 264 18.59 -12.54 16.71
CA ALA B 264 19.11 -12.12 18.00
C ALA B 264 20.57 -12.56 18.13
N GLN B 265 20.86 -13.76 17.63
CA GLN B 265 22.19 -14.34 17.69
C GLN B 265 23.24 -13.73 16.73
N LEU B 266 22.78 -13.04 15.70
CA LEU B 266 23.71 -12.43 14.75
C LEU B 266 23.96 -10.96 15.09
N LYS B 267 23.05 -10.39 15.86
CA LYS B 267 23.15 -9.00 16.28
C LYS B 267 24.55 -8.55 16.65
N PHE B 268 25.16 -9.18 17.66
CA PHE B 268 26.49 -8.77 18.08
C PHE B 268 27.63 -9.17 17.15
N LEU B 269 27.29 -9.74 16.01
CA LEU B 269 28.30 -10.10 15.04
C LEU B 269 28.32 -9.00 13.99
N GLY B 270 27.54 -7.95 14.25
CA GLY B 270 27.46 -6.81 13.35
C GLY B 270 26.41 -6.96 12.25
N ILE B 271 25.53 -7.93 12.40
CA ILE B 271 24.48 -8.16 11.40
C ILE B 271 23.11 -7.86 11.98
N GLU B 272 22.46 -6.83 11.45
CA GLU B 272 21.13 -6.43 11.93
C GLU B 272 20.31 -5.86 10.77
N LYS B 273 19.00 -6.05 10.83
CA LYS B 273 18.11 -5.53 9.81
C LYS B 273 18.06 -4.00 9.90
N GLY B 274 18.26 -3.32 8.77
CA GLY B 274 18.22 -1.87 8.78
C GLY B 274 19.51 -1.17 9.14
N LYS B 275 20.60 -1.92 9.26
CA LYS B 275 21.89 -1.32 9.59
C LYS B 275 22.94 -1.88 8.64
N PRO B 276 23.88 -1.03 8.21
CA PRO B 276 24.95 -1.43 7.29
C PRO B 276 25.81 -2.55 7.87
N PHE B 277 26.50 -3.29 7.00
CA PHE B 277 27.38 -4.37 7.44
C PHE B 277 28.79 -3.83 7.32
N ASN B 278 29.35 -3.43 8.45
CA ASN B 278 30.72 -2.90 8.51
C ASN B 278 31.31 -3.49 9.77
N PRO B 279 31.48 -4.82 9.77
CA PRO B 279 32.04 -5.58 10.89
C PRO B 279 33.38 -5.09 11.41
N THR B 280 33.59 -5.22 12.71
CA THR B 280 34.86 -4.84 13.31
C THR B 280 35.82 -5.97 12.97
N GLU B 281 37.09 -5.78 13.32
CA GLU B 281 38.12 -6.79 13.06
C GLU B 281 37.80 -8.04 13.88
N GLU B 282 37.39 -7.83 15.11
CA GLU B 282 37.05 -8.94 15.99
C GLU B 282 35.86 -9.72 15.42
N GLN B 283 34.88 -8.99 14.90
CA GLN B 283 33.73 -9.68 14.33
C GLN B 283 34.19 -10.43 13.07
N LYS B 284 35.06 -9.81 12.27
CA LYS B 284 35.56 -10.46 11.06
C LYS B 284 36.26 -11.77 11.40
N LYS B 285 37.13 -11.73 12.39
CA LYS B 285 37.88 -12.92 12.82
C LYS B 285 36.94 -14.07 13.17
N ILE B 286 35.88 -13.76 13.94
CA ILE B 286 34.92 -14.78 14.32
C ILE B 286 34.18 -15.28 13.08
N LEU B 287 33.74 -14.35 12.25
CA LEU B 287 32.99 -14.71 11.05
C LEU B 287 33.77 -15.57 10.07
N LEU B 288 35.05 -15.27 9.86
CA LEU B 288 35.86 -16.06 8.94
C LEU B 288 35.90 -17.49 9.44
N GLU B 289 36.05 -17.65 10.75
CA GLU B 289 36.09 -18.96 11.39
C GLU B 289 34.75 -19.67 11.24
N ALA B 290 33.66 -18.94 11.44
CA ALA B 290 32.32 -19.50 11.31
C ALA B 290 32.10 -20.03 9.91
N SER B 291 32.55 -19.27 8.91
CA SER B 291 32.42 -19.67 7.52
C SER B 291 33.20 -20.96 7.25
N LYS B 292 34.42 -21.04 7.78
CA LYS B 292 35.26 -22.22 7.58
C LYS B 292 34.63 -23.45 8.22
N VAL B 293 34.44 -23.38 9.53
CA VAL B 293 33.87 -24.48 10.29
C VAL B 293 32.46 -24.80 9.81
N GLY B 294 31.70 -23.76 9.45
CA GLY B 294 30.34 -23.98 8.97
C GLY B 294 30.30 -24.77 7.68
N ARG B 295 31.17 -24.41 6.74
CA ARG B 295 31.29 -25.08 5.45
C ARG B 295 31.55 -26.56 5.70
N ALA B 296 32.50 -26.85 6.58
CA ALA B 296 32.85 -28.22 6.92
C ALA B 296 31.64 -28.95 7.49
N ALA B 298 28.47 -28.22 6.89
CA ALA B 298 27.47 -28.36 5.83
C ALA B 298 27.81 -29.63 5.05
N GLN B 299 29.10 -29.79 4.74
CA GLN B 299 29.58 -30.96 4.02
C GLN B 299 29.25 -32.19 4.84
N SER B 300 29.62 -32.13 6.12
CA SER B 300 29.40 -33.23 7.04
C SER B 300 27.93 -33.63 7.18
N ASN B 301 27.07 -32.65 7.36
CA ASN B 301 25.65 -32.94 7.51
C ASN B 301 25.04 -33.50 6.22
N ASP B 302 25.49 -32.98 5.08
CA ASP B 302 24.98 -33.39 3.78
C ASP B 302 25.43 -34.77 3.31
N TYR B 303 26.73 -35.06 3.42
CA TYR B 303 27.21 -36.37 2.97
C TYR B 303 26.87 -37.49 3.94
N THR B 304 26.71 -37.18 5.22
CA THR B 304 26.34 -38.19 6.23
C THR B 304 24.83 -38.48 6.13
N LYS B 305 24.03 -37.41 5.98
CA LYS B 305 22.59 -37.54 5.87
C LYS B 305 22.02 -38.44 6.96
N ARG B 306 22.34 -38.11 8.21
CA ARG B 306 21.91 -38.88 9.39
C ARG B 306 20.40 -38.90 9.66
N PHE B 307 19.65 -38.02 9.00
CA PHE B 307 18.20 -37.98 9.20
C PHE B 307 17.46 -38.90 8.24
N THR B 308 18.18 -39.56 7.35
CA THR B 308 17.56 -40.48 6.41
C THR B 308 18.34 -41.81 6.32
N GLN B 309 17.95 -42.66 5.40
CA GLN B 309 18.61 -43.95 5.24
C GLN B 309 18.83 -44.30 3.77
N PRO B 310 19.65 -45.32 3.51
CA PRO B 310 19.91 -45.71 2.12
C PRO B 310 18.58 -46.09 1.43
N TYR B 311 18.40 -45.62 0.19
CA TYR B 311 17.16 -45.93 -0.53
C TYR B 311 17.06 -47.43 -0.73
N TRP B 312 18.16 -48.03 -1.15
CA TRP B 312 18.26 -49.48 -1.35
C TRP B 312 19.26 -50.01 -0.34
N LYS B 313 18.88 -51.02 0.41
CA LYS B 313 19.76 -51.60 1.40
C LYS B 313 21.08 -52.04 0.76
N GLY B 314 22.15 -52.06 1.53
CA GLY B 314 23.43 -52.49 0.99
C GLY B 314 24.07 -51.54 0.00
N THR B 315 23.47 -50.37 -0.22
CA THR B 315 24.04 -49.39 -1.15
C THR B 315 24.19 -48.03 -0.49
N ASN B 316 24.90 -47.12 -1.14
CA ASN B 316 25.07 -45.77 -0.60
C ASN B 316 24.11 -44.82 -1.31
N TRP B 317 23.22 -45.36 -2.12
CA TRP B 317 22.25 -44.53 -2.82
C TRP B 317 21.19 -44.05 -1.84
N LYS B 318 20.89 -42.76 -1.89
CA LYS B 318 19.88 -42.21 -1.00
C LYS B 318 19.06 -41.21 -1.76
N ASP B 319 17.78 -41.12 -1.44
CA ASP B 319 16.94 -40.12 -2.08
C ASP B 319 17.61 -38.83 -1.59
N ALA B 320 17.96 -37.93 -2.50
CA ALA B 320 18.61 -36.68 -2.13
C ALA B 320 17.69 -35.68 -1.42
N ILE B 321 16.39 -35.72 -1.69
CA ILE B 321 15.45 -34.77 -1.08
C ILE B 321 14.74 -35.28 0.17
N SER B 322 15.18 -34.85 1.35
CA SER B 322 14.54 -35.27 2.58
C SER B 322 13.72 -34.14 3.18
N VAL B 323 13.97 -32.93 2.70
CA VAL B 323 13.26 -31.76 3.20
C VAL B 323 11.81 -31.72 2.71
N SER B 324 10.91 -31.17 3.54
CA SER B 324 9.50 -31.03 3.20
C SER B 324 9.31 -29.78 2.36
N LEU B 325 8.18 -29.69 1.66
CA LEU B 325 7.90 -28.53 0.81
C LEU B 325 7.88 -27.24 1.61
N ASP B 326 7.26 -27.26 2.79
CA ASP B 326 7.21 -26.08 3.64
C ASP B 326 8.23 -26.16 4.76
N GLN B 327 9.11 -27.16 4.71
CA GLN B 327 10.15 -27.32 5.72
C GLN B 327 9.65 -27.56 7.14
N ARG B 328 8.42 -28.04 7.28
CA ARG B 328 7.85 -28.30 8.59
C ARG B 328 7.71 -29.78 8.92
N SER B 329 8.33 -30.20 10.00
CA SER B 329 8.14 -31.57 10.46
C SER B 329 7.11 -31.37 11.55
N GLU B 330 6.70 -32.45 12.21
CA GLU B 330 5.70 -32.33 13.25
C GLU B 330 6.07 -31.32 14.35
N ASN B 331 7.22 -31.51 14.99
CA ASN B 331 7.63 -30.62 16.07
C ASN B 331 8.84 -29.70 15.83
N TYR B 332 9.33 -29.61 14.60
CA TYR B 332 10.47 -28.76 14.30
C TYR B 332 10.51 -28.38 12.83
N ASP B 333 11.31 -27.37 12.49
CA ASP B 333 11.48 -26.98 11.10
C ASP B 333 12.79 -27.60 10.69
N GLU B 334 12.77 -28.20 9.50
CA GLU B 334 13.91 -28.92 8.94
C GLU B 334 15.15 -28.14 8.57
N LEU B 335 15.88 -27.70 9.59
CA LEU B 335 17.10 -26.95 9.44
C LEU B 335 18.19 -27.82 8.80
N ASP B 336 18.34 -29.04 9.30
CA ASP B 336 19.36 -29.95 8.80
C ASP B 336 19.01 -30.55 7.45
N GLU B 337 17.76 -30.94 7.27
CA GLU B 337 17.33 -31.52 6.01
C GLU B 337 17.49 -30.51 4.87
N ARG B 338 17.11 -29.27 5.12
CA ARG B 338 17.23 -28.26 4.08
C ARG B 338 18.69 -27.85 3.92
N ALA B 339 19.46 -27.92 5.00
CA ALA B 339 20.87 -27.57 4.94
C ALA B 339 21.61 -28.56 4.04
N ALA B 340 21.23 -29.83 4.11
CA ALA B 340 21.87 -30.86 3.32
C ALA B 340 21.53 -30.78 1.85
N TRP B 341 20.23 -30.85 1.55
CA TRP B 341 19.79 -30.80 0.16
C TRP B 341 20.15 -29.50 -0.55
N PHE B 342 19.87 -28.36 0.06
CA PHE B 342 20.19 -27.09 -0.59
C PHE B 342 21.68 -26.72 -0.59
N TYR B 343 22.50 -27.52 0.07
CA TYR B 343 23.92 -27.27 0.06
C TYR B 343 24.46 -27.72 -1.28
N GLU B 344 23.85 -28.77 -1.82
CA GLU B 344 24.24 -29.37 -3.09
C GLU B 344 23.23 -29.21 -4.23
N ALA B 345 22.05 -28.67 -3.94
CA ALA B 345 21.07 -28.52 -5.00
C ALA B 345 20.20 -27.29 -4.83
N ILE B 346 19.46 -26.96 -5.86
CA ILE B 346 18.58 -25.79 -5.80
C ILE B 346 17.16 -26.16 -6.23
N THR B 347 16.20 -25.72 -5.41
CA THR B 347 14.77 -25.94 -5.57
C THR B 347 14.25 -27.30 -5.08
N VAL B 348 12.94 -27.35 -4.84
CA VAL B 348 12.23 -28.55 -4.42
C VAL B 348 10.78 -28.31 -4.83
N SER B 349 10.01 -29.38 -4.93
CA SER B 349 8.62 -29.28 -5.33
C SER B 349 7.92 -30.61 -5.10
N ARG B 350 6.61 -30.59 -5.26
CA ARG B 350 5.84 -31.81 -5.08
C ARG B 350 6.32 -32.79 -6.16
N GLY B 351 6.53 -32.28 -7.37
CA GLY B 351 6.99 -33.15 -8.44
C GLY B 351 8.34 -33.78 -8.16
N LYS B 353 9.45 -34.89 -5.62
CA LYS B 353 9.30 -35.94 -4.62
C LYS B 353 8.13 -36.82 -5.01
N SER B 354 7.77 -36.75 -6.28
CA SER B 354 6.65 -37.48 -6.86
C SER B 354 6.50 -38.95 -6.52
N THR B 355 5.24 -39.36 -6.34
CA THR B 355 4.88 -40.75 -6.07
C THR B 355 3.77 -41.08 -7.08
N ILE B 356 3.63 -40.18 -8.07
CA ILE B 356 2.64 -40.33 -9.13
C ILE B 356 3.31 -40.97 -10.33
N PRO B 357 2.86 -42.18 -10.71
CA PRO B 357 3.43 -42.91 -11.85
C PRO B 357 3.56 -42.09 -13.12
N GLY B 358 4.78 -42.00 -13.63
CA GLY B 358 5.02 -41.26 -14.86
C GLY B 358 4.97 -39.74 -14.79
N PHE B 359 5.03 -39.18 -13.58
CA PHE B 359 5.00 -37.73 -13.44
C PHE B 359 6.05 -37.27 -12.44
N GLY B 360 6.50 -36.03 -12.61
CA GLY B 360 7.50 -35.49 -11.72
C GLY B 360 8.86 -36.14 -11.94
N GLN B 361 9.71 -36.05 -10.93
CA GLN B 361 11.05 -36.63 -11.01
C GLN B 361 11.50 -37.07 -9.62
N ARG B 362 12.48 -37.95 -9.57
CA ARG B 362 13.04 -38.41 -8.31
C ARG B 362 14.56 -38.36 -8.42
N TYR B 363 15.24 -38.06 -7.32
CA TYR B 363 16.69 -37.93 -7.35
C TYR B 363 17.43 -38.77 -6.33
N LEU B 364 18.31 -39.65 -6.80
CA LEU B 364 19.10 -40.50 -5.91
C LEU B 364 20.55 -40.05 -6.02
N VAL B 365 21.24 -39.98 -4.90
CA VAL B 365 22.62 -39.54 -4.89
C VAL B 365 23.57 -40.49 -4.15
N THR B 366 24.80 -40.58 -4.64
CA THR B 366 25.83 -41.40 -3.99
C THR B 366 27.14 -40.60 -4.10
N TYR B 367 27.90 -40.60 -3.01
CA TYR B 367 29.15 -39.86 -2.94
C TYR B 367 30.34 -40.82 -2.89
N GLN B 368 30.04 -42.11 -2.70
CA GLN B 368 31.09 -43.13 -2.57
C GLN B 368 30.92 -44.33 -3.50
N ASP B 369 31.93 -45.19 -3.52
CA ASP B 369 31.86 -46.40 -4.35
C ASP B 369 31.35 -47.54 -3.48
N SER B 370 31.34 -48.75 -4.02
CA SER B 370 30.87 -49.93 -3.31
C SER B 370 31.74 -50.26 -2.09
N ASP B 371 32.90 -49.64 -1.98
CA ASP B 371 33.78 -49.90 -0.84
C ASP B 371 33.57 -48.81 0.20
N GLY B 372 32.70 -47.86 -0.13
CA GLY B 372 32.44 -46.78 0.80
C GLY B 372 33.44 -45.65 0.63
N ASN B 373 34.38 -45.83 -0.30
CA ASN B 373 35.37 -44.80 -0.55
C ASN B 373 34.81 -43.65 -1.37
N TRP B 374 35.32 -42.46 -1.13
CA TRP B 374 34.87 -41.28 -1.85
C TRP B 374 35.34 -41.34 -3.31
N LEU B 375 34.41 -41.08 -4.22
CA LEU B 375 34.70 -41.11 -5.66
C LEU B 375 35.66 -39.99 -6.03
N SER B 376 36.82 -40.37 -6.58
CA SER B 376 37.82 -39.40 -6.99
C SER B 376 38.10 -39.51 -8.49
N GLY B 377 38.24 -38.35 -9.14
CA GLY B 377 38.46 -38.28 -10.57
C GLY B 377 39.65 -38.95 -11.23
N GLU B 378 40.56 -39.51 -10.45
CA GLU B 378 41.71 -40.17 -11.06
C GLU B 378 41.43 -41.66 -11.27
N HIS B 379 40.48 -42.21 -10.52
CA HIS B 379 40.17 -43.63 -10.66
C HIS B 379 39.06 -43.91 -11.67
N THR B 380 38.99 -45.14 -12.13
CA THR B 380 37.95 -45.54 -13.10
C THR B 380 36.83 -46.23 -12.34
N TYR B 381 35.60 -45.84 -12.65
CA TYR B 381 34.42 -46.43 -12.00
C TYR B 381 33.44 -46.92 -13.05
N LYS B 382 32.52 -47.78 -12.62
CA LYS B 382 31.49 -48.35 -13.49
C LYS B 382 30.16 -48.57 -12.75
N LEU B 383 29.08 -48.04 -13.33
CA LEU B 383 27.74 -48.18 -12.76
C LEU B 383 26.87 -49.01 -13.71
N HIS B 384 26.44 -50.18 -13.24
CA HIS B 384 25.61 -51.07 -14.06
C HIS B 384 24.13 -50.71 -13.91
N VAL B 385 23.57 -50.10 -14.94
CA VAL B 385 22.15 -49.72 -14.92
C VAL B 385 21.33 -50.88 -15.50
N PRO B 386 20.62 -51.64 -14.63
CA PRO B 386 19.79 -52.77 -15.06
C PRO B 386 18.85 -52.38 -16.20
N ALA B 387 18.27 -53.38 -16.85
CA ALA B 387 17.35 -53.13 -17.94
C ALA B 387 16.02 -52.62 -17.39
N ASN B 388 15.18 -52.09 -18.27
CA ASN B 388 13.87 -51.57 -17.92
C ASN B 388 13.91 -50.58 -16.76
N VAL B 389 14.63 -49.48 -16.97
CA VAL B 389 14.76 -48.45 -15.96
C VAL B 389 13.40 -47.84 -15.67
N PRO B 390 12.97 -47.87 -14.40
CA PRO B 390 11.68 -47.32 -13.95
C PRO B 390 11.59 -45.81 -14.17
N ALA B 391 11.44 -45.41 -15.43
CA ALA B 391 11.31 -44.00 -15.79
C ALA B 391 10.60 -43.87 -17.14
N SER B 392 9.61 -43.01 -17.20
CA SER B 392 8.82 -42.81 -18.41
C SER B 392 9.40 -41.88 -19.47
N ASN B 393 9.95 -40.75 -19.05
CA ASN B 393 10.51 -39.80 -19.99
C ASN B 393 11.97 -40.14 -20.29
N PHE B 394 12.81 -40.14 -19.25
CA PHE B 394 14.21 -40.48 -19.43
C PHE B 394 14.88 -40.62 -18.08
N TRP B 395 16.09 -41.17 -18.08
CA TRP B 395 16.88 -41.31 -16.88
C TRP B 395 18.28 -40.86 -17.24
N SER B 396 19.04 -40.38 -16.26
CA SER B 396 20.41 -39.94 -16.54
C SER B 396 21.27 -39.94 -15.27
N THR B 397 22.57 -39.89 -15.48
CA THR B 397 23.55 -39.83 -14.40
C THR B 397 24.42 -38.63 -14.70
N THR B 398 24.46 -37.67 -13.78
CA THR B 398 25.24 -36.47 -14.00
C THR B 398 26.34 -36.38 -12.94
N VAL B 399 27.55 -36.09 -13.37
CA VAL B 399 28.66 -35.98 -12.43
C VAL B 399 28.90 -34.53 -12.05
N TYR B 400 29.10 -34.31 -10.76
CA TYR B 400 29.32 -32.98 -10.22
C TYR B 400 30.59 -32.97 -9.42
N ASP B 401 31.24 -31.81 -9.31
CA ASP B 401 32.46 -31.74 -8.52
C ASP B 401 32.02 -31.47 -7.09
N GLU B 402 32.59 -32.20 -6.15
CA GLU B 402 32.26 -32.03 -4.74
C GLU B 402 32.43 -30.58 -4.28
N ASN B 403 33.61 -30.01 -4.52
CA ASN B 403 33.89 -28.65 -4.08
C ASN B 403 32.78 -27.64 -4.41
N ASN B 404 32.48 -27.46 -5.70
CA ASN B 404 31.45 -26.49 -6.08
C ASN B 404 30.06 -27.05 -6.30
N ARG B 405 29.95 -28.37 -6.38
CA ARG B 405 28.67 -29.04 -6.59
C ARG B 405 28.02 -28.63 -7.91
N LEU B 406 28.86 -28.40 -8.91
CA LEU B 406 28.41 -28.02 -10.25
C LEU B 406 28.77 -29.14 -11.23
N ILE B 408 30.76 -31.13 -13.33
CA ILE B 408 32.21 -31.11 -13.44
C ILE B 408 32.64 -30.71 -14.85
N ILE B 409 33.57 -29.78 -14.90
CA ILE B 409 34.09 -29.28 -16.17
C ILE B 409 35.21 -30.19 -16.66
N ASN B 410 34.95 -30.90 -17.76
CA ASN B 410 35.97 -31.79 -18.30
C ASN B 410 36.36 -31.47 -19.74
N ASP B 411 37.43 -32.13 -20.18
CA ASP B 411 37.96 -31.96 -21.52
C ASP B 411 36.92 -32.26 -22.58
N ALA B 412 36.08 -33.26 -22.32
CA ALA B 412 35.05 -33.67 -23.25
C ALA B 412 33.92 -32.67 -23.42
N GLY B 413 33.60 -31.94 -22.35
CA GLY B 413 32.50 -30.99 -22.41
C GLY B 413 31.19 -31.73 -22.30
N SER B 414 31.25 -32.92 -21.71
CA SER B 414 30.09 -33.78 -21.52
C SER B 414 30.03 -34.21 -20.05
N PRO B 415 29.14 -33.55 -19.27
CA PRO B 415 28.89 -33.76 -17.84
C PRO B 415 28.12 -35.00 -17.43
N ASP B 416 27.33 -35.56 -18.33
CA ASP B 416 26.54 -36.75 -17.97
C ASP B 416 26.27 -37.76 -19.08
N ILE B 417 25.37 -38.68 -18.76
CA ILE B 417 24.95 -39.74 -19.67
C ILE B 417 23.44 -39.90 -19.47
N SER B 418 22.68 -39.76 -20.55
CA SER B 418 21.23 -39.88 -20.44
C SER B 418 20.71 -40.88 -21.45
N SER B 419 19.52 -41.38 -21.17
CA SER B 419 18.85 -42.34 -22.03
C SER B 419 18.82 -41.80 -23.46
N ARG B 420 19.94 -41.95 -24.17
CA ARG B 420 20.06 -41.48 -25.54
C ARG B 420 20.93 -42.42 -26.39
N LYS B 421 21.83 -41.86 -27.19
CA LYS B 421 22.69 -42.68 -28.04
C LYS B 421 23.90 -43.23 -27.30
N ASN B 422 23.77 -44.47 -26.81
CA ASN B 422 24.86 -45.09 -26.08
C ASN B 422 24.83 -46.61 -26.16
N LEU B 423 25.98 -47.23 -25.88
CA LEU B 423 26.10 -48.68 -25.92
C LEU B 423 25.09 -49.32 -24.98
N LYS B 424 24.39 -50.34 -25.47
CA LYS B 424 23.40 -51.03 -24.64
C LYS B 424 23.68 -52.53 -24.64
N VAL B 425 23.91 -53.09 -23.45
CA VAL B 425 24.19 -54.51 -23.33
C VAL B 425 23.05 -55.31 -23.96
N ASN B 426 23.27 -56.60 -24.19
CA ASN B 426 22.25 -57.47 -24.80
C ASN B 426 21.10 -57.79 -23.85
N SER B 427 21.38 -57.91 -22.55
CA SER B 427 20.34 -58.22 -21.58
C SER B 427 19.48 -56.97 -21.38
N ASP B 428 19.79 -55.92 -22.15
CA ASP B 428 19.08 -54.65 -22.09
C ASP B 428 19.64 -53.74 -20.98
N GLY B 429 20.75 -54.17 -20.37
CA GLY B 429 21.37 -53.38 -19.33
C GLY B 429 22.23 -52.29 -19.94
N SER B 430 22.69 -51.35 -19.12
CA SER B 430 23.53 -50.28 -19.64
C SER B 430 24.64 -49.96 -18.64
N ILE B 431 25.88 -50.07 -19.09
CA ILE B 431 27.03 -49.80 -18.24
C ILE B 431 27.63 -48.42 -18.50
N ASP B 432 27.81 -47.66 -17.42
CA ASP B 432 28.37 -46.32 -17.48
C ASP B 432 29.75 -46.31 -16.82
N VAL B 433 30.73 -45.74 -17.50
CA VAL B 433 32.09 -45.69 -16.98
C VAL B 433 32.53 -44.27 -16.62
N TYR B 434 33.17 -44.12 -15.46
CA TYR B 434 33.65 -42.82 -14.99
C TYR B 434 35.17 -42.90 -14.85
N TYR B 435 35.91 -42.02 -15.53
CA TYR B 435 37.36 -42.07 -15.44
C TYR B 435 38.05 -40.88 -16.11
N GLY B 436 39.32 -40.68 -15.76
CA GLY B 436 40.09 -39.58 -16.33
C GLY B 436 40.18 -39.67 -17.85
N PRO B 437 40.74 -40.77 -18.37
CA PRO B 437 40.88 -40.97 -19.81
C PRO B 437 39.55 -41.38 -20.46
N LYS B 438 39.51 -42.57 -21.04
CA LYS B 438 38.29 -43.03 -21.70
C LYS B 438 38.35 -44.50 -22.08
N PRO B 439 37.48 -45.33 -21.48
CA PRO B 439 37.42 -46.77 -21.76
C PRO B 439 37.07 -47.08 -23.21
N VAL B 440 37.80 -48.02 -23.80
CA VAL B 440 37.58 -48.43 -25.19
C VAL B 440 36.25 -49.15 -25.35
N LYS B 441 35.55 -48.82 -26.44
CA LYS B 441 34.24 -49.40 -26.76
C LYS B 441 33.13 -48.75 -25.95
N GLY B 442 33.51 -48.02 -24.90
CA GLY B 442 32.53 -47.35 -24.07
C GLY B 442 32.61 -45.84 -24.22
N TYR B 443 33.00 -45.38 -25.40
CA TYR B 443 33.13 -43.94 -25.67
C TYR B 443 31.78 -43.22 -25.64
N GLU B 444 30.71 -43.97 -25.80
CA GLU B 444 29.38 -43.39 -25.79
C GLU B 444 28.81 -43.39 -24.37
N ASN B 445 29.36 -44.27 -23.54
CA ASN B 445 28.91 -44.42 -22.16
C ASN B 445 30.00 -44.02 -21.17
N ASN B 446 30.86 -43.09 -21.57
CA ASN B 446 31.95 -42.65 -20.71
C ASN B 446 31.77 -41.29 -20.06
N TRP B 447 32.37 -41.15 -18.89
CA TRP B 447 32.33 -39.92 -18.16
C TRP B 447 33.77 -39.53 -17.80
N VAL B 448 34.28 -38.48 -18.44
CA VAL B 448 35.64 -38.07 -18.13
C VAL B 448 35.70 -37.29 -16.81
N GLN B 449 36.43 -37.86 -15.85
CA GLN B 449 36.61 -37.26 -14.54
C GLN B 449 37.80 -36.31 -14.58
N THR B 450 38.30 -35.95 -13.40
CA THR B 450 39.45 -35.07 -13.30
C THR B 450 40.40 -35.57 -12.22
N ASN B 451 41.70 -35.57 -12.52
CA ASN B 451 42.74 -36.02 -11.57
C ASN B 451 42.39 -35.54 -10.15
N PRO B 452 42.73 -36.34 -9.12
CA PRO B 452 42.48 -36.07 -7.70
C PRO B 452 41.50 -34.94 -7.37
N GLY B 453 40.40 -34.89 -8.11
CA GLY B 453 39.38 -33.87 -7.90
C GLY B 453 38.06 -34.60 -7.74
N GLU B 454 37.96 -35.37 -6.66
CA GLU B 454 36.78 -36.15 -6.34
C GLU B 454 35.43 -35.51 -6.67
N GLY B 455 34.44 -36.37 -6.93
CA GLY B 455 33.12 -35.88 -7.25
C GLY B 455 32.02 -36.84 -6.83
N TRP B 456 30.81 -36.56 -7.30
CA TRP B 456 29.65 -37.38 -6.98
C TRP B 456 28.61 -37.17 -8.10
N PHE B 457 27.43 -37.74 -7.93
CA PHE B 457 26.41 -37.62 -8.96
C PHE B 457 25.01 -38.02 -8.53
N THR B 458 24.04 -37.48 -9.25
CA THR B 458 22.66 -37.77 -8.98
C THR B 458 22.11 -38.61 -10.13
N TYR B 459 21.32 -39.62 -9.81
CA TYR B 459 20.74 -40.44 -10.84
C TYR B 459 19.31 -39.91 -11.00
N PHE B 460 19.08 -39.17 -12.08
CA PHE B 460 17.77 -38.58 -12.33
C PHE B 460 16.70 -39.57 -12.86
N ARG B 461 15.50 -39.47 -12.30
CA ARG B 461 14.35 -40.28 -12.70
C ARG B 461 13.30 -39.28 -13.17
N PHE B 462 13.22 -39.03 -14.47
CA PHE B 462 12.19 -38.11 -14.97
C PHE B 462 11.02 -38.96 -15.44
N TYR B 463 9.91 -38.86 -14.69
CA TYR B 463 8.69 -39.61 -14.96
C TYR B 463 8.78 -41.00 -14.32
N GLY B 464 9.25 -41.05 -13.07
CA GLY B 464 9.37 -42.33 -12.38
C GLY B 464 8.08 -43.13 -12.26
N PRO B 465 8.12 -44.45 -12.56
CA PRO B 465 7.04 -45.44 -12.51
C PRO B 465 6.92 -46.11 -11.15
N THR B 466 6.08 -47.14 -11.08
CA THR B 466 5.82 -47.87 -9.86
C THR B 466 6.99 -48.61 -9.21
N GLU B 467 7.74 -49.37 -10.00
CA GLU B 467 8.85 -50.14 -9.46
C GLU B 467 9.96 -49.31 -8.84
N LYS B 468 9.99 -48.01 -9.12
CA LYS B 468 11.02 -47.21 -8.49
C LYS B 468 10.53 -46.86 -7.09
N PHE B 470 8.18 -48.48 -5.32
CA PHE B 470 8.03 -49.74 -4.59
C PHE B 470 9.34 -50.45 -4.24
N ASP B 471 10.45 -50.01 -4.82
CA ASP B 471 11.74 -50.65 -4.59
C ASP B 471 11.78 -52.05 -5.21
N LYS B 472 10.96 -52.26 -6.24
CA LYS B 472 10.91 -53.54 -6.96
C LYS B 472 12.14 -53.59 -7.86
N SER B 473 12.50 -52.43 -8.38
CA SER B 473 13.65 -52.27 -9.26
C SER B 473 14.71 -51.48 -8.50
N TRP B 474 15.92 -52.01 -8.45
CA TRP B 474 17.00 -51.32 -7.75
C TRP B 474 18.33 -51.50 -8.46
N THR B 475 19.32 -50.71 -8.04
CA THR B 475 20.67 -50.73 -8.62
C THR B 475 21.68 -50.82 -7.49
N GLY B 477 25.78 -49.89 -5.94
CA GLY B 477 26.65 -48.74 -5.90
C GLY B 477 27.65 -48.77 -7.04
N ASP B 478 28.45 -47.73 -7.17
CA ASP B 478 29.46 -47.69 -8.21
C ASP B 478 30.65 -48.53 -7.75
N ILE B 479 31.18 -49.34 -8.65
CA ILE B 479 32.32 -50.19 -8.31
C ILE B 479 33.64 -49.64 -8.89
N GLU B 480 34.70 -49.77 -8.10
CA GLU B 480 36.01 -49.32 -8.50
C GLU B 480 36.58 -50.28 -9.55
N LEU B 481 37.31 -49.74 -10.52
CA LEU B 481 37.90 -50.56 -11.57
C LEU B 481 39.42 -50.42 -11.60
N VAL B 482 39.89 -49.25 -12.02
CA VAL B 482 41.32 -48.98 -12.09
C VAL B 482 41.79 -48.12 -10.92
N LYS B 483 42.98 -48.43 -10.42
CA LYS B 483 43.57 -47.71 -9.28
C LYS B 483 44.24 -46.40 -9.75
N GLU C 23 8.59 6.74 5.63
CA GLU C 23 7.87 6.83 4.33
C GLU C 23 6.94 5.64 4.14
N THR C 24 5.80 5.89 3.50
CA THR C 24 4.83 4.83 3.21
C THR C 24 4.51 4.90 1.72
N VAL C 25 4.30 3.74 1.11
CA VAL C 25 4.00 3.69 -0.31
C VAL C 25 2.65 3.05 -0.59
N VAL C 26 1.86 3.69 -1.44
CA VAL C 26 0.55 3.20 -1.82
C VAL C 26 0.56 2.99 -3.33
N PRO C 27 0.39 1.73 -3.77
CA PRO C 27 0.40 1.47 -5.22
C PRO C 27 -0.91 1.95 -5.83
N SER C 28 -0.86 2.36 -7.09
CA SER C 28 -2.06 2.84 -7.76
C SER C 28 -1.93 2.56 -9.26
N ARG C 29 -3.00 2.77 -10.00
CA ARG C 29 -2.95 2.53 -11.43
C ARG C 29 -2.22 3.66 -12.16
N VAL C 30 -1.74 4.66 -11.42
CA VAL C 30 -0.99 5.76 -12.03
C VAL C 30 0.42 5.83 -11.45
N GLY C 31 0.79 4.79 -10.70
CA GLY C 31 2.11 4.76 -10.11
C GLY C 31 2.07 4.71 -8.58
N ASP C 32 3.23 4.45 -7.97
CA ASP C 32 3.34 4.37 -6.53
C ASP C 32 3.16 5.76 -5.91
N LEU C 33 2.40 5.82 -4.83
CA LEU C 33 2.15 7.08 -4.12
C LEU C 33 2.94 7.06 -2.80
N LYS C 34 3.97 7.89 -2.70
CA LYS C 34 4.83 7.93 -1.51
C LYS C 34 4.48 9.04 -0.53
N PHE C 35 4.41 8.67 0.75
CA PHE C 35 4.06 9.59 1.81
C PHE C 35 5.10 9.62 2.93
N GLU C 36 5.36 10.83 3.44
CA GLU C 36 6.30 11.05 4.53
C GLU C 36 5.50 11.66 5.68
N SER C 37 5.29 10.87 6.73
CA SER C 37 4.51 11.35 7.87
C SER C 37 3.12 11.76 7.38
N ASP C 38 2.48 10.87 6.62
CA ASP C 38 1.14 11.07 6.07
C ASP C 38 1.07 12.09 4.92
N PHE C 39 1.97 13.06 4.93
CA PHE C 39 2.00 14.04 3.86
C PHE C 39 2.55 13.36 2.59
N PRO C 40 2.12 13.80 1.41
CA PRO C 40 2.69 13.15 0.23
C PRO C 40 4.10 13.71 0.06
N THR C 41 5.02 12.92 -0.49
CA THR C 41 6.38 13.41 -0.68
C THR C 41 6.39 14.52 -1.73
N GLN C 42 7.42 15.35 -1.74
CA GLN C 42 7.49 16.43 -2.72
C GLN C 42 7.39 15.83 -4.12
N GLU C 43 8.11 14.74 -4.37
CA GLU C 43 8.09 14.09 -5.67
C GLU C 43 6.68 13.60 -5.99
N THR C 44 6.00 13.08 -4.97
CA THR C 44 4.64 12.58 -5.14
C THR C 44 3.68 13.70 -5.52
N LYS C 46 4.51 16.50 -7.04
CA LYS C 46 4.86 16.90 -8.40
C LYS C 46 4.24 15.88 -9.38
N ASN C 47 4.26 14.61 -9.00
CA ASN C 47 3.71 13.53 -9.82
C ASN C 47 2.18 13.62 -9.90
N LEU C 49 0.27 16.38 -9.38
CA LEU C 49 -0.16 17.58 -10.09
C LEU C 49 0.03 17.41 -11.61
N ASN C 50 1.09 16.70 -11.99
CA ASN C 50 1.37 16.43 -13.40
C ASN C 50 0.28 15.52 -13.97
N GLU C 51 -0.07 14.49 -13.20
CA GLU C 51 -1.11 13.55 -13.62
C GLU C 51 -2.44 14.30 -13.71
N ASP C 53 -2.98 17.46 -14.27
CA ASP C 53 -2.99 18.29 -15.45
C ASP C 53 -3.13 17.47 -16.73
N PHE C 54 -2.56 16.28 -16.74
CA PHE C 54 -2.65 15.41 -17.91
C PHE C 54 -4.08 14.87 -18.09
N GLN C 55 -4.70 14.46 -16.99
CA GLN C 55 -6.06 13.93 -17.05
C GLN C 55 -7.01 15.02 -17.54
N ARG C 56 -6.85 16.22 -17.00
CA ARG C 56 -7.69 17.35 -17.39
C ARG C 56 -7.49 17.72 -18.84
N ALA C 57 -6.25 17.74 -19.30
CA ALA C 57 -5.98 18.09 -20.69
C ALA C 57 -6.58 17.00 -21.59
N THR C 58 -6.37 15.75 -21.23
CA THR C 58 -6.92 14.65 -22.02
C THR C 58 -8.44 14.77 -22.15
N GLN C 59 -9.11 15.13 -21.05
CA GLN C 59 -10.56 15.26 -21.10
C GLN C 59 -11.00 16.51 -21.82
N ALA C 60 -10.18 17.56 -21.77
CA ALA C 60 -10.50 18.81 -22.46
C ALA C 60 -10.42 18.58 -23.98
N TYR C 61 -9.58 17.63 -24.37
CA TYR C 61 -9.43 17.30 -25.79
C TYR C 61 -10.78 16.85 -26.34
N LEU C 62 -11.42 15.94 -25.60
CA LEU C 62 -12.72 15.41 -26.00
C LEU C 62 -13.75 16.53 -25.98
N TRP C 63 -13.65 17.40 -24.97
CA TRP C 63 -14.55 18.53 -24.81
C TRP C 63 -14.49 19.44 -26.03
N GLY C 64 -13.28 19.60 -26.56
CA GLY C 64 -13.06 20.48 -27.69
C GLY C 64 -13.24 19.98 -29.12
N ILE C 65 -13.59 18.71 -29.30
CA ILE C 65 -13.77 18.16 -30.64
C ILE C 65 -14.64 19.03 -31.56
N PRO C 66 -15.90 19.32 -31.15
CA PRO C 66 -16.81 20.15 -31.96
C PRO C 66 -16.32 21.53 -32.39
N ALA C 67 -15.83 22.30 -31.44
CA ALA C 67 -15.35 23.64 -31.72
C ALA C 67 -14.08 23.64 -32.56
N SER C 68 -13.24 22.62 -32.41
CA SER C 68 -11.99 22.53 -33.18
C SER C 68 -12.28 22.43 -34.67
N SER C 69 -13.27 21.62 -35.02
CA SER C 69 -13.63 21.41 -36.42
C SER C 69 -14.06 22.71 -37.08
N ILE C 70 -14.85 23.49 -36.36
CA ILE C 70 -15.34 24.77 -36.90
C ILE C 70 -14.25 25.83 -36.93
N GLU C 72 -10.93 25.39 -37.24
CA GLU C 72 -9.98 25.12 -38.31
C GLU C 72 -10.57 25.45 -39.69
N TRP C 73 -11.87 25.31 -39.85
CA TRP C 73 -12.50 25.62 -41.14
C TRP C 73 -12.41 27.12 -41.34
N LEU C 74 -12.64 27.88 -40.27
CA LEU C 74 -12.56 29.33 -40.34
C LEU C 74 -11.12 29.77 -40.61
N ASN C 75 -10.15 29.03 -40.07
CA ASN C 75 -8.74 29.35 -40.31
C ASN C 75 -8.41 29.10 -41.78
N VAL C 76 -8.96 28.02 -42.33
CA VAL C 76 -8.70 27.71 -43.73
C VAL C 76 -9.33 28.80 -44.61
N SER C 77 -10.53 29.24 -44.25
CA SER C 77 -11.25 30.28 -44.99
C SER C 77 -10.53 31.63 -44.98
N ARG C 78 -10.06 32.01 -43.80
CA ARG C 78 -9.36 33.27 -43.60
C ARG C 78 -7.98 33.33 -44.24
N ASN C 79 -7.16 32.32 -43.95
CA ASN C 79 -5.78 32.28 -44.42
C ASN C 79 -5.45 31.51 -45.68
N ASP C 80 -6.24 30.50 -46.00
CA ASP C 80 -5.97 29.70 -47.19
C ASP C 80 -6.89 30.13 -48.34
N PHE C 81 -8.19 30.03 -48.14
CA PHE C 81 -9.11 30.45 -49.19
C PHE C 81 -9.03 31.96 -49.37
N LYS C 82 -8.72 32.67 -48.29
CA LYS C 82 -8.62 34.12 -48.30
C LYS C 82 -9.97 34.77 -48.58
N PHE C 83 -11.03 34.22 -47.99
CA PHE C 83 -12.36 34.79 -48.15
C PHE C 83 -12.53 35.89 -47.11
N GLU C 84 -13.36 36.88 -47.41
CA GLU C 84 -13.60 37.97 -46.48
C GLU C 84 -14.29 37.37 -45.25
N GLU C 85 -14.12 38.02 -44.09
CA GLU C 85 -14.78 37.55 -42.88
C GLU C 85 -16.27 37.64 -43.10
N GLY C 86 -16.95 36.50 -43.08
CA GLY C 86 -18.39 36.52 -43.30
C GLY C 86 -18.78 36.03 -44.67
N GLN C 87 -17.79 35.83 -45.54
CA GLN C 87 -18.05 35.37 -46.88
C GLN C 87 -18.40 33.88 -46.97
N GLY C 89 -18.87 30.20 -49.09
CA GLY C 89 -18.08 29.46 -50.06
C GLY C 89 -18.91 28.40 -50.76
N PHE C 90 -18.62 28.18 -52.05
CA PHE C 90 -19.34 27.18 -52.81
C PHE C 90 -18.47 25.94 -52.98
N PHE C 91 -18.93 24.82 -52.44
CA PHE C 91 -18.19 23.56 -52.53
C PHE C 91 -19.03 22.55 -53.33
N ASN C 92 -18.59 22.23 -54.54
CA ASN C 92 -19.33 21.29 -55.39
C ASN C 92 -18.48 20.18 -56.01
N THR C 93 -17.28 20.53 -56.49
CA THR C 93 -16.40 19.56 -57.10
C THR C 93 -15.74 18.69 -56.03
N LEU C 94 -15.24 17.53 -56.43
CA LEU C 94 -14.59 16.63 -55.51
C LEU C 94 -13.45 17.35 -54.78
N LYS C 95 -12.62 18.05 -55.55
CA LYS C 95 -11.49 18.79 -55.00
C LYS C 95 -11.98 19.77 -53.92
N GLN C 96 -13.06 20.48 -54.22
CA GLN C 96 -13.63 21.45 -53.29
C GLN C 96 -14.16 20.76 -52.02
N LYS C 97 -14.93 19.69 -52.20
CA LYS C 97 -15.51 18.95 -51.09
C LYS C 97 -14.58 17.99 -50.34
N GLN C 98 -13.48 17.59 -50.97
CA GLN C 98 -12.54 16.64 -50.36
C GLN C 98 -12.15 16.93 -48.91
N GLY C 99 -11.95 18.20 -48.58
CA GLY C 99 -11.55 18.54 -47.23
C GLY C 99 -12.66 18.51 -46.19
N ILE C 100 -13.91 18.37 -46.63
CA ILE C 100 -15.03 18.37 -45.68
C ILE C 100 -15.25 16.98 -45.07
N ILE C 101 -15.13 16.92 -43.75
CA ILE C 101 -15.29 15.67 -43.02
C ILE C 101 -16.64 15.03 -43.37
N THR C 102 -16.59 13.73 -43.73
CA THR C 102 -17.76 12.97 -44.16
C THR C 102 -18.77 13.76 -45.00
N ALA C 103 -18.28 14.41 -46.06
CA ALA C 103 -19.16 15.17 -46.93
C ALA C 103 -19.77 14.24 -47.96
N ASN C 104 -20.89 14.65 -48.56
CA ASN C 104 -21.52 13.83 -49.60
C ASN C 104 -21.06 14.38 -50.96
N PHE C 105 -21.09 13.54 -51.99
CA PHE C 105 -20.65 13.92 -53.33
C PHE C 105 -21.88 14.01 -54.24
N THR C 106 -22.96 14.59 -53.72
CA THR C 106 -24.21 14.70 -54.46
C THR C 106 -24.83 16.11 -54.48
N THR C 107 -25.09 16.68 -53.31
CA THR C 107 -25.70 18.01 -53.23
C THR C 107 -24.67 19.13 -53.14
N PRO C 108 -24.81 20.16 -53.97
CA PRO C 108 -23.90 21.31 -53.97
C PRO C 108 -23.92 21.99 -52.59
N TYR C 109 -22.74 22.32 -52.08
CA TYR C 109 -22.63 22.98 -50.77
C TYR C 109 -22.39 24.49 -50.83
N VAL C 110 -23.11 25.22 -49.97
CA VAL C 110 -22.93 26.66 -49.83
C VAL C 110 -22.68 26.79 -48.34
N ILE C 111 -21.41 26.93 -47.97
CA ILE C 111 -21.04 27.00 -46.56
C ILE C 111 -20.09 28.15 -46.20
N GLY C 112 -20.13 28.57 -44.95
CA GLY C 112 -19.26 29.64 -44.51
C GLY C 112 -19.14 29.69 -43.00
N THR C 113 -18.13 30.40 -42.52
CA THR C 113 -17.91 30.52 -41.08
C THR C 113 -17.21 31.84 -40.82
N TRP C 114 -17.58 32.50 -39.73
CA TRP C 114 -16.98 33.79 -39.41
C TRP C 114 -17.13 34.11 -37.93
N ASN C 115 -16.46 35.17 -37.49
CA ASN C 115 -16.50 35.62 -36.10
C ASN C 115 -17.33 36.89 -36.01
N LEU C 116 -18.49 36.81 -35.36
CA LEU C 116 -19.37 37.97 -35.21
C LEU C 116 -18.71 39.22 -34.64
N GLU C 117 -17.72 39.04 -33.78
CA GLU C 117 -17.03 40.17 -33.17
C GLU C 117 -16.29 40.93 -34.26
N LYS C 118 -15.87 40.22 -35.30
CA LYS C 118 -15.14 40.86 -36.39
C LYS C 118 -16.09 41.44 -37.43
N THR C 119 -17.16 40.73 -37.76
CA THR C 119 -18.08 41.21 -38.78
C THR C 119 -19.10 42.20 -38.27
N GLY C 120 -19.47 42.09 -37.00
CA GLY C 120 -20.49 42.95 -36.45
C GLY C 120 -21.76 42.25 -36.91
N PRO C 121 -22.96 42.83 -36.69
CA PRO C 121 -24.14 42.09 -37.15
C PRO C 121 -24.02 41.72 -38.63
N LEU C 122 -24.40 40.49 -38.97
CA LEU C 122 -24.30 40.02 -40.35
C LEU C 122 -25.61 39.38 -40.84
N ILE C 123 -26.02 39.77 -42.05
CA ILE C 123 -27.25 39.28 -42.63
C ILE C 123 -27.04 38.13 -43.61
N ILE C 124 -27.98 37.21 -43.61
CA ILE C 124 -27.95 36.11 -44.55
C ILE C 124 -29.18 36.37 -45.42
N ASN C 125 -28.95 36.69 -46.69
CA ASN C 125 -30.04 36.93 -47.61
C ASN C 125 -30.26 35.61 -48.35
N LEU C 126 -31.34 34.92 -48.00
CA LEU C 126 -31.65 33.65 -48.65
C LEU C 126 -32.81 33.78 -49.62
N PRO C 127 -32.63 33.29 -50.85
CA PRO C 127 -33.69 33.36 -51.85
C PRO C 127 -34.70 32.25 -51.58
N GLU C 128 -35.61 32.06 -52.53
CA GLU C 128 -36.60 31.00 -52.43
C GLU C 128 -35.94 29.80 -53.09
N ALA C 129 -35.97 28.65 -52.44
CA ALA C 129 -35.36 27.46 -53.00
C ALA C 129 -35.47 26.26 -52.08
N LYS C 130 -35.44 25.07 -52.66
CA LYS C 130 -35.54 23.84 -51.90
C LYS C 130 -34.13 23.45 -51.44
N ALA C 132 -31.43 22.59 -47.81
CA ALA C 132 -31.34 22.01 -46.46
C ALA C 132 -30.14 22.65 -45.82
N GLY C 133 -30.37 23.46 -44.78
CA GLY C 133 -29.26 24.13 -44.13
C GLY C 133 -29.54 24.47 -42.69
N LEU C 136 -25.18 27.27 -36.98
CA LEU C 136 -24.57 26.64 -35.81
C LEU C 136 -23.68 27.64 -35.05
N ASP C 137 -23.41 27.36 -33.78
CA ASP C 137 -22.50 28.21 -33.03
C ASP C 137 -21.15 27.46 -33.06
N VAL C 138 -20.14 27.98 -32.39
CA VAL C 138 -18.81 27.35 -32.45
C VAL C 138 -18.75 25.90 -31.96
N HIS C 139 -19.67 25.53 -31.07
CA HIS C 139 -19.68 24.17 -30.53
C HIS C 139 -20.64 23.23 -31.27
N GLN C 140 -21.20 23.67 -32.39
CA GLN C 140 -22.12 22.85 -33.18
C GLN C 140 -23.54 22.85 -32.64
N ARG C 141 -23.87 23.75 -31.72
CA ARG C 141 -25.25 23.77 -31.25
C ARG C 141 -26.03 24.42 -32.40
N VAL C 142 -27.29 24.03 -32.58
CA VAL C 142 -28.09 24.58 -33.66
C VAL C 142 -28.83 25.85 -33.26
N LEU C 143 -28.61 26.93 -33.99
CA LEU C 143 -29.28 28.20 -33.71
C LEU C 143 -30.58 28.27 -34.50
N SER C 144 -30.60 27.58 -35.63
CA SER C 144 -31.79 27.55 -36.48
C SER C 144 -31.53 26.74 -37.73
N ASP C 145 -32.60 26.17 -38.29
CA ASP C 145 -32.48 25.43 -39.53
C ASP C 145 -32.69 26.52 -40.58
N LEU C 146 -32.29 26.24 -41.81
CA LEU C 146 -32.43 27.22 -42.89
C LEU C 146 -33.16 26.66 -44.09
N SER C 147 -34.09 27.45 -44.64
CA SER C 147 -34.86 27.07 -45.82
C SER C 147 -36.05 26.17 -45.54
N LEU C 148 -36.20 25.12 -46.34
CA LEU C 148 -37.32 24.19 -46.23
C LEU C 148 -37.80 23.87 -44.82
N LEU C 149 -36.89 23.42 -43.96
CA LEU C 149 -37.26 23.10 -42.59
C LEU C 149 -36.96 24.28 -41.67
N GLY C 150 -36.43 25.35 -42.25
CA GLY C 150 -36.12 26.53 -41.46
C GLY C 150 -37.37 27.38 -41.36
N PRO C 151 -37.29 28.57 -40.75
CA PRO C 151 -38.47 29.44 -40.63
C PRO C 151 -38.96 30.05 -41.95
N ASP C 152 -38.06 30.17 -42.94
CA ASP C 152 -38.49 30.73 -44.22
C ASP C 152 -39.25 29.70 -45.05
N LYS C 153 -39.30 28.46 -44.58
CA LYS C 153 -40.01 27.38 -45.26
C LYS C 153 -39.47 27.13 -46.67
N GLY C 154 -38.38 27.79 -47.02
CA GLY C 154 -37.83 27.61 -48.36
C GLY C 154 -38.31 28.72 -49.27
N LYS C 155 -39.07 29.65 -48.72
CA LYS C 155 -39.59 30.77 -49.50
C LYS C 155 -38.53 31.85 -49.60
N GLY C 156 -37.65 31.92 -48.60
CA GLY C 156 -36.61 32.92 -48.61
C GLY C 156 -36.86 33.98 -47.57
N GLY C 157 -35.79 34.67 -47.17
CA GLY C 157 -35.91 35.71 -46.17
C GLY C 157 -34.53 36.20 -45.76
N LYS C 158 -34.51 37.09 -44.78
CA LYS C 158 -33.26 37.65 -44.28
C LYS C 158 -33.00 37.24 -42.84
N TYR C 159 -31.89 36.55 -42.63
CA TYR C 159 -31.50 36.11 -41.30
C TYR C 159 -30.46 37.05 -40.70
N LEU C 160 -30.80 37.67 -39.58
CA LEU C 160 -29.87 38.59 -38.92
C LEU C 160 -29.12 37.88 -37.79
N ILE C 161 -27.83 37.62 -38.00
CA ILE C 161 -27.00 36.97 -36.99
C ILE C 161 -26.41 38.06 -36.10
N VAL C 162 -26.85 38.08 -34.85
CA VAL C 162 -26.42 39.10 -33.90
C VAL C 162 -25.30 38.63 -32.98
N PRO C 163 -24.28 39.49 -32.78
CA PRO C 163 -23.14 39.16 -31.92
C PRO C 163 -23.62 39.08 -30.48
N PRO C 164 -23.05 38.16 -29.68
CA PRO C 164 -23.44 37.99 -28.28
C PRO C 164 -23.07 39.15 -27.35
N GLY C 165 -22.22 40.06 -27.79
CA GLY C 165 -21.85 41.19 -26.95
C GLY C 165 -23.07 41.94 -26.45
N GLU C 166 -22.94 42.63 -25.31
CA GLU C 166 -24.07 43.38 -24.76
C GLU C 166 -24.44 44.60 -25.58
N LYS C 167 -23.53 45.06 -26.43
CA LYS C 167 -23.77 46.24 -27.26
C LYS C 167 -24.97 46.04 -28.20
N TYR C 168 -25.25 44.79 -28.54
CA TYR C 168 -26.35 44.45 -29.44
C TYR C 168 -27.50 43.73 -28.75
N LYS C 169 -27.53 43.78 -27.43
CA LYS C 169 -28.57 43.11 -26.64
C LYS C 169 -29.99 43.56 -26.95
N ASP C 170 -30.15 44.84 -27.32
CA ASP C 170 -31.47 45.38 -27.63
C ASP C 170 -31.74 45.41 -29.14
N LEU C 171 -30.90 44.76 -29.93
CA LEU C 171 -31.06 44.75 -31.38
C LEU C 171 -32.16 43.79 -31.83
N ASN C 172 -33.14 44.32 -32.55
CA ASN C 172 -34.25 43.49 -33.01
C ASN C 172 -34.95 44.17 -34.19
N PRO C 173 -34.22 44.37 -35.30
CA PRO C 173 -34.75 45.01 -36.52
C PRO C 173 -35.95 44.29 -37.09
N LYS C 174 -36.91 45.04 -37.62
CA LYS C 174 -38.11 44.44 -38.20
C LYS C 174 -37.80 43.88 -39.59
N GLY C 175 -38.44 42.77 -39.93
CA GLY C 175 -38.24 42.16 -41.23
C GLY C 175 -37.13 41.12 -41.31
N TYR C 176 -36.51 40.82 -40.18
CA TYR C 176 -35.44 39.83 -40.15
C TYR C 176 -35.68 38.71 -39.15
N TYR C 177 -35.21 37.52 -39.49
CA TYR C 177 -35.28 36.37 -38.60
C TYR C 177 -34.02 36.57 -37.75
N VAL C 178 -34.16 37.30 -36.65
CA VAL C 178 -33.03 37.61 -35.77
C VAL C 178 -32.49 36.40 -35.00
N ILE C 179 -31.25 36.03 -35.27
CA ILE C 179 -30.62 34.90 -34.61
C ILE C 179 -29.58 35.39 -33.58
N ARG C 180 -29.65 34.87 -32.36
CA ARG C 180 -28.74 35.28 -31.30
C ARG C 180 -27.84 34.17 -30.74
N PRO C 181 -26.68 33.93 -31.37
CA PRO C 181 -25.74 32.90 -30.92
C PRO C 181 -25.14 33.27 -29.56
N LYS C 182 -24.75 32.26 -28.82
CA LYS C 182 -24.16 32.47 -27.50
C LYS C 182 -22.66 32.72 -27.63
N THR C 183 -22.11 32.39 -28.80
CA THR C 183 -20.67 32.57 -29.06
C THR C 183 -20.44 33.49 -30.27
N ASN C 184 -19.17 33.76 -30.57
CA ASN C 184 -18.79 34.65 -31.68
C ASN C 184 -18.59 33.93 -33.00
N VAL C 185 -17.89 32.81 -32.96
CA VAL C 185 -17.63 32.06 -34.16
C VAL C 185 -18.84 31.23 -34.54
N VAL C 186 -19.49 31.59 -35.63
CA VAL C 186 -20.68 30.87 -36.08
C VAL C 186 -20.46 30.17 -37.40
N TYR C 187 -21.46 29.39 -37.82
CA TYR C 187 -21.34 28.62 -39.04
C TYR C 187 -22.64 28.58 -39.82
N GLY C 188 -22.53 28.73 -41.13
CA GLY C 188 -23.69 28.69 -42.01
C GLY C 188 -23.51 27.62 -43.07
N GLY C 189 -24.49 26.74 -43.21
CA GLY C 189 -24.38 25.69 -44.20
C GLY C 189 -25.67 25.57 -44.99
N ILE C 190 -25.55 25.28 -46.28
CA ILE C 190 -26.73 25.11 -47.11
C ILE C 190 -26.46 24.10 -48.23
N ARG C 191 -27.48 23.32 -48.56
CA ARG C 191 -27.35 22.32 -49.61
C ARG C 191 -28.50 22.45 -50.61
N ILE C 192 -28.19 22.26 -51.88
CA ILE C 192 -29.21 22.34 -52.92
C ILE C 192 -29.70 20.91 -53.13
N LEU C 193 -30.99 20.71 -52.88
CA LEU C 193 -31.60 19.39 -52.98
C LEU C 193 -32.12 18.95 -54.34
N GLU C 194 -32.37 19.91 -55.23
CA GLU C 194 -32.89 19.60 -56.56
C GLU C 194 -31.93 18.80 -57.42
N PRO C 195 -32.44 17.78 -58.13
CA PRO C 195 -31.62 16.94 -58.99
C PRO C 195 -31.04 17.68 -60.19
N ASP C 196 -31.66 18.78 -60.60
CA ASP C 196 -31.15 19.55 -61.74
C ASP C 196 -30.05 20.48 -61.20
N VAL C 197 -28.93 19.89 -60.79
CA VAL C 197 -27.81 20.63 -60.21
C VAL C 197 -27.39 21.92 -60.91
N ASP C 198 -26.66 21.81 -62.02
CA ASP C 198 -26.18 22.98 -62.76
C ASP C 198 -27.22 24.07 -62.99
N ARG C 199 -28.42 23.66 -63.39
CA ARG C 199 -29.48 24.63 -63.63
C ARG C 199 -29.84 25.41 -62.37
N VAL C 200 -30.26 24.69 -61.34
CA VAL C 200 -30.66 25.31 -60.08
C VAL C 200 -29.53 26.13 -59.45
N VAL C 201 -28.31 25.62 -59.53
CA VAL C 201 -27.16 26.31 -58.98
C VAL C 201 -27.00 27.71 -59.57
N LYS C 202 -27.06 27.81 -60.89
CA LYS C 202 -26.92 29.08 -61.59
C LYS C 202 -28.02 30.08 -61.28
N GLN C 203 -29.18 29.57 -60.86
CA GLN C 203 -30.32 30.43 -60.56
C GLN C 203 -30.48 30.75 -59.07
N VAL C 204 -29.84 29.98 -58.21
CA VAL C 204 -29.96 30.20 -56.77
C VAL C 204 -28.72 30.79 -56.11
N VAL C 205 -27.56 30.18 -56.34
CA VAL C 205 -26.33 30.64 -55.71
C VAL C 205 -26.01 32.14 -55.84
N PRO C 206 -26.08 32.69 -57.06
CA PRO C 206 -25.78 34.12 -57.21
C PRO C 206 -26.72 34.97 -56.37
N ASN C 207 -27.79 34.36 -55.90
CA ASN C 207 -28.79 35.06 -55.10
C ASN C 207 -28.64 34.92 -53.59
N ILE C 208 -27.68 34.12 -53.15
CA ILE C 208 -27.44 33.95 -51.73
C ILE C 208 -26.28 34.86 -51.39
N THR C 209 -26.45 35.74 -50.42
CA THR C 209 -25.38 36.65 -50.03
C THR C 209 -25.33 36.92 -48.53
N THR C 210 -24.19 37.38 -48.05
CA THR C 210 -24.06 37.77 -46.65
C THR C 210 -23.87 39.27 -46.73
N GLN C 211 -24.21 39.98 -45.65
CA GLN C 211 -24.11 41.43 -45.70
C GLN C 211 -24.06 42.05 -44.31
N PRO C 212 -23.07 42.92 -44.08
CA PRO C 212 -22.87 43.61 -42.80
C PRO C 212 -24.03 44.55 -42.48
N TYR C 213 -24.45 44.56 -41.22
CA TYR C 213 -25.52 45.43 -40.75
C TYR C 213 -25.04 46.16 -39.51
N ALA C 214 -24.93 47.48 -39.61
CA ALA C 214 -24.48 48.28 -38.49
C ALA C 214 -25.39 49.49 -38.35
N ASP C 215 -26.04 49.58 -37.19
CA ASP C 215 -26.95 50.68 -36.90
C ASP C 215 -27.85 51.11 -38.06
N GLY C 216 -28.63 50.16 -38.57
CA GLY C 216 -29.54 50.47 -39.66
C GLY C 216 -28.91 50.58 -41.03
N LYS C 217 -27.61 50.85 -41.07
CA LYS C 217 -26.90 50.98 -42.33
C LYS C 217 -26.42 49.60 -42.82
N LEU C 218 -26.48 49.38 -44.12
CA LEU C 218 -26.05 48.11 -44.68
C LEU C 218 -24.76 48.26 -45.47
N GLY C 219 -23.88 47.26 -45.36
CA GLY C 219 -22.64 47.30 -46.10
C GLY C 219 -22.88 46.62 -47.44
N ARG C 220 -21.83 46.50 -48.24
CA ARG C 220 -21.95 45.85 -49.53
C ARG C 220 -22.23 44.37 -49.39
N LYS C 221 -22.99 43.83 -50.34
CA LYS C 221 -23.32 42.42 -50.34
C LYS C 221 -22.06 41.61 -50.60
N ILE C 222 -21.83 40.58 -49.79
CA ILE C 222 -20.67 39.72 -49.96
C ILE C 222 -21.15 38.49 -50.72
N PRO C 223 -20.78 38.38 -52.01
CA PRO C 223 -21.20 37.23 -52.82
C PRO C 223 -20.53 35.93 -52.40
N VAL C 224 -21.19 34.81 -52.66
CA VAL C 224 -20.62 33.50 -52.35
C VAL C 224 -19.43 33.31 -53.29
N ALA C 225 -18.25 33.07 -52.74
CA ALA C 225 -17.06 32.89 -53.58
C ALA C 225 -16.83 31.42 -53.85
N GLN C 226 -16.31 31.10 -55.03
CA GLN C 226 -16.02 29.72 -55.35
C GLN C 226 -14.79 29.21 -54.60
N VAL C 227 -14.90 28.02 -54.03
CA VAL C 227 -13.79 27.44 -53.32
C VAL C 227 -12.71 27.15 -54.35
N PRO C 228 -11.51 27.71 -54.14
CA PRO C 228 -10.36 27.55 -55.05
C PRO C 228 -9.92 26.10 -55.19
N GLU C 229 -8.99 25.88 -56.11
CA GLU C 229 -8.43 24.55 -56.34
C GLU C 229 -7.26 24.46 -55.36
N ILE C 230 -7.52 23.89 -54.20
CA ILE C 230 -6.49 23.77 -53.18
C ILE C 230 -6.70 22.54 -52.31
N ASP C 231 -5.61 21.92 -51.89
CA ASP C 231 -5.67 20.76 -51.01
C ASP C 231 -5.87 21.32 -49.61
N TRP C 232 -6.95 20.91 -48.94
CA TRP C 232 -7.23 21.43 -47.61
C TRP C 232 -8.12 20.47 -46.82
N THR C 233 -8.44 20.90 -45.59
CA THR C 233 -9.32 20.15 -44.69
C THR C 233 -9.48 20.94 -43.39
N HIS C 234 -10.63 20.81 -42.75
CA HIS C 234 -10.90 21.54 -41.51
C HIS C 234 -10.88 20.61 -40.30
N ILE C 235 -10.49 19.37 -40.54
CA ILE C 235 -10.42 18.36 -39.49
C ILE C 235 -9.58 18.84 -38.30
N PRO C 236 -9.94 18.42 -37.08
CA PRO C 236 -9.15 18.84 -35.91
C PRO C 236 -7.73 18.36 -36.12
N LYS C 237 -6.76 19.16 -35.67
CA LYS C 237 -5.35 18.82 -35.82
C LYS C 237 -4.85 18.03 -34.61
N ASP C 238 -3.56 17.70 -34.59
CA ASP C 238 -3.02 16.94 -33.47
C ASP C 238 -1.80 17.59 -32.81
N GLY C 239 -1.24 16.93 -31.81
CA GLY C 239 -0.08 17.46 -31.14
C GLY C 239 -0.38 18.79 -30.49
N LEU C 240 0.56 19.72 -30.55
CA LEU C 240 0.38 21.04 -29.96
C LEU C 240 -0.51 21.93 -30.82
N GLU C 241 -0.65 21.56 -32.10
CA GLU C 241 -1.49 22.34 -33.01
C GLU C 241 -2.94 22.31 -32.56
N TYR C 242 -3.36 21.17 -32.02
CA TYR C 242 -4.72 21.02 -31.54
C TYR C 242 -4.96 22.03 -30.40
N TRP C 243 -3.99 22.14 -29.50
CA TRP C 243 -4.06 23.05 -28.35
C TRP C 243 -3.97 24.52 -28.74
N LYS C 244 -3.14 24.82 -29.75
CA LYS C 244 -3.01 26.19 -30.21
C LYS C 244 -4.40 26.64 -30.66
N THR C 245 -5.12 25.75 -31.34
CA THR C 245 -6.46 26.08 -31.83
C THR C 245 -7.49 26.17 -30.70
N ILE C 246 -7.41 25.27 -29.72
CA ILE C 246 -8.32 25.32 -28.58
C ILE C 246 -8.15 26.68 -27.91
N HIS C 247 -6.90 27.08 -27.74
CA HIS C 247 -6.57 28.37 -27.14
C HIS C 247 -7.21 29.49 -27.97
N GLN C 248 -7.13 29.36 -29.29
CA GLN C 248 -7.69 30.36 -30.19
C GLN C 248 -9.22 30.43 -30.01
N ILE C 249 -9.85 29.27 -29.95
CA ILE C 249 -11.29 29.19 -29.74
C ILE C 249 -11.64 30.00 -28.48
N ILE C 250 -10.88 29.78 -27.42
CA ILE C 250 -11.11 30.48 -26.17
C ILE C 250 -10.91 31.98 -26.34
N GLN C 251 -9.85 32.39 -27.05
CA GLN C 251 -9.60 33.81 -27.27
C GLN C 251 -10.69 34.48 -28.10
N GLU C 252 -11.14 33.82 -29.16
CA GLU C 252 -12.17 34.39 -30.05
C GLU C 252 -13.61 34.33 -29.55
N ASN C 253 -13.86 33.63 -28.46
CA ASN C 253 -15.22 33.53 -27.93
C ASN C 253 -15.34 33.92 -26.48
N PRO C 254 -16.55 34.32 -26.05
CA PRO C 254 -16.72 34.69 -24.65
C PRO C 254 -16.70 33.39 -23.84
N VAL C 255 -16.65 33.49 -22.53
CA VAL C 255 -16.65 32.29 -21.71
C VAL C 255 -18.08 31.97 -21.28
N GLU C 256 -18.52 30.76 -21.62
CA GLU C 256 -19.87 30.35 -21.26
C GLU C 256 -19.88 29.54 -19.97
N GLU C 257 -20.95 29.71 -19.21
CA GLU C 257 -21.12 29.05 -17.92
C GLU C 257 -20.80 27.55 -17.87
N ARG C 258 -21.29 26.79 -18.83
CA ARG C 258 -21.06 25.36 -18.87
C ARG C 258 -19.58 25.02 -19.03
N ASP C 259 -18.81 25.96 -19.57
CA ASP C 259 -17.40 25.73 -19.83
C ASP C 259 -16.43 26.25 -18.73
N ARG C 260 -17.00 26.88 -17.70
CA ARG C 260 -16.22 27.46 -16.62
C ARG C 260 -15.23 26.52 -15.92
N PHE C 261 -15.62 25.28 -15.66
CA PHE C 261 -14.70 24.35 -15.01
C PHE C 261 -13.60 23.87 -15.96
N VAL C 262 -13.96 23.70 -17.23
CA VAL C 262 -12.97 23.27 -18.22
C VAL C 262 -11.87 24.33 -18.27
N ALA C 264 -10.97 26.29 -15.88
CA ALA C 264 -10.23 26.17 -14.63
C ALA C 264 -9.20 25.06 -14.69
N GLN C 265 -9.48 24.03 -15.50
CA GLN C 265 -8.60 22.88 -15.63
C GLN C 265 -7.47 23.07 -16.64
N LEU C 266 -7.65 24.02 -17.57
CA LEU C 266 -6.64 24.31 -18.60
C LEU C 266 -5.66 25.39 -18.18
N LYS C 267 -6.07 26.22 -17.22
CA LYS C 267 -5.25 27.31 -16.73
C LYS C 267 -3.78 26.90 -16.47
N PHE C 268 -3.60 25.85 -15.68
CA PHE C 268 -2.26 25.34 -15.34
C PHE C 268 -1.50 24.73 -16.52
N LEU C 269 -2.20 24.48 -17.62
CA LEU C 269 -1.58 23.92 -18.81
C LEU C 269 -1.10 25.06 -19.70
N GLY C 270 -1.29 26.30 -19.24
CA GLY C 270 -0.86 27.46 -20.00
C GLY C 270 -1.88 27.95 -21.00
N ILE C 271 -3.15 27.67 -20.73
CA ILE C 271 -4.22 28.08 -21.63
C ILE C 271 -5.24 28.89 -20.85
N GLU C 272 -5.27 30.19 -21.13
CA GLU C 272 -6.19 31.11 -20.47
C GLU C 272 -6.65 32.18 -21.46
N LYS C 273 -7.84 32.69 -21.24
CA LYS C 273 -8.36 33.73 -22.10
C LYS C 273 -7.65 35.03 -21.69
N GLY C 274 -7.26 35.83 -22.68
CA GLY C 274 -6.59 37.09 -22.39
C GLY C 274 -5.08 36.98 -22.28
N LYS C 275 -4.54 35.76 -22.45
CA LYS C 275 -3.11 35.54 -22.38
C LYS C 275 -2.65 34.75 -23.59
N PRO C 276 -1.41 34.98 -24.05
CA PRO C 276 -0.94 34.25 -25.23
C PRO C 276 -0.71 32.78 -24.91
N PHE C 277 -0.51 31.97 -25.95
CA PHE C 277 -0.23 30.55 -25.80
C PHE C 277 1.26 30.33 -26.04
N ASN C 278 1.99 30.14 -24.95
CA ASN C 278 3.43 29.94 -24.99
C ASN C 278 3.79 28.95 -23.90
N PRO C 279 3.43 27.68 -24.08
CA PRO C 279 3.68 26.60 -23.14
C PRO C 279 5.15 26.40 -22.79
N THR C 280 5.41 26.01 -21.54
CA THR C 280 6.77 25.73 -21.09
C THR C 280 7.04 24.32 -21.59
N GLU C 281 8.24 23.80 -21.36
CA GLU C 281 8.56 22.46 -21.81
C GLU C 281 7.74 21.40 -21.07
N GLU C 282 7.50 21.61 -19.79
CA GLU C 282 6.70 20.66 -19.01
C GLU C 282 5.26 20.60 -19.53
N GLN C 283 4.67 21.77 -19.80
CA GLN C 283 3.30 21.83 -20.30
C GLN C 283 3.14 21.22 -21.69
N LYS C 284 4.12 21.43 -22.57
CA LYS C 284 4.05 20.86 -23.90
C LYS C 284 4.15 19.34 -23.82
N LYS C 285 4.98 18.86 -22.91
CA LYS C 285 5.16 17.43 -22.70
C LYS C 285 3.82 16.78 -22.35
N ILE C 286 3.10 17.39 -21.41
CA ILE C 286 1.80 16.91 -20.97
C ILE C 286 0.78 16.96 -22.10
N LEU C 287 0.66 18.12 -22.73
CA LEU C 287 -0.29 18.33 -23.82
C LEU C 287 -0.13 17.40 -25.00
N LEU C 288 1.11 16.98 -25.29
CA LEU C 288 1.35 16.06 -26.40
C LEU C 288 0.72 14.70 -26.09
N GLU C 289 0.84 14.25 -24.85
CA GLU C 289 0.25 12.97 -24.46
C GLU C 289 -1.27 13.09 -24.43
N ALA C 290 -1.77 14.26 -24.03
CA ALA C 290 -3.21 14.48 -23.95
C ALA C 290 -3.83 14.34 -25.34
N SER C 291 -3.12 14.85 -26.34
CA SER C 291 -3.59 14.78 -27.72
C SER C 291 -3.62 13.35 -28.23
N LYS C 292 -2.56 12.59 -27.92
CA LYS C 292 -2.48 11.20 -28.35
C LYS C 292 -3.56 10.37 -27.67
N VAL C 293 -3.59 10.42 -26.34
CA VAL C 293 -4.59 9.66 -25.60
C VAL C 293 -5.99 10.18 -25.91
N GLY C 294 -6.16 11.50 -25.96
CA GLY C 294 -7.47 12.05 -26.28
C GLY C 294 -7.98 11.51 -27.60
N ARG C 295 -7.08 11.49 -28.60
CA ARG C 295 -7.39 11.01 -29.94
C ARG C 295 -8.02 9.60 -29.87
N ALA C 296 -7.30 8.66 -29.25
CA ALA C 296 -7.77 7.27 -29.13
C ALA C 296 -9.06 7.15 -28.32
N ALA C 298 -11.32 9.44 -28.31
CA ALA C 298 -12.30 9.97 -29.25
C ALA C 298 -12.75 8.85 -30.17
N GLN C 299 -11.80 8.11 -30.72
CA GLN C 299 -12.09 6.99 -31.60
C GLN C 299 -12.96 5.97 -30.89
N SER C 300 -12.54 5.58 -29.69
CA SER C 300 -13.26 4.57 -28.91
C SER C 300 -14.68 4.98 -28.55
N ASN C 301 -14.85 6.21 -28.09
CA ASN C 301 -16.17 6.74 -27.73
C ASN C 301 -17.10 6.69 -28.96
N ASP C 302 -16.59 7.18 -30.08
CA ASP C 302 -17.34 7.22 -31.33
C ASP C 302 -17.73 5.83 -31.89
N TYR C 303 -16.74 4.95 -32.05
CA TYR C 303 -17.00 3.63 -32.60
C TYR C 303 -17.76 2.68 -31.70
N THR C 304 -17.67 2.86 -30.39
CA THR C 304 -18.40 1.99 -29.47
C THR C 304 -19.83 2.54 -29.33
N LYS C 305 -19.95 3.87 -29.27
CA LYS C 305 -21.26 4.50 -29.14
C LYS C 305 -22.12 3.82 -28.06
N ARG C 306 -21.54 3.70 -26.86
CA ARG C 306 -22.18 3.11 -25.69
C ARG C 306 -23.52 3.76 -25.34
N PHE C 307 -23.71 5.00 -25.80
CA PHE C 307 -24.93 5.74 -25.50
C PHE C 307 -26.10 5.48 -26.46
N THR C 308 -25.88 4.67 -27.48
CA THR C 308 -26.94 4.36 -28.44
C THR C 308 -26.91 2.86 -28.73
N GLN C 309 -27.74 2.42 -29.66
CA GLN C 309 -27.79 1.01 -30.03
C GLN C 309 -28.03 0.81 -31.52
N PRO C 310 -27.86 -0.42 -32.01
CA PRO C 310 -28.06 -0.70 -33.43
C PRO C 310 -29.41 -0.18 -33.89
N TYR C 311 -29.46 0.36 -35.10
CA TYR C 311 -30.71 0.88 -35.64
C TYR C 311 -31.59 -0.31 -35.98
N TRP C 312 -30.96 -1.31 -36.60
CA TRP C 312 -31.64 -2.53 -36.99
C TRP C 312 -31.05 -3.69 -36.20
N LYS C 313 -31.91 -4.42 -35.50
CA LYS C 313 -31.48 -5.57 -34.71
C LYS C 313 -30.67 -6.52 -35.58
N GLY C 314 -29.66 -7.13 -34.98
CA GLY C 314 -28.84 -8.05 -35.73
C GLY C 314 -27.95 -7.37 -36.76
N THR C 315 -27.71 -6.07 -36.62
CA THR C 315 -26.85 -5.37 -37.56
C THR C 315 -25.94 -4.40 -36.80
N ASN C 316 -24.92 -3.89 -37.49
CA ASN C 316 -24.02 -2.94 -36.87
C ASN C 316 -24.41 -1.52 -37.21
N TRP C 317 -25.43 -1.37 -38.05
CA TRP C 317 -25.88 -0.04 -38.45
C TRP C 317 -26.44 0.70 -37.24
N LYS C 318 -26.12 1.98 -37.15
CA LYS C 318 -26.62 2.82 -36.07
C LYS C 318 -26.85 4.22 -36.60
N ASP C 319 -27.88 4.89 -36.08
CA ASP C 319 -28.13 6.26 -36.50
C ASP C 319 -26.91 7.00 -35.96
N ALA C 320 -26.15 7.65 -36.84
CA ALA C 320 -24.94 8.34 -36.40
C ALA C 320 -25.17 9.64 -35.63
N ILE C 321 -26.40 10.14 -35.60
CA ILE C 321 -26.69 11.38 -34.90
C ILE C 321 -27.34 11.07 -33.55
N SER C 322 -26.57 11.16 -32.47
CA SER C 322 -27.15 10.88 -31.15
C SER C 322 -27.33 12.19 -30.37
N VAL C 323 -26.53 13.19 -30.73
CA VAL C 323 -26.56 14.49 -30.08
C VAL C 323 -27.87 15.26 -30.28
N SER C 324 -28.19 16.11 -29.31
CA SER C 324 -29.40 16.93 -29.37
C SER C 324 -29.02 18.23 -30.07
N LEU C 325 -30.02 18.95 -30.58
CA LEU C 325 -29.75 20.19 -31.28
C LEU C 325 -29.02 21.20 -30.42
N ASP C 326 -29.39 21.30 -29.14
CA ASP C 326 -28.74 22.24 -28.23
C ASP C 326 -27.80 21.54 -27.25
N GLN C 327 -27.59 20.24 -27.48
CA GLN C 327 -26.70 19.45 -26.65
C GLN C 327 -27.14 19.24 -25.20
N ARG C 328 -28.39 19.58 -24.91
CA ARG C 328 -28.87 19.39 -23.56
C ARG C 328 -29.66 18.10 -23.42
N SER C 329 -29.20 17.25 -22.52
CA SER C 329 -29.89 16.00 -22.25
C SER C 329 -30.61 16.32 -20.94
N GLU C 330 -31.31 15.33 -20.39
CA GLU C 330 -32.03 15.51 -19.14
C GLU C 330 -31.26 16.27 -18.04
N ASN C 331 -30.26 15.61 -17.46
CA ASN C 331 -29.49 16.20 -16.39
C ASN C 331 -28.01 16.38 -16.73
N TYR C 332 -27.71 16.62 -18.00
CA TYR C 332 -26.33 16.82 -18.43
C TYR C 332 -26.28 17.33 -19.85
N ASP C 333 -25.13 17.86 -20.23
CA ASP C 333 -24.92 18.34 -21.60
C ASP C 333 -24.13 17.23 -22.28
N GLU C 334 -24.59 16.85 -23.47
CA GLU C 334 -24.01 15.76 -24.24
C GLU C 334 -22.54 15.84 -24.65
N LEU C 335 -21.65 15.71 -23.67
CA LEU C 335 -20.21 15.75 -23.93
C LEU C 335 -19.79 14.59 -24.85
N ASP C 336 -20.27 13.39 -24.53
CA ASP C 336 -19.93 12.20 -25.31
C ASP C 336 -20.65 12.08 -26.64
N GLU C 337 -21.91 12.49 -26.67
CA GLU C 337 -22.67 12.39 -27.92
C GLU C 337 -22.15 13.33 -28.99
N ARG C 338 -21.76 14.54 -28.60
CA ARG C 338 -21.24 15.49 -29.58
C ARG C 338 -19.81 15.09 -29.94
N ALA C 339 -19.07 14.61 -28.95
CA ALA C 339 -17.70 14.19 -29.21
C ALA C 339 -17.67 13.03 -30.20
N ALA C 340 -18.66 12.16 -30.13
CA ALA C 340 -18.68 11.02 -31.03
C ALA C 340 -19.02 11.42 -32.46
N TRP C 341 -20.14 12.10 -32.64
CA TRP C 341 -20.49 12.47 -34.00
C TRP C 341 -19.67 13.59 -34.64
N PHE C 342 -19.28 14.61 -33.87
CA PHE C 342 -18.50 15.69 -34.46
C PHE C 342 -17.05 15.29 -34.66
N TYR C 343 -16.68 14.10 -34.21
CA TYR C 343 -15.32 13.62 -34.42
C TYR C 343 -15.24 13.08 -35.84
N GLU C 344 -16.37 12.61 -36.35
CA GLU C 344 -16.39 12.04 -37.69
C GLU C 344 -17.25 12.81 -38.67
N ALA C 345 -17.99 13.80 -38.17
CA ALA C 345 -18.87 14.59 -39.02
C ALA C 345 -18.93 16.02 -38.55
N ILE C 346 -19.55 16.87 -39.36
CA ILE C 346 -19.68 18.27 -39.01
C ILE C 346 -21.10 18.75 -39.31
N THR C 347 -21.63 19.60 -38.42
CA THR C 347 -22.96 20.19 -38.56
C THR C 347 -24.10 19.30 -38.05
N VAL C 348 -25.19 19.90 -37.60
CA VAL C 348 -26.37 19.14 -37.15
C VAL C 348 -27.59 20.06 -37.24
N SER C 349 -28.79 19.47 -37.28
CA SER C 349 -30.00 20.26 -37.39
C SER C 349 -31.23 19.38 -37.22
N ARG C 350 -32.39 19.99 -37.08
CA ARG C 350 -33.61 19.21 -36.91
C ARG C 350 -33.83 18.35 -38.15
N GLY C 351 -33.38 18.85 -39.30
CA GLY C 351 -33.55 18.11 -40.54
C GLY C 351 -32.73 16.84 -40.60
N LYS C 353 -32.11 14.94 -38.43
CA LYS C 353 -32.66 13.96 -37.49
C LYS C 353 -34.16 13.91 -37.78
N SER C 354 -34.53 14.29 -38.99
CA SER C 354 -35.93 14.34 -39.42
C SER C 354 -36.77 13.10 -39.20
N THR C 355 -38.03 13.37 -38.84
CA THR C 355 -39.04 12.35 -38.63
C THR C 355 -40.20 12.74 -39.54
N ILE C 356 -39.99 13.82 -40.30
CA ILE C 356 -41.01 14.33 -41.23
C ILE C 356 -40.85 13.64 -42.59
N PRO C 357 -41.81 12.79 -42.96
CA PRO C 357 -41.79 12.06 -44.23
C PRO C 357 -41.53 12.94 -45.45
N GLY C 358 -40.53 12.56 -46.24
CA GLY C 358 -40.20 13.31 -47.43
C GLY C 358 -39.34 14.54 -47.21
N PHE C 359 -39.03 14.87 -45.95
CA PHE C 359 -38.22 16.04 -45.66
C PHE C 359 -37.00 15.72 -44.79
N GLY C 360 -35.94 16.51 -44.95
CA GLY C 360 -34.74 16.32 -44.17
C GLY C 360 -33.88 15.15 -44.63
N GLN C 361 -32.99 14.70 -43.75
CA GLN C 361 -32.12 13.57 -44.05
C GLN C 361 -31.90 12.74 -42.80
N ARG C 362 -31.45 11.51 -43.00
CA ARG C 362 -31.16 10.60 -41.88
C ARG C 362 -29.88 9.89 -42.27
N TYR C 363 -29.03 9.62 -41.29
CA TYR C 363 -27.73 9.00 -41.55
C TYR C 363 -27.43 7.75 -40.74
N LEU C 364 -27.13 6.65 -41.43
CA LEU C 364 -26.81 5.40 -40.78
C LEU C 364 -25.33 5.09 -40.98
N VAL C 365 -24.67 4.56 -39.94
CA VAL C 365 -23.26 4.25 -40.05
C VAL C 365 -22.84 2.90 -39.53
N THR C 366 -21.79 2.36 -40.15
CA THR C 366 -21.25 1.09 -39.73
C THR C 366 -19.76 1.10 -40.05
N TYR C 367 -18.97 0.49 -39.17
CA TYR C 367 -17.52 0.43 -39.29
C TYR C 367 -17.09 -1.03 -39.34
N GLN C 368 -18.06 -1.93 -39.31
CA GLN C 368 -17.76 -3.37 -39.28
C GLN C 368 -18.60 -4.21 -40.24
N ASP C 369 -18.08 -5.39 -40.58
CA ASP C 369 -18.77 -6.34 -41.47
C ASP C 369 -19.67 -7.23 -40.62
N SER C 370 -20.40 -8.14 -41.26
CA SER C 370 -21.31 -9.06 -40.56
C SER C 370 -20.59 -9.86 -39.47
N ASP C 371 -19.28 -10.06 -39.61
CA ASP C 371 -18.51 -10.81 -38.63
C ASP C 371 -18.09 -9.91 -37.47
N GLY C 372 -18.50 -8.65 -37.54
CA GLY C 372 -18.16 -7.72 -36.47
C GLY C 372 -16.74 -7.21 -36.56
N ASN C 373 -16.07 -7.49 -37.68
CA ASN C 373 -14.70 -7.03 -37.88
C ASN C 373 -14.65 -5.67 -38.54
N TRP C 374 -13.59 -4.93 -38.25
CA TRP C 374 -13.37 -3.61 -38.81
C TRP C 374 -13.27 -3.70 -40.33
N LEU C 375 -13.93 -2.77 -41.02
CA LEU C 375 -13.88 -2.74 -42.47
C LEU C 375 -12.49 -2.29 -42.94
N SER C 376 -11.78 -3.18 -43.63
CA SER C 376 -10.45 -2.85 -44.14
C SER C 376 -10.44 -2.85 -45.67
N GLY C 377 -9.77 -1.87 -46.26
CA GLY C 377 -9.73 -1.73 -47.71
C GLY C 377 -9.03 -2.73 -48.61
N GLU C 378 -8.49 -3.80 -48.05
CA GLU C 378 -7.80 -4.82 -48.85
C GLU C 378 -8.75 -5.98 -49.18
N HIS C 379 -9.84 -6.07 -48.44
CA HIS C 379 -10.81 -7.13 -48.64
C HIS C 379 -11.98 -6.62 -49.46
N THR C 380 -12.77 -7.54 -50.01
CA THR C 380 -13.93 -7.16 -50.80
C THR C 380 -15.18 -7.41 -49.96
N TYR C 381 -16.15 -6.51 -50.07
CA TYR C 381 -17.40 -6.61 -49.31
C TYR C 381 -18.59 -6.36 -50.22
N LYS C 382 -19.77 -6.68 -49.74
CA LYS C 382 -20.98 -6.45 -50.51
C LYS C 382 -22.13 -6.04 -49.61
N LEU C 383 -22.88 -5.04 -50.05
CA LEU C 383 -24.03 -4.55 -49.32
C LEU C 383 -25.25 -4.73 -50.21
N HIS C 384 -26.21 -5.53 -49.75
CA HIS C 384 -27.41 -5.73 -50.53
C HIS C 384 -28.46 -4.68 -50.17
N VAL C 385 -28.60 -3.67 -51.01
CA VAL C 385 -29.61 -2.63 -50.75
C VAL C 385 -30.96 -3.09 -51.29
N PRO C 386 -31.92 -3.38 -50.40
CA PRO C 386 -33.26 -3.82 -50.81
C PRO C 386 -33.88 -2.82 -51.78
N ALA C 387 -34.78 -3.30 -52.62
CA ALA C 387 -35.46 -2.43 -53.57
C ALA C 387 -36.36 -1.51 -52.77
N ASN C 388 -36.81 -0.42 -53.39
CA ASN C 388 -37.69 0.54 -52.73
C ASN C 388 -37.07 1.16 -51.47
N VAL C 389 -35.95 1.88 -51.64
CA VAL C 389 -35.29 2.53 -50.52
C VAL C 389 -36.16 3.70 -50.03
N PRO C 390 -36.44 3.76 -48.72
CA PRO C 390 -37.26 4.80 -48.06
C PRO C 390 -36.74 6.21 -48.23
N ALA C 391 -36.19 6.50 -49.41
CA ALA C 391 -35.65 7.83 -49.71
C ALA C 391 -36.48 8.46 -50.82
N SER C 392 -37.09 9.60 -50.52
CA SER C 392 -37.90 10.31 -51.48
C SER C 392 -37.05 11.00 -52.53
N ASN C 393 -36.02 11.70 -52.09
CA ASN C 393 -35.13 12.41 -53.01
C ASN C 393 -34.04 11.48 -53.55
N PHE C 394 -33.32 10.81 -52.65
CA PHE C 394 -32.27 9.89 -53.07
C PHE C 394 -31.55 9.26 -51.90
N TRP C 395 -30.82 8.18 -52.18
CA TRP C 395 -30.04 7.48 -51.17
C TRP C 395 -28.63 7.30 -51.69
N SER C 396 -27.72 6.82 -50.83
CA SER C 396 -26.34 6.62 -51.23
C SER C 396 -25.47 5.99 -50.14
N THR C 397 -24.35 5.41 -50.56
CA THR C 397 -23.38 4.82 -49.64
C THR C 397 -22.09 5.54 -49.95
N THR C 398 -21.54 6.24 -48.96
CA THR C 398 -20.28 6.95 -49.17
C THR C 398 -19.18 6.37 -48.30
N VAL C 399 -18.03 6.10 -48.90
CA VAL C 399 -16.89 5.54 -48.18
C VAL C 399 -15.96 6.63 -47.66
N TYR C 400 -15.56 6.51 -46.40
CA TYR C 400 -14.67 7.47 -45.75
C TYR C 400 -13.53 6.71 -45.09
N ASP C 401 -12.32 7.23 -45.20
CA ASP C 401 -11.17 6.59 -44.59
C ASP C 401 -11.29 6.83 -43.09
N GLU C 402 -10.88 5.87 -42.29
CA GLU C 402 -10.97 5.99 -40.84
C GLU C 402 -10.10 7.11 -40.26
N ASN C 403 -8.82 7.14 -40.61
CA ASN C 403 -7.91 8.15 -40.07
C ASN C 403 -8.38 9.59 -40.13
N ASN C 404 -8.73 10.08 -41.33
CA ASN C 404 -9.19 11.46 -41.48
C ASN C 404 -10.69 11.64 -41.59
N ARG C 405 -11.41 10.54 -41.80
CA ARG C 405 -12.85 10.60 -41.90
C ARG C 405 -13.28 11.52 -43.03
N LEU C 406 -12.58 11.42 -44.16
CA LEU C 406 -12.89 12.22 -45.34
C LEU C 406 -13.23 11.23 -46.46
N ILE C 408 -13.08 8.80 -49.15
CA ILE C 408 -11.95 7.97 -49.53
C ILE C 408 -11.36 8.42 -50.88
N ILE C 409 -10.04 8.58 -50.93
CA ILE C 409 -9.37 8.97 -52.16
C ILE C 409 -8.87 7.71 -52.87
N ASN C 410 -9.61 7.28 -53.90
CA ASN C 410 -9.23 6.10 -54.66
C ASN C 410 -8.81 6.48 -56.08
N ASP C 411 -8.00 5.63 -56.70
CA ASP C 411 -7.51 5.90 -58.05
C ASP C 411 -8.69 6.19 -58.98
N ALA C 412 -9.82 5.54 -58.70
CA ALA C 412 -11.01 5.72 -59.53
C ALA C 412 -11.53 7.15 -59.45
N GLY C 413 -11.55 7.73 -58.26
CA GLY C 413 -12.05 9.08 -58.10
C GLY C 413 -13.52 9.14 -57.75
N SER C 414 -14.07 8.00 -57.35
CA SER C 414 -15.49 7.88 -56.97
C SER C 414 -15.56 7.21 -55.60
N PRO C 415 -15.83 7.99 -54.55
CA PRO C 415 -15.92 7.45 -53.18
C PRO C 415 -17.29 6.94 -52.77
N ASP C 416 -18.26 6.94 -53.68
CA ASP C 416 -19.60 6.50 -53.32
C ASP C 416 -20.42 5.91 -54.45
N ILE C 417 -21.62 5.47 -54.09
CA ILE C 417 -22.59 4.92 -55.01
C ILE C 417 -23.89 5.65 -54.70
N SER C 418 -24.40 6.36 -55.68
CA SER C 418 -25.62 7.13 -55.53
C SER C 418 -26.76 6.60 -56.39
N SER C 419 -27.99 6.68 -55.89
CA SER C 419 -29.14 6.21 -56.64
C SER C 419 -29.33 7.11 -57.86
N ARG C 420 -28.71 8.28 -57.82
CA ARG C 420 -28.76 9.24 -58.92
C ARG C 420 -27.76 8.82 -59.99
N LYS C 421 -26.94 7.81 -59.66
CA LYS C 421 -25.94 7.32 -60.59
C LYS C 421 -26.49 6.14 -61.38
N ASN C 422 -25.84 5.82 -62.50
CA ASN C 422 -26.25 4.70 -63.34
C ASN C 422 -25.75 3.41 -62.71
N LEU C 423 -26.67 2.66 -62.12
CA LEU C 423 -26.33 1.43 -61.43
C LEU C 423 -26.91 0.17 -62.09
N LYS C 424 -26.31 -0.97 -61.75
CA LYS C 424 -26.74 -2.26 -62.27
C LYS C 424 -27.85 -2.77 -61.36
N VAL C 425 -29.03 -2.15 -61.48
CA VAL C 425 -30.18 -2.54 -60.67
C VAL C 425 -30.56 -3.99 -60.92
N ASN C 426 -30.56 -4.80 -59.86
CA ASN C 426 -30.91 -6.21 -59.99
C ASN C 426 -32.29 -6.34 -60.59
N SER C 427 -32.56 -7.48 -61.23
CA SER C 427 -33.85 -7.74 -61.84
C SER C 427 -34.91 -7.65 -60.75
N ASP C 428 -34.51 -7.97 -59.52
CA ASP C 428 -35.39 -7.92 -58.38
C ASP C 428 -35.79 -6.49 -58.04
N GLY C 429 -34.98 -5.54 -58.48
CA GLY C 429 -35.26 -4.13 -58.21
C GLY C 429 -34.31 -3.61 -57.14
N SER C 430 -33.61 -4.51 -56.48
CA SER C 430 -32.65 -4.15 -55.45
C SER C 430 -31.34 -3.70 -56.10
N ILE C 431 -30.32 -3.48 -55.28
CA ILE C 431 -29.02 -3.05 -55.79
C ILE C 431 -27.90 -3.62 -54.91
N ASP C 432 -26.86 -4.15 -55.55
CA ASP C 432 -25.73 -4.71 -54.82
C ASP C 432 -24.51 -3.81 -54.95
N VAL C 433 -24.01 -3.34 -53.82
CA VAL C 433 -22.84 -2.48 -53.81
C VAL C 433 -21.61 -3.28 -53.41
N TYR C 434 -20.50 -3.01 -54.08
CA TYR C 434 -19.27 -3.72 -53.75
C TYR C 434 -18.15 -2.75 -53.35
N TYR C 435 -17.35 -3.18 -52.39
CA TYR C 435 -16.22 -2.40 -51.89
C TYR C 435 -15.02 -3.33 -51.98
N GLY C 436 -13.94 -2.85 -52.57
CA GLY C 436 -12.74 -3.66 -52.70
C GLY C 436 -11.70 -2.88 -53.48
N PRO C 437 -10.42 -3.27 -53.42
CA PRO C 437 -9.34 -2.58 -54.14
C PRO C 437 -9.38 -2.81 -55.66
N LYS C 438 -9.96 -3.94 -56.07
CA LYS C 438 -10.04 -4.26 -57.50
C LYS C 438 -11.49 -4.30 -57.97
N PRO C 439 -11.74 -3.85 -59.21
CA PRO C 439 -13.08 -3.83 -59.79
C PRO C 439 -13.78 -5.18 -59.71
N VAL C 440 -15.10 -5.15 -59.54
CA VAL C 440 -15.89 -6.36 -59.46
C VAL C 440 -16.60 -6.53 -60.80
N LYS C 441 -16.23 -7.59 -61.51
CA LYS C 441 -16.81 -7.90 -62.82
C LYS C 441 -18.33 -7.78 -62.85
N GLY C 442 -18.82 -6.90 -63.72
CA GLY C 442 -20.25 -6.71 -63.86
C GLY C 442 -20.90 -5.79 -62.85
N TYR C 443 -20.09 -5.17 -62.00
CA TYR C 443 -20.57 -4.27 -60.96
C TYR C 443 -19.70 -3.03 -60.88
N GLU C 444 -19.00 -2.76 -61.97
CA GLU C 444 -18.11 -1.60 -62.04
C GLU C 444 -18.78 -0.31 -61.57
N ASN C 445 -20.01 -0.07 -62.01
CA ASN C 445 -20.75 1.14 -61.63
C ASN C 445 -21.40 1.01 -60.26
N ASN C 446 -21.30 -0.19 -59.68
CA ASN C 446 -21.88 -0.49 -58.37
C ASN C 446 -20.72 -0.78 -57.41
N TRP C 447 -19.56 -0.23 -57.74
CA TRP C 447 -18.36 -0.47 -56.95
C TRP C 447 -17.67 0.81 -56.48
N VAL C 448 -17.08 0.74 -55.29
CA VAL C 448 -16.33 1.85 -54.71
C VAL C 448 -14.93 1.31 -54.39
N GLN C 449 -13.92 1.80 -55.10
CA GLN C 449 -12.56 1.34 -54.90
C GLN C 449 -12.03 1.73 -53.53
N THR C 450 -11.59 0.72 -52.78
CA THR C 450 -11.07 0.95 -51.45
C THR C 450 -9.55 0.71 -51.44
N ASN C 451 -8.86 1.31 -50.49
CA ASN C 451 -7.40 1.19 -50.38
C ASN C 451 -6.95 0.06 -49.44
N PRO C 452 -6.14 -0.87 -49.95
CA PRO C 452 -5.62 -2.00 -49.16
C PRO C 452 -4.88 -1.59 -47.90
N GLY C 453 -5.15 -2.29 -46.80
CA GLY C 453 -4.48 -2.00 -45.54
C GLY C 453 -5.00 -0.79 -44.78
N GLU C 454 -5.87 -0.01 -45.40
CA GLU C 454 -6.41 1.17 -44.74
C GLU C 454 -7.87 0.97 -44.36
N GLY C 455 -8.19 1.21 -43.09
CA GLY C 455 -9.55 1.05 -42.63
C GLY C 455 -10.47 2.09 -43.22
N TRP C 456 -11.75 1.75 -43.35
CA TRP C 456 -12.73 2.68 -43.85
C TRP C 456 -14.06 2.42 -43.17
N PHE C 457 -15.05 3.24 -43.49
CA PHE C 457 -16.38 3.08 -42.94
C PHE C 457 -17.33 3.83 -43.85
N THR C 458 -18.63 3.67 -43.65
CA THR C 458 -19.56 4.35 -44.52
C THR C 458 -20.82 4.90 -43.85
N TYR C 459 -21.41 5.88 -44.51
CA TYR C 459 -22.64 6.53 -44.08
C TYR C 459 -23.70 6.16 -45.11
N PHE C 460 -24.85 5.70 -44.65
CA PHE C 460 -25.94 5.40 -45.58
C PHE C 460 -26.93 6.55 -45.39
N ARG C 461 -27.01 7.41 -46.40
CA ARG C 461 -27.89 8.58 -46.36
C ARG C 461 -29.29 8.35 -46.88
N PHE C 462 -30.26 9.03 -46.26
CA PHE C 462 -31.66 8.96 -46.65
C PHE C 462 -32.13 10.41 -46.83
N TYR C 463 -32.11 10.91 -48.06
CA TYR C 463 -32.57 12.28 -48.30
C TYR C 463 -34.06 12.20 -48.62
N GLY C 464 -34.87 12.76 -47.73
CA GLY C 464 -36.32 12.72 -47.91
C GLY C 464 -36.81 11.38 -47.40
N PRO C 465 -36.36 10.95 -46.21
CA PRO C 465 -36.75 9.67 -45.61
C PRO C 465 -38.26 9.47 -45.47
N THR C 466 -38.75 8.31 -45.89
CA THR C 466 -40.18 8.01 -45.81
C THR C 466 -40.49 7.23 -44.53
N GLU C 467 -41.78 7.08 -44.24
CA GLU C 467 -42.22 6.38 -43.04
C GLU C 467 -41.63 4.97 -42.91
N LYS C 468 -41.34 4.32 -44.03
CA LYS C 468 -40.77 2.97 -43.99
C LYS C 468 -39.48 2.93 -43.18
N PHE C 470 -38.66 5.34 -40.94
CA PHE C 470 -39.03 5.81 -39.61
C PHE C 470 -39.61 4.69 -38.75
N ASP C 471 -40.41 3.81 -39.36
CA ASP C 471 -41.04 2.73 -38.61
C ASP C 471 -40.27 1.40 -38.60
N LYS C 472 -39.10 1.37 -39.21
CA LYS C 472 -38.29 0.16 -39.25
C LYS C 472 -38.90 -0.96 -40.09
N SER C 473 -39.99 -0.67 -40.79
CA SER C 473 -40.64 -1.69 -41.62
C SER C 473 -39.72 -2.10 -42.77
N TRP C 474 -38.80 -1.22 -43.11
CA TRP C 474 -37.82 -1.45 -44.17
C TRP C 474 -36.45 -1.57 -43.48
N THR C 475 -35.74 -2.66 -43.75
CA THR C 475 -34.45 -2.91 -43.13
C THR C 475 -33.40 -3.33 -44.15
N GLY C 477 -29.40 -5.52 -44.29
CA GLY C 477 -28.45 -6.32 -43.54
C GLY C 477 -27.10 -5.65 -43.36
N ASP C 478 -26.11 -6.40 -42.87
CA ASP C 478 -24.77 -5.85 -42.67
C ASP C 478 -23.94 -5.87 -43.94
N ILE C 479 -22.70 -5.42 -43.80
CA ILE C 479 -21.74 -5.39 -44.89
C ILE C 479 -21.08 -6.77 -44.88
N GLU C 480 -21.56 -7.66 -45.74
CA GLU C 480 -21.01 -9.01 -45.83
C GLU C 480 -19.62 -9.03 -46.45
N LEU C 481 -18.73 -9.81 -45.86
CA LEU C 481 -17.38 -9.93 -46.39
C LEU C 481 -17.41 -10.94 -47.54
N VAL C 482 -16.82 -10.56 -48.66
CA VAL C 482 -16.77 -11.43 -49.84
C VAL C 482 -15.48 -12.23 -49.87
N GLU D 23 -1.68 -3.25 -38.90
CA GLU D 23 -1.41 -3.07 -37.44
C GLU D 23 -0.40 -1.97 -37.17
N THR D 24 -0.72 -1.13 -36.18
CA THR D 24 0.17 -0.05 -35.78
C THR D 24 0.12 0.10 -34.28
N VAL D 25 1.15 0.70 -33.72
CA VAL D 25 1.21 0.90 -32.27
C VAL D 25 1.62 2.33 -31.98
N VAL D 26 1.02 2.89 -30.94
CA VAL D 26 1.33 4.25 -30.49
C VAL D 26 1.56 4.17 -28.98
N PRO D 27 2.80 4.39 -28.53
CA PRO D 27 3.07 4.34 -27.10
C PRO D 27 2.57 5.62 -26.43
N SER D 28 2.16 5.51 -25.17
CA SER D 28 1.66 6.67 -24.43
C SER D 28 1.90 6.45 -22.95
N ARG D 29 1.72 7.51 -22.16
CA ARG D 29 1.91 7.45 -20.72
C ARG D 29 0.85 6.60 -20.02
N VAL D 30 -0.17 6.18 -20.75
CA VAL D 30 -1.24 5.37 -20.19
C VAL D 30 -1.06 3.93 -20.68
N GLY D 31 -0.06 3.73 -21.54
CA GLY D 31 0.21 2.41 -22.07
C GLY D 31 0.11 2.39 -23.58
N ASP D 32 0.49 1.27 -24.17
CA ASP D 32 0.46 1.12 -25.63
C ASP D 32 -0.95 1.14 -26.20
N LEU D 33 -1.13 1.94 -27.24
CA LEU D 33 -2.39 2.10 -27.97
C LEU D 33 -2.26 1.28 -29.26
N LYS D 34 -3.02 0.19 -29.35
CA LYS D 34 -2.96 -0.71 -30.51
C LYS D 34 -4.07 -0.52 -31.53
N PHE D 35 -3.67 -0.45 -32.79
CA PHE D 35 -4.63 -0.25 -33.85
C PHE D 35 -4.56 -1.35 -34.91
N GLU D 36 -5.70 -1.56 -35.56
CA GLU D 36 -5.87 -2.56 -36.61
C GLU D 36 -6.55 -1.84 -37.77
N SER D 37 -5.80 -1.64 -38.87
CA SER D 37 -6.34 -0.92 -40.02
C SER D 37 -6.77 0.49 -39.59
N ASP D 38 -5.94 1.13 -38.77
CA ASP D 38 -6.18 2.49 -38.30
C ASP D 38 -7.22 2.57 -37.19
N PHE D 39 -8.13 1.61 -37.17
CA PHE D 39 -9.18 1.53 -36.15
C PHE D 39 -8.51 1.01 -34.87
N PRO D 40 -8.94 1.52 -33.70
CA PRO D 40 -8.34 1.03 -32.46
C PRO D 40 -8.83 -0.40 -32.28
N THR D 41 -8.01 -1.27 -31.69
CA THR D 41 -8.44 -2.64 -31.48
C THR D 41 -9.53 -2.66 -30.41
N GLN D 42 -10.33 -3.71 -30.39
CA GLN D 42 -11.39 -3.87 -29.40
C GLN D 42 -10.80 -3.75 -27.99
N GLU D 43 -9.62 -4.32 -27.80
CA GLU D 43 -8.90 -4.28 -26.53
C GLU D 43 -8.55 -2.83 -26.15
N THR D 44 -7.93 -2.12 -27.08
CA THR D 44 -7.54 -0.73 -26.89
C THR D 44 -8.75 0.16 -26.62
N LYS D 46 -11.54 -0.86 -25.21
CA LYS D 46 -11.97 -1.21 -23.87
C LYS D 46 -11.12 -0.44 -22.87
N ASN D 47 -9.81 -0.45 -23.09
CA ASN D 47 -8.90 0.25 -22.20
C ASN D 47 -9.12 1.76 -22.19
N LEU D 49 -11.76 3.47 -22.83
CA LEU D 49 -13.02 3.82 -22.16
C LEU D 49 -12.88 3.66 -20.65
N ASN D 50 -12.09 2.68 -20.21
CA ASN D 50 -11.86 2.45 -18.78
C ASN D 50 -11.01 3.57 -18.22
N GLU D 51 -10.00 3.98 -18.99
CA GLU D 51 -9.10 5.05 -18.61
C GLU D 51 -9.84 6.38 -18.63
N ASP D 53 -13.08 6.86 -18.12
CA ASP D 53 -13.93 6.87 -16.94
C ASP D 53 -13.12 7.07 -15.66
N PHE D 54 -11.91 6.51 -15.61
CA PHE D 54 -11.07 6.68 -14.44
C PHE D 54 -10.64 8.14 -14.32
N GLN D 55 -10.18 8.72 -15.41
CA GLN D 55 -9.76 10.11 -15.38
C GLN D 55 -10.96 10.98 -14.99
N ARG D 56 -12.12 10.71 -15.57
CA ARG D 56 -13.30 11.51 -15.25
C ARG D 56 -13.67 11.39 -13.79
N ALA D 57 -13.68 10.17 -13.27
CA ALA D 57 -14.02 9.95 -11.88
C ALA D 57 -13.02 10.67 -10.95
N THR D 58 -11.73 10.53 -11.26
CA THR D 58 -10.68 11.14 -10.45
C THR D 58 -10.84 12.66 -10.42
N GLN D 59 -11.12 13.26 -11.59
CA GLN D 59 -11.31 14.70 -11.66
C GLN D 59 -12.58 15.12 -10.94
N ALA D 60 -13.60 14.27 -11.00
CA ALA D 60 -14.88 14.54 -10.34
C ALA D 60 -14.70 14.48 -8.83
N TYR D 61 -13.73 13.68 -8.39
CA TYR D 61 -13.46 13.55 -6.97
C TYR D 61 -13.07 14.93 -6.39
N LEU D 62 -12.19 15.64 -7.09
CA LEU D 62 -11.74 16.96 -6.67
C LEU D 62 -12.91 17.95 -6.75
N TRP D 63 -13.72 17.79 -7.79
CA TRP D 63 -14.88 18.63 -8.01
C TRP D 63 -15.85 18.56 -6.84
N GLY D 64 -16.04 17.36 -6.33
CA GLY D 64 -16.99 17.18 -5.25
C GLY D 64 -16.53 17.41 -3.83
N ILE D 65 -15.27 17.80 -3.64
CA ILE D 65 -14.74 18.01 -2.29
C ILE D 65 -15.60 18.88 -1.37
N PRO D 66 -15.91 20.13 -1.78
CA PRO D 66 -16.72 20.94 -0.87
C PRO D 66 -18.12 20.40 -0.57
N ALA D 67 -18.83 19.93 -1.61
CA ALA D 67 -20.17 19.41 -1.40
C ALA D 67 -20.19 18.12 -0.56
N SER D 68 -19.12 17.34 -0.63
CA SER D 68 -19.01 16.10 0.14
C SER D 68 -18.97 16.41 1.65
N SER D 69 -18.20 17.43 2.01
CA SER D 69 -18.06 17.87 3.39
C SER D 69 -19.41 18.33 3.95
N ILE D 70 -20.17 19.12 3.16
CA ILE D 70 -21.48 19.59 3.62
C ILE D 70 -22.48 18.44 3.72
N GLU D 72 -22.03 15.19 4.13
CA GLU D 72 -21.76 14.27 5.24
C GLU D 72 -22.18 14.89 6.57
N TRP D 73 -22.01 16.21 6.71
CA TRP D 73 -22.41 16.87 7.94
C TRP D 73 -23.93 16.74 8.08
N LEU D 74 -24.64 16.96 6.98
CA LEU D 74 -26.10 16.85 7.04
C LEU D 74 -26.49 15.40 7.32
N ASN D 75 -25.75 14.45 6.78
CA ASN D 75 -26.06 13.02 7.02
C ASN D 75 -25.91 12.76 8.52
N VAL D 76 -24.91 13.38 9.13
CA VAL D 76 -24.65 13.21 10.56
C VAL D 76 -25.78 13.88 11.36
N SER D 77 -26.24 15.04 10.91
CA SER D 77 -27.32 15.74 11.60
C SER D 77 -28.61 14.93 11.59
N ARG D 78 -28.96 14.38 10.43
CA ARG D 78 -30.17 13.57 10.25
C ARG D 78 -30.18 12.23 10.95
N ASN D 79 -29.16 11.43 10.65
CA ASN D 79 -29.03 10.07 11.17
C ASN D 79 -28.34 9.85 12.50
N ASP D 80 -27.30 10.64 12.79
CA ASP D 80 -26.58 10.46 14.04
C ASP D 80 -27.12 11.32 15.20
N PHE D 81 -27.08 12.64 15.03
CA PHE D 81 -27.60 13.54 16.06
C PHE D 81 -29.12 13.45 16.01
N LYS D 82 -29.63 13.06 14.84
CA LYS D 82 -31.06 12.94 14.59
C LYS D 82 -31.81 14.25 14.84
N PHE D 83 -31.16 15.38 14.56
CA PHE D 83 -31.85 16.66 14.74
C PHE D 83 -32.95 16.74 13.68
N GLU D 84 -33.94 17.59 13.90
CA GLU D 84 -35.01 17.74 12.93
C GLU D 84 -34.43 18.45 11.70
N GLU D 85 -34.96 18.12 10.52
CA GLU D 85 -34.51 18.74 9.28
C GLU D 85 -34.78 20.25 9.40
N GLY D 86 -33.71 21.03 9.47
CA GLY D 86 -33.85 22.46 9.61
C GLY D 86 -33.49 23.00 10.98
N GLN D 87 -33.07 22.11 11.88
CA GLN D 87 -32.69 22.50 13.24
C GLN D 87 -31.18 22.76 13.36
N GLY D 89 -27.52 23.35 15.69
CA GLY D 89 -26.87 22.66 16.79
C GLY D 89 -25.81 23.50 17.49
N PHE D 90 -25.65 23.27 18.79
CA PHE D 90 -24.67 24.00 19.59
C PHE D 90 -23.40 23.13 19.72
N PHE D 91 -22.27 23.66 19.25
CA PHE D 91 -21.01 22.94 19.32
C PHE D 91 -20.05 23.76 20.17
N ASN D 92 -19.73 23.28 21.37
CA ASN D 92 -18.82 24.03 22.23
C ASN D 92 -17.72 23.25 22.94
N THR D 93 -18.00 22.04 23.40
CA THR D 93 -16.96 21.27 24.08
C THR D 93 -16.04 20.65 23.03
N LEU D 94 -14.85 20.25 23.45
CA LEU D 94 -13.88 19.63 22.56
C LEU D 94 -14.50 18.44 21.83
N LYS D 95 -15.29 17.67 22.58
CA LYS D 95 -15.96 16.49 22.04
C LYS D 95 -16.97 16.85 20.94
N GLN D 96 -17.75 17.89 21.17
CA GLN D 96 -18.75 18.31 20.19
C GLN D 96 -18.07 18.78 18.92
N LYS D 97 -16.99 19.55 19.07
CA LYS D 97 -16.24 20.12 17.96
C LYS D 97 -15.20 19.20 17.33
N GLN D 98 -14.85 18.10 18.00
CA GLN D 98 -13.83 17.19 17.48
C GLN D 98 -14.05 16.77 16.03
N GLY D 99 -15.30 16.57 15.65
CA GLY D 99 -15.60 16.15 14.30
C GLY D 99 -15.63 17.22 13.24
N ILE D 100 -15.48 18.49 13.64
CA ILE D 100 -15.51 19.58 12.67
C ILE D 100 -14.14 19.82 12.07
N ILE D 101 -14.08 19.74 10.76
CA ILE D 101 -12.84 19.93 10.01
C ILE D 101 -12.21 21.26 10.46
N THR D 102 -10.91 21.23 10.78
CA THR D 102 -10.15 22.38 11.31
C THR D 102 -10.92 23.39 12.16
N ALA D 103 -11.67 22.88 13.14
CA ALA D 103 -12.45 23.75 14.02
C ALA D 103 -11.53 24.51 14.99
N ASN D 104 -12.09 25.47 15.71
CA ASN D 104 -11.29 26.21 16.69
C ASN D 104 -11.89 25.84 18.05
N PHE D 105 -11.07 25.90 19.10
CA PHE D 105 -11.50 25.55 20.45
C PHE D 105 -11.57 26.84 21.27
N THR D 106 -12.08 27.89 20.65
CA THR D 106 -12.18 29.18 21.31
C THR D 106 -13.57 29.81 21.28
N THR D 107 -14.20 29.83 20.11
CA THR D 107 -15.53 30.44 19.97
C THR D 107 -16.65 29.43 19.86
N PRO D 108 -17.70 29.58 20.69
CA PRO D 108 -18.83 28.64 20.62
C PRO D 108 -19.40 28.69 19.21
N TYR D 109 -19.92 27.56 18.73
CA TYR D 109 -20.53 27.50 17.40
C TYR D 109 -22.02 27.17 17.45
N VAL D 110 -22.78 27.76 16.53
CA VAL D 110 -24.17 27.44 16.35
C VAL D 110 -24.21 27.15 14.86
N ILE D 111 -24.27 25.86 14.53
CA ILE D 111 -24.24 25.42 13.15
C ILE D 111 -25.41 24.54 12.76
N GLY D 112 -25.76 24.58 11.48
CA GLY D 112 -26.86 23.76 10.99
C GLY D 112 -26.81 23.62 9.49
N THR D 113 -27.41 22.54 9.01
CA THR D 113 -27.45 22.26 7.58
C THR D 113 -28.74 21.48 7.32
N TRP D 114 -29.36 21.71 6.17
CA TRP D 114 -30.60 21.02 5.85
C TRP D 114 -30.90 21.08 4.37
N ASN D 115 -31.89 20.32 3.94
CA ASN D 115 -32.32 20.31 2.54
C ASN D 115 -33.57 21.19 2.41
N LEU D 116 -33.47 22.30 1.68
CA LEU D 116 -34.58 23.23 1.51
C LEU D 116 -35.79 22.60 0.82
N GLU D 117 -35.55 21.51 0.11
CA GLU D 117 -36.64 20.84 -0.59
C GLU D 117 -37.59 20.16 0.40
N LYS D 118 -37.03 19.68 1.50
CA LYS D 118 -37.85 18.99 2.51
C LYS D 118 -38.33 19.88 3.66
N THR D 119 -37.76 21.08 3.79
CA THR D 119 -38.19 21.97 4.86
C THR D 119 -39.08 23.09 4.30
N GLY D 120 -38.98 23.32 3.00
CA GLY D 120 -39.73 24.41 2.40
C GLY D 120 -39.06 25.68 2.90
N PRO D 121 -39.57 26.87 2.56
CA PRO D 121 -38.96 28.12 3.02
C PRO D 121 -38.69 28.09 4.54
N LEU D 122 -37.48 28.47 4.95
CA LEU D 122 -37.16 28.44 6.37
C LEU D 122 -36.54 29.72 6.87
N ILE D 123 -37.07 30.22 7.98
CA ILE D 123 -36.60 31.46 8.59
C ILE D 123 -35.46 31.18 9.57
N ILE D 124 -34.62 32.18 9.78
CA ILE D 124 -33.55 32.08 10.76
C ILE D 124 -33.74 33.30 11.62
N ASN D 125 -34.25 33.10 12.83
CA ASN D 125 -34.48 34.21 13.76
C ASN D 125 -33.18 34.45 14.50
N LEU D 126 -32.41 35.42 14.01
CA LEU D 126 -31.12 35.76 14.60
C LEU D 126 -31.26 36.97 15.51
N PRO D 127 -30.85 36.85 16.79
CA PRO D 127 -30.94 37.96 17.73
C PRO D 127 -29.75 38.90 17.61
N GLU D 128 -29.83 40.03 18.29
CA GLU D 128 -28.76 41.01 18.28
C GLU D 128 -27.61 40.41 19.05
N ALA D 129 -26.40 40.53 18.51
CA ALA D 129 -25.22 40.00 19.18
C ALA D 129 -24.00 40.21 18.31
N LYS D 130 -22.82 40.10 18.92
CA LYS D 130 -21.57 40.26 18.19
C LYS D 130 -21.15 38.86 17.75
N ALA D 132 -20.15 36.14 14.23
CA ALA D 132 -19.57 36.06 12.89
C ALA D 132 -20.17 34.82 12.30
N GLY D 133 -20.75 34.94 11.11
CA GLY D 133 -21.37 33.78 10.49
C GLY D 133 -21.68 33.96 9.04
N LEU D 136 -24.53 29.29 3.44
CA LEU D 136 -23.86 28.68 2.29
C LEU D 136 -24.74 27.71 1.53
N ASP D 137 -24.43 27.51 0.24
CA ASP D 137 -25.17 26.52 -0.55
C ASP D 137 -24.35 25.22 -0.48
N VAL D 138 -24.81 24.15 -1.11
CA VAL D 138 -24.11 22.87 -1.02
C VAL D 138 -22.63 22.86 -1.41
N HIS D 139 -22.25 23.67 -2.39
CA HIS D 139 -20.85 23.73 -2.82
C HIS D 139 -20.09 24.79 -2.04
N GLN D 140 -20.72 25.26 -0.97
CA GLN D 140 -20.13 26.26 -0.08
C GLN D 140 -19.86 27.65 -0.68
N ARG D 141 -20.76 28.08 -1.57
CA ARG D 141 -20.67 29.41 -2.12
C ARG D 141 -21.42 30.20 -1.05
N VAL D 142 -21.08 31.47 -0.89
CA VAL D 142 -21.72 32.29 0.12
C VAL D 142 -23.00 32.94 -0.37
N LEU D 143 -24.07 32.82 0.41
CA LEU D 143 -25.34 33.42 0.06
C LEU D 143 -25.45 34.74 0.81
N SER D 144 -24.84 34.79 1.98
CA SER D 144 -24.84 35.99 2.81
C SER D 144 -24.01 35.80 4.06
N ASP D 145 -23.47 36.90 4.57
CA ASP D 145 -22.74 36.86 5.82
C ASP D 145 -23.85 37.07 6.85
N LEU D 146 -23.62 36.65 8.09
CA LEU D 146 -24.62 36.82 9.15
C LEU D 146 -24.05 37.63 10.33
N SER D 147 -24.94 38.37 10.99
CA SER D 147 -24.59 39.21 12.14
C SER D 147 -23.78 40.45 11.76
N LEU D 148 -22.73 40.73 12.54
CA LEU D 148 -21.88 41.92 12.32
C LEU D 148 -21.62 42.32 10.87
N LEU D 149 -20.91 41.48 10.12
CA LEU D 149 -20.61 41.80 8.71
C LEU D 149 -21.71 41.35 7.77
N GLY D 150 -22.85 40.97 8.32
CA GLY D 150 -23.97 40.54 7.49
C GLY D 150 -24.97 41.67 7.38
N PRO D 151 -26.08 41.47 6.66
CA PRO D 151 -27.12 42.50 6.49
C PRO D 151 -27.68 43.07 7.81
N ASP D 152 -27.83 42.22 8.82
CA ASP D 152 -28.36 42.69 10.10
C ASP D 152 -27.33 43.49 10.89
N LYS D 153 -26.07 43.40 10.48
CA LYS D 153 -25.01 44.16 11.14
C LYS D 153 -24.89 43.95 12.65
N GLY D 154 -25.32 42.79 13.13
CA GLY D 154 -25.25 42.54 14.56
C GLY D 154 -26.48 42.96 15.34
N LYS D 155 -27.40 43.66 14.68
CA LYS D 155 -28.61 44.11 15.32
C LYS D 155 -29.61 42.96 15.38
N GLY D 156 -29.42 41.99 14.52
CA GLY D 156 -30.32 40.86 14.48
C GLY D 156 -31.38 41.11 13.44
N GLY D 157 -32.14 40.07 13.11
CA GLY D 157 -33.18 40.20 12.11
C GLY D 157 -33.64 38.81 11.71
N LYS D 158 -34.51 38.74 10.72
CA LYS D 158 -35.04 37.47 10.23
C LYS D 158 -34.61 37.20 8.80
N TYR D 159 -33.95 36.06 8.59
CA TYR D 159 -33.51 35.69 7.24
C TYR D 159 -34.42 34.62 6.69
N LEU D 160 -34.90 34.85 5.46
CA LEU D 160 -35.77 33.87 4.83
C LEU D 160 -34.99 33.12 3.76
N ILE D 161 -34.82 31.81 3.96
CA ILE D 161 -34.09 30.99 3.01
C ILE D 161 -35.09 30.32 2.09
N VAL D 162 -35.07 30.72 0.82
CA VAL D 162 -36.00 30.20 -0.19
C VAL D 162 -35.49 29.04 -1.06
N PRO D 163 -36.32 27.98 -1.21
CA PRO D 163 -35.91 26.85 -2.05
C PRO D 163 -35.80 27.35 -3.49
N PRO D 164 -34.89 26.77 -4.29
CA PRO D 164 -34.67 27.18 -5.69
C PRO D 164 -35.77 26.83 -6.71
N GLY D 165 -36.68 25.92 -6.35
CA GLY D 165 -37.73 25.53 -7.27
C GLY D 165 -38.62 26.68 -7.72
N GLU D 166 -39.16 26.57 -8.94
CA GLU D 166 -40.04 27.59 -9.50
C GLU D 166 -41.20 27.92 -8.57
N LYS D 167 -41.69 26.88 -7.90
CA LYS D 167 -42.80 26.99 -6.95
C LYS D 167 -42.67 28.16 -5.98
N TYR D 168 -41.45 28.65 -5.78
CA TYR D 168 -41.21 29.75 -4.85
C TYR D 168 -40.53 30.95 -5.52
N LYS D 169 -40.55 30.96 -6.86
CA LYS D 169 -39.92 32.02 -7.62
C LYS D 169 -40.43 33.43 -7.35
N ASP D 170 -41.70 33.56 -6.97
CA ASP D 170 -42.27 34.88 -6.69
C ASP D 170 -42.34 35.21 -5.21
N LEU D 171 -41.66 34.41 -4.39
CA LEU D 171 -41.66 34.62 -2.95
C LEU D 171 -40.64 35.69 -2.53
N ASN D 172 -41.14 36.82 -2.03
CA ASN D 172 -40.28 37.92 -1.59
C ASN D 172 -40.98 38.72 -0.48
N PRO D 173 -41.23 38.08 0.66
CA PRO D 173 -41.89 38.68 1.83
C PRO D 173 -41.16 39.86 2.42
N LYS D 174 -41.89 40.93 2.69
CA LYS D 174 -41.30 42.11 3.30
C LYS D 174 -41.00 41.78 4.76
N GLY D 175 -39.94 42.36 5.29
CA GLY D 175 -39.59 42.09 6.67
C GLY D 175 -38.40 41.18 6.85
N TYR D 176 -38.07 40.37 5.84
CA TYR D 176 -36.92 39.46 5.95
C TYR D 176 -35.87 39.69 4.87
N TYR D 177 -34.65 39.25 5.16
CA TYR D 177 -33.53 39.31 4.22
C TYR D 177 -33.70 38.03 3.39
N VAL D 178 -34.33 38.14 2.23
CA VAL D 178 -34.57 36.96 1.38
C VAL D 178 -33.30 36.42 0.71
N ILE D 179 -32.94 35.17 1.05
CA ILE D 179 -31.76 34.50 0.51
C ILE D 179 -32.22 33.43 -0.49
N ARG D 180 -31.59 33.41 -1.67
CA ARG D 180 -31.95 32.46 -2.73
C ARG D 180 -30.83 31.53 -3.23
N PRO D 181 -30.57 30.44 -2.50
CA PRO D 181 -29.51 29.54 -2.98
C PRO D 181 -29.96 28.89 -4.28
N LYS D 182 -29.02 28.44 -5.09
CA LYS D 182 -29.38 27.78 -6.35
C LYS D 182 -29.43 26.27 -6.18
N THR D 183 -29.18 25.82 -4.95
CA THR D 183 -29.18 24.39 -4.62
C THR D 183 -30.11 24.18 -3.43
N ASN D 184 -30.41 22.94 -3.08
CA ASN D 184 -31.31 22.66 -1.95
C ASN D 184 -30.60 22.56 -0.59
N VAL D 185 -29.48 21.87 -0.57
CA VAL D 185 -28.73 21.67 0.65
C VAL D 185 -27.92 22.90 1.05
N VAL D 186 -28.33 23.54 2.14
CA VAL D 186 -27.67 24.74 2.63
C VAL D 186 -27.06 24.54 4.00
N TYR D 187 -26.25 25.51 4.41
CA TYR D 187 -25.54 25.48 5.68
C TYR D 187 -25.51 26.86 6.31
N GLY D 188 -25.70 26.91 7.62
CA GLY D 188 -25.65 28.17 8.34
C GLY D 188 -24.70 28.07 9.51
N GLY D 189 -23.85 29.07 9.69
CA GLY D 189 -22.90 29.01 10.79
C GLY D 189 -22.78 30.30 11.57
N ILE D 190 -22.82 30.18 12.90
CA ILE D 190 -22.71 31.32 13.79
C ILE D 190 -21.58 31.10 14.82
N ARG D 191 -20.86 32.15 15.16
CA ARG D 191 -19.77 32.05 16.15
C ARG D 191 -19.87 33.16 17.22
N ILE D 192 -19.99 32.77 18.48
CA ILE D 192 -20.04 33.76 19.58
C ILE D 192 -18.65 34.37 19.69
N LEU D 193 -18.55 35.67 19.39
CA LEU D 193 -17.27 36.36 19.41
C LEU D 193 -16.82 36.93 20.75
N GLU D 194 -17.77 37.25 21.62
CA GLU D 194 -17.42 37.82 22.92
C GLU D 194 -16.63 36.88 23.83
N PRO D 195 -15.64 37.44 24.56
CA PRO D 195 -14.78 36.73 25.51
C PRO D 195 -15.61 36.10 26.61
N ASP D 196 -16.74 36.74 26.92
CA ASP D 196 -17.61 36.23 27.96
C ASP D 196 -18.54 35.16 27.44
N VAL D 197 -17.95 34.09 26.91
CA VAL D 197 -18.67 32.96 26.34
C VAL D 197 -19.87 32.51 27.17
N ASP D 198 -19.62 32.10 28.41
CA ASP D 198 -20.69 31.63 29.29
C ASP D 198 -21.84 32.64 29.38
N ARG D 199 -21.50 33.89 29.68
CA ARG D 199 -22.51 34.92 29.81
C ARG D 199 -23.35 35.09 28.55
N VAL D 200 -22.70 35.44 27.46
CA VAL D 200 -23.38 35.67 26.19
C VAL D 200 -24.11 34.43 25.65
N VAL D 201 -23.52 33.25 25.86
CA VAL D 201 -24.14 32.01 25.37
C VAL D 201 -25.53 31.78 25.94
N LYS D 202 -25.67 31.98 27.25
CA LYS D 202 -26.96 31.80 27.93
C LYS D 202 -27.93 32.88 27.45
N GLN D 203 -27.41 34.07 27.19
CA GLN D 203 -28.23 35.19 26.73
C GLN D 203 -28.67 35.10 25.27
N VAL D 204 -27.74 34.70 24.40
CA VAL D 204 -28.01 34.61 22.98
C VAL D 204 -28.56 33.28 22.41
N VAL D 205 -27.82 32.19 22.59
CA VAL D 205 -28.20 30.89 22.05
C VAL D 205 -29.67 30.49 22.20
N PRO D 206 -30.25 30.63 23.40
CA PRO D 206 -31.66 30.27 23.59
C PRO D 206 -32.59 31.09 22.68
N ASN D 207 -32.12 32.25 22.24
CA ASN D 207 -32.96 33.09 21.38
C ASN D 207 -32.79 32.84 19.89
N ILE D 208 -31.84 31.98 19.54
CA ILE D 208 -31.62 31.65 18.14
C ILE D 208 -32.56 30.52 17.78
N THR D 209 -33.31 30.68 16.70
CA THR D 209 -34.25 29.65 16.28
C THR D 209 -34.46 29.64 14.78
N THR D 210 -34.89 28.50 14.27
CA THR D 210 -35.20 28.38 12.86
C THR D 210 -36.70 28.17 12.87
N GLN D 211 -37.38 28.52 11.79
CA GLN D 211 -38.81 28.40 11.77
C GLN D 211 -39.38 28.31 10.35
N PRO D 212 -40.22 27.29 10.10
CA PRO D 212 -40.84 27.07 8.80
C PRO D 212 -41.72 28.24 8.39
N TYR D 213 -41.74 28.53 7.11
CA TYR D 213 -42.55 29.61 6.56
C TYR D 213 -43.65 28.96 5.74
N ALA D 214 -44.75 28.63 6.43
CA ALA D 214 -45.89 27.96 5.80
C ALA D 214 -46.60 28.82 4.77
N ASP D 215 -45.88 29.22 3.73
CA ASP D 215 -46.45 30.04 2.66
C ASP D 215 -47.39 31.09 3.25
N GLY D 216 -46.81 32.03 4.00
CA GLY D 216 -47.60 33.08 4.61
C GLY D 216 -47.67 32.90 6.12
N LYS D 217 -48.08 31.72 6.54
CA LYS D 217 -48.20 31.40 7.96
C LYS D 217 -46.85 31.02 8.56
N LEU D 218 -46.70 31.21 9.86
CA LEU D 218 -45.46 30.88 10.54
C LEU D 218 -45.63 29.55 11.27
N GLY D 219 -44.65 28.67 11.12
CA GLY D 219 -44.69 27.38 11.79
C GLY D 219 -44.12 27.49 13.18
N ARG D 220 -43.88 26.34 13.81
CA ARG D 220 -43.31 26.31 15.16
C ARG D 220 -41.84 26.67 15.16
N LYS D 221 -41.38 27.39 16.18
CA LYS D 221 -39.96 27.76 16.28
C LYS D 221 -39.16 26.53 16.68
N ILE D 222 -38.04 26.29 15.99
CA ILE D 222 -37.20 25.14 16.30
C ILE D 222 -35.99 25.64 17.07
N PRO D 223 -35.81 25.17 18.31
CA PRO D 223 -34.67 25.62 19.10
C PRO D 223 -33.36 25.00 18.65
N VAL D 224 -32.26 25.54 19.15
CA VAL D 224 -30.94 25.02 18.84
C VAL D 224 -30.75 23.83 19.77
N ALA D 225 -30.52 22.65 19.20
CA ALA D 225 -30.32 21.45 20.01
C ALA D 225 -28.83 21.27 20.28
N GLN D 226 -28.49 20.84 21.49
CA GLN D 226 -27.10 20.63 21.85
C GLN D 226 -26.57 19.37 21.16
N VAL D 227 -25.32 19.42 20.73
CA VAL D 227 -24.73 18.27 20.06
C VAL D 227 -24.53 17.12 21.06
N PRO D 228 -25.11 15.93 20.77
CA PRO D 228 -25.03 14.73 21.61
C PRO D 228 -23.58 14.29 21.85
N GLU D 229 -23.38 13.60 22.97
CA GLU D 229 -22.04 13.12 23.33
C GLU D 229 -21.70 11.85 22.55
N ILE D 230 -21.26 12.01 21.30
CA ILE D 230 -20.91 10.85 20.46
C ILE D 230 -19.70 11.10 19.56
N ASP D 231 -19.21 10.04 18.93
CA ASP D 231 -18.07 10.18 18.01
C ASP D 231 -18.64 10.41 16.62
N TRP D 232 -18.18 11.47 15.97
CA TRP D 232 -18.66 11.79 14.64
C TRP D 232 -17.66 12.67 13.90
N THR D 233 -17.93 12.92 12.63
CA THR D 233 -17.11 13.78 11.79
C THR D 233 -17.80 13.91 10.43
N HIS D 234 -17.66 15.08 9.80
CA HIS D 234 -18.31 15.31 8.51
C HIS D 234 -17.29 15.31 7.36
N ILE D 235 -16.04 15.00 7.65
CA ILE D 235 -15.05 15.00 6.59
C ILE D 235 -15.48 14.02 5.50
N PRO D 236 -15.07 14.27 4.25
CA PRO D 236 -15.44 13.38 3.16
C PRO D 236 -14.93 11.98 3.41
N LYS D 237 -15.71 10.99 2.98
CA LYS D 237 -15.36 9.59 3.15
C LYS D 237 -14.42 9.11 2.06
N ASP D 238 -14.04 7.84 2.13
CA ASP D 238 -13.12 7.29 1.16
C ASP D 238 -13.73 6.17 0.34
N GLY D 239 -12.89 5.51 -0.45
CA GLY D 239 -13.36 4.40 -1.27
C GLY D 239 -14.67 4.67 -1.97
N LEU D 240 -15.61 3.73 -1.85
CA LEU D 240 -16.91 3.85 -2.49
C LEU D 240 -17.93 4.66 -1.67
N GLU D 241 -17.61 4.95 -0.41
CA GLU D 241 -18.50 5.74 0.43
C GLU D 241 -18.54 7.17 -0.12
N TYR D 242 -17.41 7.63 -0.64
CA TYR D 242 -17.30 8.97 -1.22
C TYR D 242 -18.21 9.13 -2.43
N TRP D 243 -18.38 8.06 -3.20
CA TRP D 243 -19.23 8.08 -4.39
C TRP D 243 -20.71 7.92 -4.08
N LYS D 244 -21.02 7.20 -3.00
CA LYS D 244 -22.41 7.04 -2.59
C LYS D 244 -22.93 8.43 -2.17
N THR D 245 -22.04 9.20 -1.56
CA THR D 245 -22.35 10.54 -1.10
C THR D 245 -22.42 11.52 -2.28
N ILE D 246 -21.55 11.35 -3.27
CA ILE D 246 -21.57 12.23 -4.44
C ILE D 246 -22.92 12.02 -5.12
N HIS D 247 -23.31 10.74 -5.22
CA HIS D 247 -24.57 10.34 -5.82
C HIS D 247 -25.71 11.01 -5.06
N GLN D 248 -25.62 10.97 -3.74
CA GLN D 248 -26.63 11.58 -2.88
C GLN D 248 -26.71 13.09 -3.14
N ILE D 249 -25.55 13.73 -3.26
CA ILE D 249 -25.57 15.17 -3.52
C ILE D 249 -26.35 15.41 -4.81
N ILE D 250 -26.10 14.60 -5.82
CA ILE D 250 -26.78 14.72 -7.12
C ILE D 250 -28.31 14.59 -6.98
N GLN D 251 -28.75 13.57 -6.22
CA GLN D 251 -30.15 13.31 -5.99
C GLN D 251 -30.86 14.43 -5.26
N GLU D 252 -30.22 14.93 -4.21
CA GLU D 252 -30.81 15.98 -3.38
C GLU D 252 -30.83 17.41 -3.91
N ASN D 253 -30.11 17.68 -4.99
CA ASN D 253 -30.08 19.02 -5.54
C ASN D 253 -30.41 19.08 -7.03
N PRO D 254 -30.84 20.26 -7.51
CA PRO D 254 -31.16 20.41 -8.93
C PRO D 254 -29.83 20.49 -9.68
N VAL D 255 -29.83 20.19 -10.98
CA VAL D 255 -28.60 20.25 -11.75
C VAL D 255 -28.32 21.68 -12.24
N GLU D 256 -27.15 22.21 -11.89
CA GLU D 256 -26.76 23.56 -12.30
C GLU D 256 -25.92 23.54 -13.57
N GLU D 257 -26.10 24.57 -14.39
CA GLU D 257 -25.43 24.72 -15.68
C GLU D 257 -23.93 24.44 -15.66
N ARG D 258 -23.21 25.00 -14.69
CA ARG D 258 -21.78 24.80 -14.61
C ARG D 258 -21.35 23.37 -14.32
N ASP D 259 -22.29 22.53 -13.86
CA ASP D 259 -21.97 21.15 -13.54
C ASP D 259 -22.44 20.12 -14.55
N ARG D 260 -23.17 20.58 -15.58
CA ARG D 260 -23.71 19.69 -16.61
C ARG D 260 -22.71 18.73 -17.25
N PHE D 261 -21.47 19.18 -17.45
CA PHE D 261 -20.47 18.31 -18.06
C PHE D 261 -19.97 17.28 -17.06
N VAL D 262 -19.86 17.66 -15.79
CA VAL D 262 -19.43 16.70 -14.79
C VAL D 262 -20.49 15.59 -14.75
N ALA D 264 -22.36 14.54 -17.21
CA ALA D 264 -22.18 13.72 -18.40
C ALA D 264 -21.04 12.75 -18.14
N GLN D 265 -19.99 13.22 -17.46
CA GLN D 265 -18.82 12.41 -17.18
C GLN D 265 -19.01 11.33 -16.10
N LEU D 266 -20.01 11.47 -15.24
CA LEU D 266 -20.24 10.46 -14.19
C LEU D 266 -21.30 9.46 -14.59
N LYS D 267 -22.07 9.80 -15.61
CA LYS D 267 -23.12 8.93 -16.09
C LYS D 267 -22.68 7.46 -16.24
N PHE D 268 -21.70 7.20 -17.11
CA PHE D 268 -21.24 5.83 -17.33
C PHE D 268 -20.43 5.22 -16.19
N LEU D 269 -20.31 5.96 -15.10
CA LEU D 269 -19.61 5.45 -13.93
C LEU D 269 -20.72 4.84 -13.08
N GLY D 270 -21.96 5.05 -13.53
CA GLY D 270 -23.11 4.51 -12.82
C GLY D 270 -23.74 5.51 -11.88
N ILE D 271 -23.43 6.79 -12.08
CA ILE D 271 -23.97 7.85 -11.25
C ILE D 271 -24.82 8.82 -12.08
N GLU D 272 -26.13 8.82 -11.87
CA GLU D 272 -27.05 9.70 -12.59
C GLU D 272 -28.18 10.18 -11.68
N LYS D 273 -28.70 11.38 -11.98
CA LYS D 273 -29.81 11.93 -11.21
C LYS D 273 -31.08 11.16 -11.57
N GLY D 274 -31.85 10.77 -10.56
CA GLY D 274 -33.09 10.04 -10.80
C GLY D 274 -32.94 8.54 -10.94
N LYS D 275 -31.76 8.01 -10.64
CA LYS D 275 -31.49 6.57 -10.73
C LYS D 275 -30.66 6.12 -9.52
N PRO D 276 -30.81 4.85 -9.11
CA PRO D 276 -30.07 4.32 -7.95
C PRO D 276 -28.57 4.14 -8.25
N PHE D 277 -27.78 4.15 -7.19
CA PHE D 277 -26.33 3.97 -7.30
C PHE D 277 -25.97 2.50 -7.02
N ASN D 278 -25.90 1.69 -8.06
CA ASN D 278 -25.55 0.27 -7.91
C ASN D 278 -24.48 -0.06 -8.94
N PRO D 279 -23.26 0.44 -8.70
CA PRO D 279 -22.12 0.23 -9.60
C PRO D 279 -21.77 -1.24 -9.87
N THR D 280 -21.37 -1.51 -11.11
CA THR D 280 -20.97 -2.86 -11.50
C THR D 280 -19.56 -3.10 -10.97
N GLU D 281 -19.10 -4.34 -11.00
CA GLU D 281 -17.77 -4.66 -10.52
C GLU D 281 -16.75 -3.73 -11.20
N GLU D 282 -16.93 -3.49 -12.50
CA GLU D 282 -16.01 -2.63 -13.25
C GLU D 282 -15.99 -1.22 -12.66
N GLN D 283 -17.18 -0.63 -12.50
CA GLN D 283 -17.27 0.72 -11.98
C GLN D 283 -16.64 0.87 -10.58
N LYS D 284 -16.87 -0.10 -9.70
CA LYS D 284 -16.29 -0.04 -8.37
C LYS D 284 -14.76 0.01 -8.46
N LYS D 285 -14.20 -0.84 -9.31
CA LYS D 285 -12.76 -0.93 -9.50
C LYS D 285 -12.18 0.43 -9.90
N ILE D 286 -12.82 1.09 -10.86
CA ILE D 286 -12.39 2.39 -11.33
C ILE D 286 -12.57 3.43 -10.21
N LEU D 287 -13.76 3.45 -9.61
CA LEU D 287 -14.06 4.41 -8.54
C LEU D 287 -13.11 4.28 -7.35
N LEU D 288 -12.81 3.05 -6.95
CA LEU D 288 -11.89 2.86 -5.83
C LEU D 288 -10.55 3.51 -6.13
N GLU D 289 -10.10 3.38 -7.38
CA GLU D 289 -8.82 3.97 -7.78
C GLU D 289 -8.97 5.48 -7.89
N ALA D 290 -10.17 5.94 -8.26
CA ALA D 290 -10.43 7.36 -8.40
C ALA D 290 -10.28 8.04 -7.03
N SER D 291 -10.87 7.42 -6.01
CA SER D 291 -10.81 7.94 -4.65
C SER D 291 -9.38 7.98 -4.12
N LYS D 292 -8.63 6.93 -4.41
CA LYS D 292 -7.23 6.85 -3.94
C LYS D 292 -6.40 7.95 -4.60
N VAL D 293 -6.37 7.96 -5.91
CA VAL D 293 -5.59 8.95 -6.64
C VAL D 293 -6.14 10.36 -6.43
N GLY D 294 -7.48 10.49 -6.38
CA GLY D 294 -8.09 11.78 -6.17
C GLY D 294 -7.67 12.43 -4.86
N ARG D 295 -7.69 11.66 -3.78
CA ARG D 295 -7.30 12.19 -2.48
C ARG D 295 -5.84 12.67 -2.52
N ALA D 296 -4.96 11.88 -3.12
CA ALA D 296 -3.55 12.23 -3.25
C ALA D 296 -3.36 13.54 -4.02
N ALA D 298 -5.72 15.81 -4.18
CA ALA D 298 -6.35 16.80 -3.30
C ALA D 298 -5.29 17.28 -2.31
N GLN D 299 -4.54 16.35 -1.75
CA GLN D 299 -3.48 16.70 -0.82
C GLN D 299 -2.45 17.57 -1.53
N SER D 300 -2.06 17.13 -2.71
CA SER D 300 -1.06 17.83 -3.50
C SER D 300 -1.48 19.24 -3.90
N ASN D 301 -2.74 19.39 -4.31
CA ASN D 301 -3.24 20.69 -4.73
C ASN D 301 -3.31 21.63 -3.53
N ASP D 302 -3.67 21.07 -2.38
CA ASP D 302 -3.81 21.85 -1.17
C ASP D 302 -2.48 22.31 -0.58
N TYR D 303 -1.59 21.36 -0.29
CA TYR D 303 -0.32 21.74 0.33
C TYR D 303 0.64 22.50 -0.58
N THR D 304 0.47 22.36 -1.88
CA THR D 304 1.32 23.08 -2.83
C THR D 304 0.78 24.50 -3.06
N LYS D 305 -0.54 24.62 -3.13
CA LYS D 305 -1.21 25.90 -3.38
C LYS D 305 -0.55 26.68 -4.50
N ARG D 306 -0.49 26.05 -5.69
CA ARG D 306 0.14 26.65 -6.87
C ARG D 306 -0.49 27.97 -7.28
N PHE D 307 -1.77 28.15 -6.94
CA PHE D 307 -2.50 29.36 -7.31
C PHE D 307 -2.23 30.55 -6.40
N THR D 308 -1.54 30.31 -5.29
CA THR D 308 -1.22 31.39 -4.37
C THR D 308 0.26 31.35 -4.00
N GLN D 309 0.68 32.30 -3.18
CA GLN D 309 2.05 32.37 -2.76
C GLN D 309 2.11 32.66 -1.27
N PRO D 310 3.30 32.53 -0.67
CA PRO D 310 3.49 32.80 0.75
C PRO D 310 2.95 34.18 1.13
N TYR D 311 2.34 34.29 2.30
CA TYR D 311 1.81 35.55 2.77
C TYR D 311 2.97 36.48 3.13
N TRP D 312 3.98 35.92 3.79
CA TRP D 312 5.18 36.66 4.18
C TRP D 312 6.40 36.04 3.50
N LYS D 313 7.05 36.82 2.65
CA LYS D 313 8.23 36.37 1.92
C LYS D 313 9.21 35.61 2.83
N GLY D 314 9.90 34.64 2.26
CA GLY D 314 10.86 33.87 3.03
C GLY D 314 10.27 32.96 4.07
N THR D 315 8.98 32.70 4.00
CA THR D 315 8.35 31.80 4.96
C THR D 315 7.40 30.86 4.24
N ASN D 316 6.86 29.87 4.96
CA ASN D 316 5.93 28.92 4.38
C ASN D 316 4.49 29.25 4.75
N TRP D 317 4.28 30.39 5.41
CA TRP D 317 2.94 30.82 5.81
C TRP D 317 2.13 31.33 4.62
N LYS D 318 0.86 30.94 4.54
CA LYS D 318 0.02 31.38 3.45
C LYS D 318 -1.39 31.61 3.96
N ASP D 319 -2.08 32.57 3.35
CA ASP D 319 -3.46 32.85 3.71
C ASP D 319 -4.16 31.60 3.20
N ALA D 320 -4.75 30.83 4.10
CA ALA D 320 -5.42 29.59 3.71
C ALA D 320 -6.62 29.74 2.77
N ILE D 321 -7.22 30.93 2.74
CA ILE D 321 -8.40 31.14 1.88
C ILE D 321 -8.12 31.88 0.58
N SER D 322 -8.28 31.18 -0.54
CA SER D 322 -8.06 31.77 -1.86
C SER D 322 -9.33 31.70 -2.69
N VAL D 323 -10.29 30.91 -2.24
CA VAL D 323 -11.53 30.80 -3.00
C VAL D 323 -12.35 32.09 -2.87
N SER D 324 -13.03 32.44 -3.95
CA SER D 324 -13.90 33.61 -3.99
C SER D 324 -15.22 33.23 -3.32
N LEU D 325 -16.01 34.20 -2.91
CA LEU D 325 -17.28 33.92 -2.25
C LEU D 325 -18.25 33.16 -3.16
N ASP D 326 -18.30 33.53 -4.44
CA ASP D 326 -19.18 32.83 -5.36
C ASP D 326 -18.40 31.86 -6.25
N GLN D 327 -17.14 31.64 -5.93
CA GLN D 327 -16.28 30.71 -6.65
C GLN D 327 -16.03 31.11 -8.11
N ARG D 328 -16.36 32.36 -8.44
CA ARG D 328 -16.18 32.87 -9.79
C ARG D 328 -14.95 33.74 -9.97
N SER D 329 -14.05 33.29 -10.82
CA SER D 329 -12.87 34.06 -11.13
C SER D 329 -13.28 34.71 -12.45
N GLU D 330 -12.45 35.60 -12.98
CA GLU D 330 -12.77 36.27 -14.23
C GLU D 330 -13.33 35.34 -15.32
N ASN D 331 -12.52 34.40 -15.78
CA ASN D 331 -12.94 33.50 -16.85
C ASN D 331 -13.07 32.01 -16.52
N TYR D 332 -13.11 31.68 -15.24
CA TYR D 332 -13.23 30.29 -14.84
C TYR D 332 -13.77 30.20 -13.42
N ASP D 333 -14.39 29.07 -13.07
CA ASP D 333 -14.91 28.85 -11.72
C ASP D 333 -13.82 28.15 -10.94
N GLU D 334 -13.53 28.67 -9.76
CA GLU D 334 -12.46 28.18 -8.90
C GLU D 334 -12.50 26.76 -8.38
N LEU D 335 -12.27 25.81 -9.28
CA LEU D 335 -12.28 24.41 -8.94
C LEU D 335 -11.13 24.05 -8.00
N ASP D 336 -9.92 24.53 -8.30
CA ASP D 336 -8.75 24.23 -7.49
C ASP D 336 -8.65 24.97 -6.17
N GLU D 337 -8.97 26.27 -6.16
CA GLU D 337 -8.91 27.03 -4.91
C GLU D 337 -9.94 26.43 -3.95
N ARG D 338 -11.07 26.03 -4.51
CA ARG D 338 -12.19 25.41 -3.79
C ARG D 338 -11.78 24.05 -3.21
N ALA D 339 -11.12 23.24 -4.03
CA ALA D 339 -10.70 21.91 -3.60
C ALA D 339 -9.64 21.97 -2.51
N ALA D 340 -8.81 23.00 -2.55
CA ALA D 340 -7.75 23.14 -1.55
C ALA D 340 -8.32 23.55 -0.19
N TRP D 341 -8.90 24.73 -0.14
CA TRP D 341 -9.46 25.24 1.11
C TRP D 341 -10.49 24.31 1.73
N PHE D 342 -11.43 23.81 0.92
CA PHE D 342 -12.46 22.93 1.48
C PHE D 342 -12.03 21.48 1.74
N TYR D 343 -10.83 21.12 1.31
CA TYR D 343 -10.35 19.77 1.59
C TYR D 343 -9.86 19.77 3.04
N GLU D 344 -9.38 20.93 3.51
CA GLU D 344 -8.86 21.07 4.87
C GLU D 344 -9.67 21.96 5.81
N ALA D 345 -10.72 22.59 5.31
CA ALA D 345 -11.52 23.46 6.17
C ALA D 345 -12.95 23.53 5.68
N ILE D 346 -13.83 24.12 6.48
CA ILE D 346 -15.22 24.25 6.08
C ILE D 346 -15.74 25.68 6.24
N THR D 347 -16.57 26.09 5.29
CA THR D 347 -17.19 27.42 5.21
C THR D 347 -16.25 28.51 4.69
N VAL D 348 -16.86 29.61 4.27
CA VAL D 348 -16.13 30.77 3.80
C VAL D 348 -17.15 31.90 3.89
N SER D 349 -16.66 33.14 3.96
CA SER D 349 -17.55 34.27 4.08
C SER D 349 -16.78 35.55 3.85
N ARG D 350 -17.50 36.65 3.76
CA ARG D 350 -16.85 37.93 3.56
C ARG D 350 -15.96 38.19 4.78
N GLY D 351 -16.46 37.89 5.97
CA GLY D 351 -15.67 38.12 7.17
C GLY D 351 -14.40 37.29 7.28
N LYS D 353 -12.33 36.69 4.91
CA LYS D 353 -11.33 37.22 4.01
C LYS D 353 -11.26 38.72 4.29
N SER D 354 -11.65 39.09 5.51
CA SER D 354 -11.69 40.49 5.93
C SER D 354 -10.49 41.39 5.71
N THR D 355 -10.76 42.62 5.27
CA THR D 355 -9.75 43.63 5.05
C THR D 355 -10.18 44.85 5.87
N ILE D 356 -11.25 44.66 6.64
CA ILE D 356 -11.81 45.71 7.49
C ILE D 356 -11.21 45.62 8.89
N PRO D 357 -10.45 46.64 9.30
CA PRO D 357 -9.82 46.66 10.62
C PRO D 357 -10.74 46.34 11.78
N GLY D 358 -10.31 45.39 12.62
CA GLY D 358 -11.09 45.01 13.78
C GLY D 358 -12.29 44.11 13.55
N PHE D 359 -12.60 43.81 12.30
CA PHE D 359 -13.74 42.94 12.00
C PHE D 359 -13.38 41.68 11.23
N GLY D 360 -14.19 40.63 11.39
CA GLY D 360 -13.94 39.38 10.71
C GLY D 360 -12.74 38.60 11.24
N GLN D 361 -12.20 37.70 10.43
CA GLN D 361 -11.05 36.88 10.81
C GLN D 361 -10.16 36.60 9.60
N ARG D 362 -8.90 36.29 9.87
CA ARG D 362 -7.95 35.94 8.81
C ARG D 362 -7.23 34.65 9.21
N TYR D 363 -7.09 33.75 8.27
CA TYR D 363 -6.49 32.45 8.50
C TYR D 363 -5.19 32.21 7.75
N LEU D 364 -4.10 32.01 8.48
CA LEU D 364 -2.81 31.71 7.86
C LEU D 364 -2.50 30.24 8.18
N VAL D 365 -1.83 29.56 7.26
CA VAL D 365 -1.51 28.15 7.48
C VAL D 365 -0.10 27.75 7.04
N THR D 366 0.49 26.81 7.76
CA THR D 366 1.80 26.29 7.42
C THR D 366 1.74 24.76 7.64
N TYR D 367 2.52 24.02 6.86
CA TYR D 367 2.58 22.56 6.94
C TYR D 367 4.05 22.16 7.06
N GLN D 368 4.93 23.16 7.04
CA GLN D 368 6.37 22.93 7.07
C GLN D 368 7.18 23.82 8.00
N ASP D 369 8.35 23.34 8.41
CA ASP D 369 9.23 24.11 9.27
C ASP D 369 10.13 24.99 8.39
N SER D 370 11.05 25.71 9.02
CA SER D 370 11.96 26.59 8.30
C SER D 370 12.87 25.82 7.36
N ASP D 371 13.04 24.53 7.60
CA ASP D 371 13.89 23.71 6.75
C ASP D 371 13.13 23.19 5.54
N GLY D 372 11.83 23.48 5.50
CA GLY D 372 11.02 23.03 4.37
C GLY D 372 10.49 21.61 4.51
N ASN D 373 10.73 20.99 5.66
CA ASN D 373 10.25 19.64 5.91
C ASN D 373 8.87 19.63 6.54
N TRP D 374 8.05 18.67 6.14
CA TRP D 374 6.71 18.53 6.70
C TRP D 374 6.84 18.46 8.22
N LEU D 375 5.87 19.03 8.92
CA LEU D 375 5.88 18.99 10.37
C LEU D 375 5.38 17.61 10.80
N SER D 376 6.13 16.95 11.69
CA SER D 376 5.77 15.61 12.17
C SER D 376 5.84 15.56 13.71
N GLY D 377 4.81 14.98 14.32
CA GLY D 377 4.70 14.93 15.77
C GLY D 377 5.79 14.38 16.69
N GLU D 378 6.78 13.68 16.15
CA GLU D 378 7.82 13.15 17.02
C GLU D 378 8.87 14.19 17.36
N HIS D 379 9.00 15.22 16.52
CA HIS D 379 9.99 16.27 16.76
C HIS D 379 9.44 17.37 17.66
N THR D 380 10.33 18.27 18.08
CA THR D 380 9.94 19.39 18.93
C THR D 380 10.21 20.69 18.17
N TYR D 381 9.14 21.39 17.82
CA TYR D 381 9.28 22.64 17.08
C TYR D 381 8.93 23.84 17.95
N LYS D 382 9.16 25.03 17.41
CA LYS D 382 8.89 26.27 18.12
C LYS D 382 8.46 27.38 17.17
N LEU D 383 7.49 28.17 17.61
CA LEU D 383 6.99 29.31 16.85
C LEU D 383 7.15 30.56 17.70
N HIS D 384 7.95 31.51 17.22
CA HIS D 384 8.15 32.75 17.95
C HIS D 384 7.06 33.74 17.51
N VAL D 385 6.12 34.01 18.40
CA VAL D 385 5.04 34.96 18.10
C VAL D 385 5.45 36.37 18.53
N PRO D 386 5.74 37.25 17.56
CA PRO D 386 6.14 38.63 17.84
C PRO D 386 5.16 39.38 18.72
N ALA D 387 5.66 40.40 19.42
CA ALA D 387 4.83 41.21 20.30
C ALA D 387 3.76 41.96 19.53
N ASN D 388 2.73 42.42 20.24
CA ASN D 388 1.65 43.18 19.65
C ASN D 388 1.08 42.53 18.39
N VAL D 389 0.50 41.35 18.53
CA VAL D 389 -0.10 40.66 17.38
C VAL D 389 -1.26 41.53 16.90
N PRO D 390 -1.34 41.79 15.59
CA PRO D 390 -2.40 42.61 15.02
C PRO D 390 -3.79 41.97 14.99
N ALA D 391 -4.29 41.64 16.19
CA ALA D 391 -5.61 41.03 16.35
C ALA D 391 -6.30 41.73 17.51
N SER D 392 -7.49 42.27 17.26
CA SER D 392 -8.26 42.98 18.28
C SER D 392 -8.93 42.06 19.30
N ASN D 393 -9.46 40.93 18.83
CA ASN D 393 -10.13 40.00 19.73
C ASN D 393 -9.09 39.02 20.29
N PHE D 394 -8.67 38.06 19.48
CA PHE D 394 -7.66 37.12 19.94
C PHE D 394 -6.91 36.51 18.77
N TRP D 395 -5.75 35.93 19.07
CA TRP D 395 -4.95 35.25 18.06
C TRP D 395 -4.71 33.86 18.62
N SER D 396 -4.50 32.89 17.74
CA SER D 396 -4.27 31.53 18.21
C SER D 396 -3.60 30.67 17.16
N THR D 397 -3.00 29.57 17.62
CA THR D 397 -2.34 28.60 16.75
C THR D 397 -2.94 27.25 17.15
N THR D 398 -3.54 26.57 16.18
CA THR D 398 -4.15 25.28 16.47
C THR D 398 -3.50 24.18 15.64
N VAL D 399 -3.30 23.02 16.27
CA VAL D 399 -2.69 21.88 15.61
C VAL D 399 -3.74 20.89 15.12
N TYR D 400 -3.56 20.42 13.88
CA TYR D 400 -4.46 19.46 13.24
C TYR D 400 -3.63 18.35 12.64
N ASP D 401 -4.17 17.14 12.63
CA ASP D 401 -3.47 16.01 12.04
C ASP D 401 -3.69 16.14 10.53
N GLU D 402 -2.65 15.81 9.77
CA GLU D 402 -2.71 15.91 8.33
C GLU D 402 -3.69 14.93 7.70
N ASN D 403 -3.85 13.76 8.30
CA ASN D 403 -4.75 12.75 7.72
C ASN D 403 -6.22 13.17 7.73
N ASN D 404 -6.76 13.45 8.91
CA ASN D 404 -8.17 13.83 9.02
C ASN D 404 -8.43 15.33 9.09
N ARG D 405 -7.35 16.12 9.09
CA ARG D 405 -7.43 17.57 9.20
C ARG D 405 -8.38 17.97 10.33
N LEU D 406 -8.29 17.26 11.45
CA LEU D 406 -9.12 17.54 12.61
C LEU D 406 -8.22 18.03 13.75
N ILE D 408 -5.91 18.10 16.59
CA ILE D 408 -5.07 17.01 17.03
C ILE D 408 -5.53 16.40 18.34
N ILE D 409 -5.56 15.08 18.38
CA ILE D 409 -5.98 14.35 19.57
C ILE D 409 -4.76 13.98 20.38
N ASN D 410 -4.64 14.58 21.56
CA ASN D 410 -3.52 14.30 22.45
C ASN D 410 -3.99 14.00 23.87
N ASP D 411 -3.12 13.34 24.63
CA ASP D 411 -3.42 12.95 25.99
C ASP D 411 -3.79 14.17 26.81
N ALA D 412 -3.36 15.33 26.35
CA ALA D 412 -3.63 16.59 27.05
C ALA D 412 -5.03 17.16 26.78
N GLY D 413 -5.67 16.77 25.69
CA GLY D 413 -6.99 17.31 25.39
C GLY D 413 -6.91 18.81 25.15
N SER D 414 -5.76 19.25 24.66
CA SER D 414 -5.51 20.65 24.37
C SER D 414 -4.82 20.75 23.00
N PRO D 415 -5.59 21.08 21.95
CA PRO D 415 -5.01 21.18 20.60
C PRO D 415 -4.56 22.58 20.18
N ASP D 416 -4.69 23.55 21.08
CA ASP D 416 -4.29 24.91 20.72
C ASP D 416 -3.60 25.71 21.82
N ILE D 417 -3.40 26.97 21.49
CA ILE D 417 -2.77 27.94 22.34
C ILE D 417 -3.30 29.25 21.79
N SER D 418 -4.09 29.96 22.58
CA SER D 418 -4.65 31.23 22.14
C SER D 418 -4.21 32.31 23.11
N SER D 419 -4.45 33.57 22.74
CA SER D 419 -4.09 34.69 23.59
C SER D 419 -5.05 34.86 24.77
N ARG D 420 -6.13 34.08 24.78
CA ARG D 420 -7.09 34.14 25.88
C ARG D 420 -6.64 33.27 27.04
N LYS D 421 -5.58 32.49 26.83
CA LYS D 421 -5.06 31.63 27.88
C LYS D 421 -3.90 32.32 28.60
N ASN D 422 -3.64 31.90 29.84
CA ASN D 422 -2.55 32.48 30.62
C ASN D 422 -1.24 31.92 30.08
N LEU D 423 -0.58 32.68 29.22
CA LEU D 423 0.66 32.25 28.61
C LEU D 423 1.88 32.93 29.19
N LYS D 424 3.03 32.30 29.05
CA LYS D 424 4.28 32.87 29.53
C LYS D 424 4.68 33.91 28.49
N VAL D 425 4.58 35.18 28.86
CA VAL D 425 4.93 36.28 27.97
C VAL D 425 6.37 36.69 28.19
N ASN D 426 7.16 36.76 27.12
CA ASN D 426 8.55 37.15 27.24
C ASN D 426 8.62 38.63 27.66
N SER D 427 9.78 39.05 28.13
CA SER D 427 9.97 40.44 28.57
C SER D 427 9.69 41.45 27.47
N ASP D 428 9.85 41.03 26.22
CA ASP D 428 9.61 41.93 25.09
C ASP D 428 8.16 41.87 24.63
N GLY D 429 7.37 41.02 25.27
CA GLY D 429 5.96 40.90 24.91
C GLY D 429 5.65 39.83 23.89
N SER D 430 6.67 39.21 23.32
CA SER D 430 6.46 38.16 22.34
C SER D 430 6.13 36.86 23.08
N ILE D 431 5.67 35.86 22.34
CA ILE D 431 5.33 34.58 22.93
C ILE D 431 5.94 33.42 22.16
N ASP D 432 6.62 32.53 22.87
CA ASP D 432 7.22 31.37 22.24
C ASP D 432 6.27 30.19 22.42
N VAL D 433 5.81 29.62 21.31
CA VAL D 433 4.91 28.47 21.37
C VAL D 433 5.68 27.22 20.94
N TYR D 434 5.61 26.18 21.76
CA TYR D 434 6.30 24.92 21.48
C TYR D 434 5.33 23.81 21.09
N TYR D 435 5.77 23.00 20.12
CA TYR D 435 5.02 21.86 19.64
C TYR D 435 5.94 20.66 19.80
N GLY D 436 5.49 19.64 20.51
CA GLY D 436 6.33 18.47 20.71
C GLY D 436 5.59 17.37 21.43
N PRO D 437 6.10 16.13 21.40
CA PRO D 437 5.50 14.97 22.06
C PRO D 437 5.58 14.98 23.58
N LYS D 438 6.49 15.80 24.11
CA LYS D 438 6.69 15.92 25.55
C LYS D 438 6.74 17.38 25.96
N PRO D 439 6.21 17.71 27.14
CA PRO D 439 6.20 19.09 27.61
C PRO D 439 7.58 19.74 27.67
N VAL D 440 7.64 21.02 27.36
CA VAL D 440 8.91 21.76 27.40
C VAL D 440 9.00 22.48 28.75
N LYS D 441 9.96 22.04 29.57
CA LYS D 441 10.18 22.61 30.89
C LYS D 441 10.17 24.14 30.89
N GLY D 442 9.36 24.73 31.79
CA GLY D 442 9.29 26.17 31.87
C GLY D 442 8.32 26.75 30.86
N TYR D 443 7.76 25.89 30.01
CA TYR D 443 6.81 26.32 28.99
C TYR D 443 5.61 25.37 28.92
N GLU D 444 5.20 24.87 30.08
CA GLU D 444 4.07 23.95 30.18
C GLU D 444 2.77 24.52 29.60
N ASN D 445 2.57 25.83 29.72
CA ASN D 445 1.34 26.45 29.22
C ASN D 445 1.50 27.14 27.87
N ASN D 446 2.62 26.86 27.20
CA ASN D 446 2.89 27.44 25.89
C ASN D 446 3.10 26.34 24.84
N TRP D 447 2.74 25.10 25.18
CA TRP D 447 2.94 24.00 24.24
C TRP D 447 1.71 23.18 23.87
N VAL D 448 1.80 22.55 22.70
CA VAL D 448 0.75 21.66 22.22
C VAL D 448 1.42 20.32 22.00
N GLN D 449 0.82 19.28 22.57
CA GLN D 449 1.38 17.94 22.44
C GLN D 449 1.07 17.32 21.08
N THR D 450 2.10 16.88 20.38
CA THR D 450 1.94 16.26 19.08
C THR D 450 2.23 14.75 19.18
N ASN D 451 1.89 13.99 18.15
CA ASN D 451 2.08 12.55 18.15
C ASN D 451 3.22 12.07 17.26
N PRO D 452 4.10 11.22 17.80
CA PRO D 452 5.23 10.72 17.01
C PRO D 452 4.80 10.05 15.70
N GLY D 453 5.54 10.35 14.64
CA GLY D 453 5.27 9.77 13.34
C GLY D 453 4.07 10.30 12.60
N GLU D 454 3.19 11.01 13.30
CA GLU D 454 2.01 11.57 12.67
C GLU D 454 2.23 13.01 12.23
N GLY D 455 1.95 13.28 10.96
CA GLY D 455 2.12 14.61 10.44
C GLY D 455 1.03 15.53 10.95
N TRP D 456 1.35 16.81 11.06
CA TRP D 456 0.38 17.80 11.52
C TRP D 456 0.66 19.13 10.86
N PHE D 457 -0.31 20.04 10.95
CA PHE D 457 -0.19 21.37 10.41
C PHE D 457 -0.94 22.30 11.34
N THR D 458 -0.77 23.60 11.18
CA THR D 458 -1.45 24.55 12.06
C THR D 458 -2.05 25.75 11.36
N TYR D 459 -3.08 26.32 11.98
CA TYR D 459 -3.75 27.51 11.49
C TYR D 459 -3.47 28.59 12.53
N PHE D 460 -2.92 29.72 12.11
CA PHE D 460 -2.69 30.82 13.04
C PHE D 460 -3.86 31.74 12.73
N ARG D 461 -4.74 31.94 13.71
CA ARG D 461 -5.92 32.76 13.49
C ARG D 461 -5.84 34.20 14.01
N PHE D 462 -6.38 35.12 13.23
CA PHE D 462 -6.44 36.54 13.59
C PHE D 462 -7.93 36.88 13.72
N TYR D 463 -8.44 36.95 14.93
CA TYR D 463 -9.84 37.33 15.11
C TYR D 463 -9.86 38.83 15.34
N GLY D 464 -10.46 39.55 14.39
CA GLY D 464 -10.49 40.99 14.49
C GLY D 464 -9.13 41.51 14.05
N PRO D 465 -8.66 41.10 12.86
CA PRO D 465 -7.36 41.56 12.37
C PRO D 465 -7.35 43.07 12.13
N THR D 466 -6.22 43.69 12.43
CA THR D 466 -6.06 45.12 12.25
C THR D 466 -5.09 45.44 11.12
N GLU D 467 -4.95 46.72 10.82
CA GLU D 467 -4.12 47.15 9.69
C GLU D 467 -2.70 46.59 9.53
N LYS D 468 -1.98 46.37 10.61
CA LYS D 468 -0.62 45.85 10.48
C LYS D 468 -0.58 44.42 9.95
N PHE D 470 -2.96 43.29 7.54
CA PHE D 470 -3.29 43.46 6.13
C PHE D 470 -2.13 44.00 5.30
N ASP D 471 -1.46 45.04 5.80
CA ASP D 471 -0.37 45.65 5.06
C ASP D 471 0.97 44.95 5.27
N LYS D 472 0.93 43.89 6.06
CA LYS D 472 2.11 43.08 6.35
C LYS D 472 3.25 43.83 7.05
N SER D 473 2.95 44.97 7.65
CA SER D 473 3.97 45.73 8.37
C SER D 473 4.32 44.99 9.65
N TRP D 474 3.63 43.87 9.86
CA TRP D 474 3.86 43.01 11.02
C TRP D 474 3.96 41.60 10.45
N THR D 475 5.11 40.96 10.61
CA THR D 475 5.28 39.61 10.10
C THR D 475 5.78 38.65 11.17
N GLY D 477 7.89 34.63 11.61
CA GLY D 477 8.75 33.70 10.90
C GLY D 477 8.21 32.29 10.85
N ASP D 478 8.95 31.39 10.20
CA ASP D 478 8.55 29.99 10.08
C ASP D 478 8.72 29.22 11.38
N ILE D 479 7.99 28.12 11.51
CA ILE D 479 8.12 27.30 12.69
C ILE D 479 9.51 26.66 12.65
N GLU D 480 10.21 26.74 13.79
CA GLU D 480 11.56 26.22 13.92
C GLU D 480 11.61 24.83 14.55
N LEU D 481 12.45 23.96 13.98
CA LEU D 481 12.63 22.61 14.50
C LEU D 481 13.67 22.69 15.64
N VAL D 482 13.29 22.18 16.82
CA VAL D 482 14.18 22.20 17.98
C VAL D 482 14.49 20.76 18.42
#